data_8UZK
#
_entry.id   8UZK
#
_cell.length_a   81.651
_cell.length_b   99.365
_cell.length_c   124.513
_cell.angle_alpha   90.00
_cell.angle_beta   96.61
_cell.angle_gamma   90.00
#
_symmetry.space_group_name_H-M   'P 1 21 1'
#
loop_
_entity.id
_entity.type
_entity.pdbx_description
1 polymer 'Betaine aldehyde dehydrogenase'
2 non-polymer 'NADP NICOTINAMIDE-ADENINE-DINUCLEOTIDE PHOSPHATE'
3 non-polymer 'SODIUM ION'
4 water water
#
_entity_poly.entity_id   1
_entity_poly.type   'polypeptide(L)'
_entity_poly.pdbx_seq_one_letter_code
;MAHHHHHHHMSRMAEQQLYIHGKFVAATSGKTFETINPATGEVLATVQAAGREDVDRAVKSAQQGQKVWAAMSAMARSRI
LRKAVDILRERNDELARLETLDTGKPLSETAAVDIVTGADVLEYYAGLIPALEGSQIPLRDSSFVYTRREPLGVVAGIGA
WNYPIQIALWKSAPALAAGNAMIFKPSEVTPLTALKLAEIYREAGLPDGVFNVLPGIGAETGQYLTEHPDIAKISFTGGV
ASGKKVMANSAASSLKEVTMELGGKSPLIIAEDANLDLAADIAMMANFYSSGQVCTNGTRVFVPAKFKAEFEHKILERVG
RIRAGDLFADDTNFGPLVSFPHRQNVLRYIESGKSEGARLLCGGDVLKGEGFDNGAWVAPTVFTDCTDDMTIVREEIFGP
VMSILSYDDEAEVIRRANATEYGLAAGVVTPDLNRAHRIIHQLEAGICWINSWGESPAEMPVGGYKHSGIGRENGVMTLQ
SYTQVKSIQVEMGPFQSIF
;
_entity_poly.pdbx_strand_id   A,B,C,D
#
# COMPACT_ATOMS: atom_id res chain seq x y z
N ARG A 12 -47.27 -20.62 0.34
CA ARG A 12 -47.23 -19.53 -0.62
C ARG A 12 -47.12 -18.21 0.12
N MET A 13 -46.16 -17.39 -0.28
CA MET A 13 -45.94 -16.09 0.33
C MET A 13 -46.86 -15.04 -0.31
N ALA A 14 -47.05 -13.95 0.43
CA ALA A 14 -47.69 -12.75 -0.11
C ALA A 14 -46.95 -12.26 -1.35
N GLU A 15 -47.65 -11.48 -2.17
CA GLU A 15 -47.03 -10.90 -3.36
C GLU A 15 -45.85 -10.03 -2.95
N GLN A 16 -44.74 -10.20 -3.67
CA GLN A 16 -43.51 -9.48 -3.36
C GLN A 16 -43.44 -8.19 -4.18
N GLN A 17 -43.13 -7.10 -3.50
CA GLN A 17 -43.10 -5.77 -4.09
C GLN A 17 -41.65 -5.33 -4.30
N LEU A 18 -41.49 -4.17 -4.94
CA LEU A 18 -40.17 -3.58 -5.03
C LEU A 18 -39.77 -2.99 -3.68
N TYR A 19 -38.48 -2.78 -3.47
CA TYR A 19 -37.99 -2.15 -2.25
C TYR A 19 -37.27 -0.86 -2.62
N ILE A 20 -37.90 0.28 -2.36
CA ILE A 20 -37.35 1.57 -2.75
C ILE A 20 -37.48 2.55 -1.59
N HIS A 21 -36.35 3.13 -1.18
CA HIS A 21 -36.32 4.18 -0.13
C HIS A 21 -36.87 3.66 1.19
N GLY A 22 -36.35 2.52 1.63
CA GLY A 22 -36.60 2.05 2.97
C GLY A 22 -37.97 1.46 3.19
N LYS A 23 -38.66 1.08 2.13
CA LYS A 23 -39.97 0.46 2.28
C LYS A 23 -40.30 -0.32 1.01
N PHE A 24 -41.24 -1.25 1.15
CA PHE A 24 -41.79 -1.92 -0.01
C PHE A 24 -42.79 -1.00 -0.71
N VAL A 25 -42.77 -0.99 -2.03
CA VAL A 25 -43.65 -0.14 -2.83
C VAL A 25 -44.08 -0.92 -4.05
N ALA A 26 -45.32 -0.69 -4.50
CA ALA A 26 -45.83 -1.39 -5.67
C ALA A 26 -45.13 -0.91 -6.94
N ALA A 27 -44.88 -1.83 -7.86
CA ALA A 27 -44.39 -1.44 -9.17
C ALA A 27 -45.47 -0.72 -9.96
N THR A 28 -45.05 0.20 -10.82
CA THR A 28 -45.96 0.89 -11.74
C THR A 28 -45.98 0.23 -13.11
N SER A 29 -45.22 -0.85 -13.29
CA SER A 29 -45.11 -1.51 -14.59
C SER A 29 -46.34 -2.32 -14.95
N GLY A 30 -47.17 -2.69 -13.97
CA GLY A 30 -48.26 -3.60 -14.26
C GLY A 30 -47.85 -5.02 -14.56
N LYS A 31 -46.60 -5.40 -14.31
CA LYS A 31 -46.09 -6.70 -14.70
C LYS A 31 -45.65 -7.46 -13.46
N THR A 32 -45.83 -8.78 -13.51
CA THR A 32 -45.37 -9.66 -12.46
C THR A 32 -44.78 -10.90 -13.10
N PHE A 33 -44.06 -11.66 -12.27
CA PHE A 33 -43.56 -12.97 -12.62
C PHE A 33 -43.68 -13.83 -11.37
N GLU A 34 -43.51 -15.13 -11.55
CA GLU A 34 -43.57 -16.07 -10.43
C GLU A 34 -42.21 -16.73 -10.19
N THR A 35 -41.86 -16.96 -8.93
CA THR A 35 -40.74 -17.81 -8.59
C THR A 35 -41.27 -19.11 -7.99
N ILE A 36 -40.68 -20.22 -8.42
CA ILE A 36 -41.09 -21.55 -7.99
C ILE A 36 -40.02 -22.19 -7.09
N ASN A 37 -40.44 -23.18 -6.37
CA ASN A 37 -39.55 -24.11 -5.69
C ASN A 37 -39.12 -25.19 -6.69
N PRO A 38 -37.85 -25.23 -7.09
CA PRO A 38 -37.45 -26.14 -8.17
C PRO A 38 -37.43 -27.59 -7.76
N ALA A 39 -37.57 -27.90 -6.48
CA ALA A 39 -37.68 -29.29 -6.04
C ALA A 39 -39.09 -29.85 -6.20
N THR A 40 -40.11 -28.99 -6.23
CA THR A 40 -41.51 -29.44 -6.24
C THR A 40 -42.36 -28.85 -7.35
N GLY A 41 -41.95 -27.77 -8.00
CA GLY A 41 -42.77 -27.07 -8.97
C GLY A 41 -43.79 -26.13 -8.37
N GLU A 42 -43.87 -26.02 -7.05
CA GLU A 42 -44.89 -25.16 -6.45
C GLU A 42 -44.47 -23.70 -6.53
N VAL A 43 -45.46 -22.83 -6.70
CA VAL A 43 -45.21 -21.40 -6.76
C VAL A 43 -44.90 -20.89 -5.36
N LEU A 44 -43.74 -20.28 -5.19
CA LEU A 44 -43.38 -19.69 -3.92
C LEU A 44 -44.01 -18.32 -3.75
N ALA A 45 -44.00 -17.49 -4.79
CA ALA A 45 -44.52 -16.15 -4.70
C ALA A 45 -44.74 -15.56 -6.09
N THR A 46 -45.70 -14.66 -6.14
CA THR A 46 -45.83 -13.73 -7.25
C THR A 46 -45.00 -12.51 -6.89
N VAL A 47 -44.20 -12.03 -7.84
CA VAL A 47 -43.21 -10.99 -7.60
C VAL A 47 -43.43 -9.88 -8.63
N GLN A 48 -43.46 -8.64 -8.16
CA GLN A 48 -43.60 -7.52 -9.07
C GLN A 48 -42.28 -7.21 -9.78
N ALA A 49 -42.40 -6.77 -11.03
CA ALA A 49 -41.26 -6.51 -11.91
C ALA A 49 -41.13 -5.01 -12.15
N ALA A 50 -39.94 -4.48 -11.90
CA ALA A 50 -39.71 -3.04 -12.02
C ALA A 50 -39.72 -2.61 -13.48
N GLY A 51 -40.48 -1.55 -13.77
CA GLY A 51 -40.49 -0.95 -15.08
C GLY A 51 -39.46 0.16 -15.20
N ARG A 52 -39.49 0.85 -16.35
CA ARG A 52 -38.54 1.93 -16.57
C ARG A 52 -38.74 3.05 -15.57
N GLU A 53 -39.98 3.41 -15.27
CA GLU A 53 -40.25 4.46 -14.31
C GLU A 53 -39.85 4.03 -12.90
N ASP A 54 -40.05 2.75 -12.57
CA ASP A 54 -39.62 2.25 -11.27
C ASP A 54 -38.12 2.37 -11.11
N VAL A 55 -37.36 2.06 -12.17
CA VAL A 55 -35.91 2.21 -12.11
C VAL A 55 -35.54 3.66 -11.87
N ASP A 56 -36.19 4.59 -12.56
CA ASP A 56 -35.84 6.00 -12.40
C ASP A 56 -36.15 6.48 -10.99
N ARG A 57 -37.31 6.09 -10.45
CA ARG A 57 -37.62 6.36 -9.04
C ARG A 57 -36.54 5.79 -8.13
N ALA A 58 -36.07 4.56 -8.42
CA ALA A 58 -35.06 3.95 -7.57
C ALA A 58 -33.75 4.73 -7.65
N VAL A 59 -33.39 5.24 -8.83
CA VAL A 59 -32.16 6.02 -8.96
C VAL A 59 -32.28 7.34 -8.19
N LYS A 60 -33.42 8.02 -8.29
CA LYS A 60 -33.56 9.27 -7.52
C LYS A 60 -33.53 9.00 -6.01
N SER A 61 -34.14 7.90 -5.57
CA SER A 61 -34.03 7.50 -4.17
C SER A 61 -32.58 7.25 -3.78
N ALA A 62 -31.85 6.51 -4.61
CA ALA A 62 -30.47 6.17 -4.31
C ALA A 62 -29.61 7.43 -4.25
N GLN A 63 -29.85 8.39 -5.15
CA GLN A 63 -29.06 9.62 -5.15
C GLN A 63 -29.25 10.40 -3.85
N GLN A 64 -30.48 10.44 -3.36
CA GLN A 64 -30.75 11.15 -2.11
C GLN A 64 -30.13 10.43 -0.91
N GLY A 65 -30.28 9.11 -0.83
CA GLY A 65 -29.71 8.37 0.30
C GLY A 65 -28.19 8.35 0.30
N GLN A 66 -27.59 8.24 -0.90
CA GLN A 66 -26.14 8.19 -0.99
C GLN A 66 -25.50 9.44 -0.40
N LYS A 67 -26.10 10.62 -0.62
CA LYS A 67 -25.53 11.84 -0.07
C LYS A 67 -25.53 11.84 1.45
N VAL A 68 -26.61 11.35 2.06
CA VAL A 68 -26.65 11.19 3.51
C VAL A 68 -25.57 10.22 3.97
N TRP A 69 -25.49 9.06 3.31
CA TRP A 69 -24.58 7.99 3.70
C TRP A 69 -23.12 8.45 3.58
N ALA A 70 -22.79 9.17 2.50
CA ALA A 70 -21.42 9.58 2.28
C ALA A 70 -20.99 10.68 3.23
N ALA A 71 -21.94 11.46 3.76
CA ALA A 71 -21.59 12.54 4.68
C ALA A 71 -21.35 12.05 6.10
N MET A 72 -21.76 10.83 6.43
CA MET A 72 -21.51 10.30 7.77
C MET A 72 -20.01 10.01 7.92
N SER A 73 -19.58 9.84 9.16
CA SER A 73 -18.20 9.45 9.37
C SER A 73 -17.97 8.01 8.92
N ALA A 74 -16.71 7.69 8.67
CA ALA A 74 -16.36 6.33 8.28
C ALA A 74 -16.78 5.31 9.34
N MET A 75 -16.60 5.64 10.61
CA MET A 75 -16.94 4.65 11.63
C MET A 75 -18.45 4.51 11.80
N ALA A 76 -19.20 5.59 11.57
CA ALA A 76 -20.65 5.49 11.60
C ALA A 76 -21.15 4.53 10.52
N ARG A 77 -20.57 4.61 9.31
CA ARG A 77 -20.91 3.64 8.27
C ARG A 77 -20.49 2.23 8.68
N SER A 78 -19.30 2.10 9.26
CA SER A 78 -18.84 0.78 9.71
CA SER A 78 -18.84 0.78 9.71
C SER A 78 -19.80 0.15 10.71
N ARG A 79 -20.28 0.93 11.68
CA ARG A 79 -21.15 0.40 12.71
C ARG A 79 -22.48 -0.10 12.14
N ILE A 80 -23.04 0.64 11.19
CA ILE A 80 -24.29 0.22 10.55
C ILE A 80 -24.10 -1.09 9.79
N LEU A 81 -23.02 -1.21 9.01
CA LEU A 81 -22.83 -2.48 8.31
C LEU A 81 -22.57 -3.62 9.27
N ARG A 82 -21.87 -3.35 10.39
CA ARG A 82 -21.66 -4.38 11.41
C ARG A 82 -22.97 -4.80 12.05
N LYS A 83 -23.91 -3.86 12.22
CA LYS A 83 -25.21 -4.24 12.77
C LYS A 83 -25.95 -5.14 11.80
N ALA A 84 -25.80 -4.89 10.50
CA ALA A 84 -26.39 -5.77 9.50
C ALA A 84 -25.76 -7.16 9.54
N VAL A 85 -24.44 -7.24 9.73
CA VAL A 85 -23.79 -8.52 9.95
C VAL A 85 -24.43 -9.25 11.11
N ASP A 86 -24.62 -8.54 12.24
CA ASP A 86 -25.20 -9.19 13.42
C ASP A 86 -26.58 -9.78 13.12
N ILE A 87 -27.42 -9.04 12.39
CA ILE A 87 -28.76 -9.54 12.07
C ILE A 87 -28.68 -10.75 11.14
N LEU A 88 -27.78 -10.70 10.17
CA LEU A 88 -27.60 -11.82 9.26
C LEU A 88 -27.16 -13.07 10.02
N ARG A 89 -26.27 -12.94 11.00
CA ARG A 89 -25.90 -14.10 11.81
C ARG A 89 -27.11 -14.65 12.55
N GLU A 90 -27.92 -13.76 13.14
CA GLU A 90 -29.08 -14.21 13.89
C GLU A 90 -30.12 -14.88 13.00
N ARG A 91 -30.28 -14.40 11.77
CA ARG A 91 -31.30 -14.93 10.88
C ARG A 91 -30.74 -15.92 9.87
N ASN A 92 -29.55 -16.45 10.13
CA ASN A 92 -28.90 -17.32 9.16
C ASN A 92 -29.78 -18.50 8.76
N ASP A 93 -30.32 -19.21 9.75
CA ASP A 93 -31.03 -20.44 9.42
C ASP A 93 -32.33 -20.14 8.68
N GLU A 94 -33.02 -19.07 9.09
CA GLU A 94 -34.25 -18.64 8.42
C GLU A 94 -33.98 -18.28 6.96
N LEU A 95 -32.93 -17.49 6.73
CA LEU A 95 -32.59 -17.10 5.37
C LEU A 95 -32.13 -18.30 4.56
N ALA A 96 -31.39 -19.22 5.20
CA ALA A 96 -30.97 -20.43 4.51
C ALA A 96 -32.17 -21.24 4.05
N ARG A 97 -33.20 -21.32 4.89
CA ARG A 97 -34.40 -22.07 4.51
C ARG A 97 -35.06 -21.44 3.30
N LEU A 98 -35.16 -20.11 3.29
CA LEU A 98 -35.76 -19.42 2.16
C LEU A 98 -34.93 -19.62 0.91
N GLU A 99 -33.61 -19.54 1.05
CA GLU A 99 -32.72 -19.76 -0.09
C GLU A 99 -32.89 -21.19 -0.62
N THR A 100 -32.99 -22.15 0.28
CA THR A 100 -33.20 -23.53 -0.16
C THR A 100 -34.50 -23.69 -0.92
N LEU A 101 -35.57 -23.04 -0.44
CA LEU A 101 -36.85 -23.13 -1.14
C LEU A 101 -36.77 -22.54 -2.54
N ASP A 102 -36.05 -21.42 -2.65
CA ASP A 102 -36.00 -20.65 -3.90
C ASP A 102 -35.03 -21.23 -4.91
N THR A 103 -33.96 -21.87 -4.46
CA THR A 103 -32.90 -22.34 -5.35
C THR A 103 -32.85 -23.84 -5.53
N GLY A 104 -33.39 -24.61 -4.59
CA GLY A 104 -33.22 -26.04 -4.56
C GLY A 104 -31.92 -26.53 -3.97
N LYS A 105 -31.06 -25.66 -3.52
CA LYS A 105 -29.83 -26.15 -2.93
C LYS A 105 -30.11 -26.71 -1.53
N PRO A 106 -29.47 -27.82 -1.16
CA PRO A 106 -29.75 -28.44 0.13
C PRO A 106 -29.49 -27.51 1.31
N LEU A 107 -30.31 -27.67 2.35
CA LEU A 107 -30.15 -26.85 3.54
C LEU A 107 -28.78 -27.08 4.19
N SER A 108 -28.21 -28.29 4.03
CA SER A 108 -26.87 -28.56 4.54
C SER A 108 -25.83 -27.63 3.92
N GLU A 109 -26.09 -27.11 2.72
CA GLU A 109 -25.23 -26.11 2.11
C GLU A 109 -25.62 -24.70 2.50
N THR A 110 -26.90 -24.33 2.30
CA THR A 110 -27.29 -22.94 2.46
C THR A 110 -27.10 -22.47 3.90
N ALA A 111 -27.28 -23.35 4.88
CA ALA A 111 -27.14 -22.91 6.26
C ALA A 111 -25.69 -22.80 6.69
N ALA A 112 -24.76 -23.38 5.95
CA ALA A 112 -23.35 -23.34 6.32
C ALA A 112 -22.53 -22.40 5.46
N VAL A 113 -22.98 -22.06 4.27
CA VAL A 113 -22.14 -21.37 3.29
C VAL A 113 -22.74 -20.05 2.86
N ASP A 114 -23.99 -20.08 2.38
CA ASP A 114 -24.52 -18.95 1.62
C ASP A 114 -24.55 -17.65 2.44
N ILE A 115 -25.27 -17.65 3.55
CA ILE A 115 -25.30 -16.43 4.36
C ILE A 115 -24.02 -16.26 5.15
N VAL A 116 -23.43 -17.37 5.61
CA VAL A 116 -22.21 -17.27 6.40
C VAL A 116 -21.11 -16.53 5.62
N THR A 117 -20.87 -16.93 4.37
CA THR A 117 -19.78 -16.29 3.62
C THR A 117 -20.19 -14.94 3.04
N GLY A 118 -21.48 -14.76 2.74
CA GLY A 118 -21.93 -13.43 2.36
C GLY A 118 -21.74 -12.45 3.49
N ALA A 119 -22.14 -12.85 4.69
CA ALA A 119 -21.97 -12.00 5.86
C ALA A 119 -20.50 -11.83 6.22
N ASP A 120 -19.67 -12.84 5.97
CA ASP A 120 -18.23 -12.68 6.21
C ASP A 120 -17.68 -11.52 5.38
N VAL A 121 -18.14 -11.38 4.14
CA VAL A 121 -17.61 -10.32 3.29
C VAL A 121 -18.11 -8.97 3.75
N LEU A 122 -19.39 -8.88 4.14
CA LEU A 122 -19.88 -7.61 4.68
C LEU A 122 -19.12 -7.24 5.94
N GLU A 123 -18.89 -8.21 6.81
CA GLU A 123 -18.14 -7.96 8.04
C GLU A 123 -16.74 -7.45 7.74
N TYR A 124 -16.08 -8.09 6.78
CA TYR A 124 -14.75 -7.67 6.36
C TYR A 124 -14.74 -6.22 5.91
N TYR A 125 -15.62 -5.86 4.97
CA TYR A 125 -15.56 -4.51 4.45
C TYR A 125 -16.00 -3.48 5.48
N ALA A 126 -16.91 -3.84 6.38
CA ALA A 126 -17.30 -2.92 7.43
C ALA A 126 -16.09 -2.46 8.24
N GLY A 127 -15.18 -3.39 8.57
CA GLY A 127 -14.00 -3.01 9.32
C GLY A 127 -12.99 -2.20 8.52
N LEU A 128 -12.99 -2.32 7.19
CA LEU A 128 -12.02 -1.64 6.35
C LEU A 128 -12.39 -0.21 5.96
N ILE A 129 -13.61 0.24 6.20
CA ILE A 129 -14.01 1.59 5.77
C ILE A 129 -13.03 2.64 6.28
N PRO A 130 -12.62 2.65 7.56
CA PRO A 130 -11.69 3.69 8.03
C PRO A 130 -10.30 3.62 7.42
N ALA A 131 -9.92 2.52 6.75
CA ALA A 131 -8.60 2.39 6.13
C ALA A 131 -8.58 2.86 4.68
N LEU A 132 -9.72 3.26 4.15
CA LEU A 132 -9.78 3.76 2.77
C LEU A 132 -9.20 5.16 2.78
N GLU A 133 -8.03 5.31 2.16
CA GLU A 133 -7.24 6.53 2.19
C GLU A 133 -6.83 6.90 0.76
N GLY A 134 -6.68 8.21 0.53
CA GLY A 134 -6.03 8.73 -0.64
C GLY A 134 -4.53 8.80 -0.45
N SER A 135 -3.89 9.56 -1.32
CA SER A 135 -2.44 9.73 -1.33
CA SER A 135 -2.44 9.72 -1.30
C SER A 135 -2.09 11.20 -1.28
N GLN A 136 -0.81 11.48 -1.01
CA GLN A 136 -0.24 12.81 -1.06
C GLN A 136 1.09 12.66 -1.74
N ILE A 137 1.33 13.50 -2.74
CA ILE A 137 2.53 13.41 -3.58
C ILE A 137 3.20 14.79 -3.57
N PRO A 138 4.39 14.92 -3.03
CA PRO A 138 5.08 16.22 -3.07
C PRO A 138 5.71 16.42 -4.44
N LEU A 139 5.47 17.58 -5.04
CA LEU A 139 6.10 17.88 -6.32
C LEU A 139 7.32 18.76 -6.17
N ARG A 140 7.23 19.79 -5.32
CA ARG A 140 8.26 20.79 -5.12
C ARG A 140 7.80 21.58 -3.90
N ASP A 141 8.68 22.46 -3.42
CA ASP A 141 8.35 23.21 -2.21
C ASP A 141 7.02 23.94 -2.36
N SER A 142 6.73 24.44 -3.57
CA SER A 142 5.57 25.27 -3.80
C SER A 142 4.37 24.52 -4.37
N SER A 143 4.41 23.20 -4.48
CA SER A 143 3.25 22.50 -5.01
C SER A 143 3.21 21.06 -4.55
N PHE A 144 1.99 20.59 -4.26
CA PHE A 144 1.77 19.20 -3.93
C PHE A 144 0.41 18.75 -4.48
N VAL A 145 0.27 17.44 -4.56
CA VAL A 145 -0.93 16.77 -5.01
C VAL A 145 -1.46 15.91 -3.87
N TYR A 146 -2.78 15.87 -3.71
CA TYR A 146 -3.41 14.84 -2.92
C TYR A 146 -4.61 14.27 -3.69
N THR A 147 -4.94 13.04 -3.38
CA THR A 147 -6.04 12.34 -4.02
C THR A 147 -7.11 12.01 -3.00
N ARG A 148 -8.32 11.96 -3.50
CA ARG A 148 -9.49 11.48 -2.77
C ARG A 148 -10.00 10.23 -3.46
N ARG A 149 -10.43 9.27 -2.65
CA ARG A 149 -11.14 8.10 -3.15
C ARG A 149 -12.62 8.40 -2.93
N GLU A 150 -13.27 8.95 -3.96
CA GLU A 150 -14.65 9.39 -3.81
C GLU A 150 -15.61 8.29 -4.24
N PRO A 151 -16.80 8.27 -3.64
CA PRO A 151 -17.83 7.33 -4.09
C PRO A 151 -18.16 7.55 -5.57
N LEU A 152 -18.46 6.46 -6.25
CA LEU A 152 -19.00 6.55 -7.60
C LEU A 152 -20.36 7.23 -7.59
N GLY A 153 -21.13 7.07 -6.53
CA GLY A 153 -22.47 7.59 -6.46
C GLY A 153 -23.50 6.47 -6.36
N VAL A 154 -24.29 6.29 -7.42
CA VAL A 154 -25.26 5.21 -7.51
C VAL A 154 -24.68 4.13 -8.41
N VAL A 155 -24.60 2.91 -7.89
CA VAL A 155 -24.12 1.79 -8.68
C VAL A 155 -25.25 0.76 -8.74
N ALA A 156 -25.16 -0.15 -9.71
CA ALA A 156 -26.16 -1.20 -9.87
C ALA A 156 -25.48 -2.57 -9.84
N GLY A 157 -26.13 -3.53 -9.20
CA GLY A 157 -25.67 -4.90 -9.20
C GLY A 157 -26.72 -5.78 -9.84
N ILE A 158 -26.29 -6.74 -10.65
CA ILE A 158 -27.18 -7.68 -11.33
C ILE A 158 -26.77 -9.07 -10.92
N GLY A 159 -27.67 -9.78 -10.22
CA GLY A 159 -27.36 -11.04 -9.58
C GLY A 159 -27.71 -12.26 -10.43
N ALA A 160 -27.22 -13.40 -9.98
CA ALA A 160 -27.49 -14.67 -10.63
C ALA A 160 -28.22 -15.59 -9.66
N TRP A 161 -28.69 -16.74 -10.16
CA TRP A 161 -29.58 -17.60 -9.37
C TRP A 161 -28.86 -18.71 -8.60
N ASN A 162 -27.55 -18.85 -8.73
CA ASN A 162 -26.94 -19.98 -8.04
C ASN A 162 -26.59 -19.68 -6.58
N TYR A 163 -26.18 -18.46 -6.28
CA TYR A 163 -25.88 -18.02 -4.91
C TYR A 163 -26.54 -16.66 -4.68
N PRO A 164 -27.88 -16.61 -4.62
CA PRO A 164 -28.56 -15.29 -4.68
C PRO A 164 -28.19 -14.34 -3.55
N ILE A 165 -28.26 -14.76 -2.29
CA ILE A 165 -27.99 -13.77 -1.24
C ILE A 165 -26.48 -13.53 -1.08
N GLN A 166 -25.65 -14.56 -1.29
CA GLN A 166 -24.21 -14.33 -1.27
C GLN A 166 -23.79 -13.32 -2.33
N ILE A 167 -24.31 -13.47 -3.56
CA ILE A 167 -23.98 -12.50 -4.60
C ILE A 167 -24.45 -11.11 -4.21
N ALA A 168 -25.67 -11.01 -3.66
CA ALA A 168 -26.15 -9.70 -3.21
C ALA A 168 -25.23 -9.10 -2.15
N LEU A 169 -24.70 -9.92 -1.23
CA LEU A 169 -23.81 -9.40 -0.19
C LEU A 169 -22.44 -9.08 -0.75
N TRP A 170 -21.92 -9.90 -1.67
CA TRP A 170 -20.58 -9.65 -2.21
C TRP A 170 -20.57 -8.39 -3.08
N LYS A 171 -21.69 -8.03 -3.70
CA LYS A 171 -21.76 -6.80 -4.47
C LYS A 171 -22.08 -5.59 -3.60
N SER A 172 -23.09 -5.71 -2.74
CA SER A 172 -23.51 -4.55 -1.96
C SER A 172 -22.49 -4.18 -0.89
N ALA A 173 -21.82 -5.17 -0.30
CA ALA A 173 -20.92 -4.88 0.80
C ALA A 173 -19.80 -3.91 0.41
N PRO A 174 -19.00 -4.18 -0.62
CA PRO A 174 -17.98 -3.19 -0.99
C PRO A 174 -18.56 -1.89 -1.54
N ALA A 175 -19.67 -1.97 -2.26
CA ALA A 175 -20.27 -0.75 -2.80
C ALA A 175 -20.72 0.18 -1.68
N LEU A 176 -21.46 -0.35 -0.70
CA LEU A 176 -21.90 0.45 0.43
C LEU A 176 -20.73 0.89 1.29
N ALA A 177 -19.75 0.01 1.54
CA ALA A 177 -18.62 0.39 2.37
C ALA A 177 -17.79 1.51 1.74
N ALA A 178 -17.79 1.60 0.40
CA ALA A 178 -17.07 2.67 -0.28
C ALA A 178 -17.87 3.96 -0.34
N GLY A 179 -19.08 3.99 0.22
CA GLY A 179 -19.88 5.20 0.25
C GLY A 179 -20.91 5.34 -0.86
N ASN A 180 -21.17 4.27 -1.62
CA ASN A 180 -22.16 4.33 -2.70
C ASN A 180 -23.52 3.84 -2.22
N ALA A 181 -24.54 4.18 -3.01
CA ALA A 181 -25.81 3.48 -2.97
C ALA A 181 -25.82 2.43 -4.07
N MET A 182 -26.46 1.29 -3.81
CA MET A 182 -26.58 0.24 -4.81
C MET A 182 -28.03 -0.09 -5.09
N ILE A 183 -28.40 -0.17 -6.36
CA ILE A 183 -29.66 -0.75 -6.81
C ILE A 183 -29.36 -2.17 -7.28
N PHE A 184 -30.03 -3.17 -6.71
CA PHE A 184 -29.72 -4.57 -6.97
C PHE A 184 -30.90 -5.25 -7.63
N LYS A 185 -30.63 -5.93 -8.72
CA LYS A 185 -31.64 -6.73 -9.41
C LYS A 185 -31.31 -8.20 -9.28
N PRO A 186 -32.03 -8.97 -8.48
CA PRO A 186 -31.80 -10.42 -8.43
C PRO A 186 -32.31 -11.11 -9.67
N SER A 187 -31.82 -12.33 -9.89
CA SER A 187 -32.37 -13.16 -10.95
C SER A 187 -33.85 -13.37 -10.71
N GLU A 188 -34.64 -13.35 -11.79
CA GLU A 188 -36.05 -13.68 -11.70
C GLU A 188 -36.28 -15.10 -11.19
N VAL A 189 -35.26 -15.96 -11.30
CA VAL A 189 -35.40 -17.32 -10.83
C VAL A 189 -35.38 -17.39 -9.31
N THR A 190 -34.66 -16.47 -8.66
CA THR A 190 -34.39 -16.55 -7.21
C THR A 190 -34.39 -15.14 -6.61
N PRO A 191 -35.54 -14.47 -6.61
CA PRO A 191 -35.58 -13.07 -6.16
C PRO A 191 -35.79 -12.86 -4.67
N LEU A 192 -36.07 -13.91 -3.89
CA LEU A 192 -36.67 -13.71 -2.58
C LEU A 192 -35.68 -13.23 -1.52
N THR A 193 -34.47 -13.80 -1.45
CA THR A 193 -33.59 -13.41 -0.35
C THR A 193 -33.04 -12.00 -0.50
N ALA A 194 -32.93 -11.49 -1.73
CA ALA A 194 -32.48 -10.12 -1.90
C ALA A 194 -33.45 -9.14 -1.26
N LEU A 195 -34.75 -9.43 -1.33
CA LEU A 195 -35.73 -8.56 -0.67
C LEU A 195 -35.59 -8.62 0.84
N LYS A 196 -35.34 -9.80 1.40
CA LYS A 196 -35.08 -9.88 2.84
C LYS A 196 -33.85 -9.07 3.22
N LEU A 197 -32.81 -9.13 2.39
CA LEU A 197 -31.61 -8.37 2.68
C LEU A 197 -31.91 -6.88 2.75
N ALA A 198 -32.76 -6.38 1.85
CA ALA A 198 -33.10 -4.97 1.89
C ALA A 198 -33.74 -4.58 3.21
N GLU A 199 -34.64 -5.42 3.73
CA GLU A 199 -35.26 -5.15 5.03
C GLU A 199 -34.22 -5.14 6.15
N ILE A 200 -33.27 -6.08 6.09
CA ILE A 200 -32.25 -6.19 7.13
C ILE A 200 -31.35 -4.97 7.15
N TYR A 201 -30.94 -4.47 5.98
CA TYR A 201 -30.12 -3.27 5.95
C TYR A 201 -30.85 -2.10 6.61
N ARG A 202 -32.14 -1.93 6.30
CA ARG A 202 -32.88 -0.84 6.92
C ARG A 202 -32.94 -1.00 8.43
N GLU A 203 -33.16 -2.24 8.89
CA GLU A 203 -33.21 -2.50 10.32
C GLU A 203 -31.88 -2.15 10.98
N ALA A 204 -30.77 -2.31 10.26
CA ALA A 204 -29.46 -2.04 10.81
C ALA A 204 -29.15 -0.55 10.86
N GLY A 205 -29.98 0.28 10.24
CA GLY A 205 -29.77 1.72 10.21
C GLY A 205 -29.25 2.27 8.90
N LEU A 206 -29.22 1.48 7.85
CA LEU A 206 -28.80 2.00 6.56
C LEU A 206 -29.76 3.09 6.11
N PRO A 207 -29.27 4.24 5.68
CA PRO A 207 -30.19 5.33 5.29
C PRO A 207 -31.09 4.90 4.14
N ASP A 208 -32.33 5.39 4.17
CA ASP A 208 -33.28 5.10 3.12
C ASP A 208 -32.71 5.45 1.75
N GLY A 209 -32.85 4.51 0.80
CA GLY A 209 -32.39 4.67 -0.56
C GLY A 209 -31.02 4.09 -0.84
N VAL A 210 -30.24 3.77 0.19
CA VAL A 210 -28.88 3.34 -0.07
C VAL A 210 -28.84 1.93 -0.66
N PHE A 211 -29.80 1.07 -0.31
CA PHE A 211 -29.91 -0.26 -0.94
C PHE A 211 -31.36 -0.47 -1.35
N ASN A 212 -31.64 -0.30 -2.63
CA ASN A 212 -32.94 -0.56 -3.25
C ASN A 212 -32.87 -1.85 -4.04
N VAL A 213 -33.96 -2.62 -4.04
CA VAL A 213 -33.97 -3.91 -4.73
C VAL A 213 -35.11 -3.90 -5.73
N LEU A 214 -34.79 -4.16 -7.00
CA LEU A 214 -35.75 -4.18 -8.10
C LEU A 214 -35.81 -5.57 -8.72
N PRO A 215 -36.72 -6.43 -8.27
CA PRO A 215 -36.97 -7.66 -9.01
C PRO A 215 -37.48 -7.34 -10.40
N GLY A 216 -37.21 -8.26 -11.31
CA GLY A 216 -37.69 -8.11 -12.67
C GLY A 216 -36.95 -9.06 -13.59
N ILE A 217 -37.24 -8.90 -14.89
CA ILE A 217 -36.65 -9.67 -15.97
C ILE A 217 -35.40 -8.97 -16.46
N GLY A 218 -34.41 -9.77 -16.90
CA GLY A 218 -33.19 -9.19 -17.41
C GLY A 218 -33.42 -8.30 -18.61
N ALA A 219 -34.27 -8.75 -19.54
CA ALA A 219 -34.52 -8.01 -20.77
C ALA A 219 -35.20 -6.67 -20.53
N GLU A 220 -35.88 -6.49 -19.39
CA GLU A 220 -36.53 -5.22 -19.09
C GLU A 220 -35.86 -4.51 -17.92
N THR A 221 -35.96 -5.03 -16.71
CA THR A 221 -35.41 -4.30 -15.58
C THR A 221 -33.88 -4.20 -15.68
N GLY A 222 -33.22 -5.30 -16.03
CA GLY A 222 -31.78 -5.27 -16.13
C GLY A 222 -31.29 -4.29 -17.17
N GLN A 223 -31.95 -4.26 -18.33
CA GLN A 223 -31.53 -3.35 -19.38
C GLN A 223 -31.72 -1.88 -18.96
N TYR A 224 -32.83 -1.58 -18.28
CA TYR A 224 -33.07 -0.20 -17.85
C TYR A 224 -31.98 0.27 -16.90
N LEU A 225 -31.53 -0.61 -16.02
CA LEU A 225 -30.43 -0.27 -15.11
C LEU A 225 -29.15 0.02 -15.89
N THR A 226 -28.80 -0.86 -16.83
CA THR A 226 -27.58 -0.66 -17.60
C THR A 226 -27.66 0.60 -18.47
N GLU A 227 -28.86 1.05 -18.80
CA GLU A 227 -29.03 2.20 -19.68
C GLU A 227 -29.22 3.52 -18.94
N HIS A 228 -29.47 3.50 -17.64
CA HIS A 228 -29.82 4.74 -16.96
C HIS A 228 -28.63 5.67 -16.92
N PRO A 229 -28.80 6.95 -17.26
CA PRO A 229 -27.63 7.85 -17.35
C PRO A 229 -26.96 8.17 -16.02
N ASP A 230 -27.64 8.00 -14.89
CA ASP A 230 -27.09 8.42 -13.60
C ASP A 230 -26.57 7.27 -12.76
N ILE A 231 -26.43 6.09 -13.33
CA ILE A 231 -25.80 4.96 -12.66
C ILE A 231 -24.35 4.92 -13.11
N ALA A 232 -23.42 4.90 -12.16
CA ALA A 232 -22.01 5.07 -12.45
C ALA A 232 -21.28 3.76 -12.73
N LYS A 233 -21.84 2.63 -12.30
CA LYS A 233 -21.13 1.37 -12.43
C LYS A 233 -22.13 0.23 -12.42
N ILE A 234 -21.85 -0.80 -13.21
CA ILE A 234 -22.62 -2.04 -13.19
C ILE A 234 -21.70 -3.17 -12.78
N SER A 235 -22.16 -3.97 -11.83
CA SER A 235 -21.49 -5.22 -11.49
C SER A 235 -22.43 -6.36 -11.76
N PHE A 236 -21.96 -7.34 -12.54
CA PHE A 236 -22.78 -8.39 -13.12
C PHE A 236 -22.18 -9.74 -12.83
N THR A 237 -23.03 -10.68 -12.41
CA THR A 237 -22.64 -12.07 -12.29
C THR A 237 -23.61 -12.89 -13.12
N GLY A 238 -23.07 -13.79 -13.96
CA GLY A 238 -23.94 -14.61 -14.80
C GLY A 238 -23.15 -15.27 -15.91
N GLY A 239 -23.84 -15.51 -17.03
CA GLY A 239 -23.22 -16.13 -18.18
C GLY A 239 -22.69 -15.11 -19.20
N VAL A 240 -21.86 -15.63 -20.11
CA VAL A 240 -21.21 -14.78 -21.10
C VAL A 240 -22.23 -14.09 -22.01
N ALA A 241 -23.25 -14.82 -22.45
CA ALA A 241 -24.20 -14.25 -23.39
C ALA A 241 -24.87 -13.01 -22.80
N SER A 242 -25.31 -13.09 -21.56
CA SER A 242 -25.96 -11.93 -20.94
C SER A 242 -24.94 -10.85 -20.60
N GLY A 243 -23.72 -11.24 -20.25
CA GLY A 243 -22.70 -10.25 -20.00
C GLY A 243 -22.43 -9.36 -21.20
N LYS A 244 -22.41 -9.96 -22.40
CA LYS A 244 -22.18 -9.16 -23.60
C LYS A 244 -23.27 -8.13 -23.81
N LYS A 245 -24.52 -8.55 -23.60
CA LYS A 245 -25.65 -7.63 -23.69
C LYS A 245 -25.51 -6.50 -22.68
N VAL A 246 -25.12 -6.84 -21.45
CA VAL A 246 -24.97 -5.83 -20.42
C VAL A 246 -23.86 -4.85 -20.80
N MET A 247 -22.70 -5.37 -21.22
CA MET A 247 -21.59 -4.50 -21.58
C MET A 247 -21.96 -3.56 -22.72
N ALA A 248 -22.63 -4.09 -23.75
CA ALA A 248 -23.01 -3.26 -24.89
C ALA A 248 -23.91 -2.12 -24.46
N ASN A 249 -24.96 -2.43 -23.69
CA ASN A 249 -25.91 -1.42 -23.28
C ASN A 249 -25.29 -0.42 -22.31
N SER A 250 -24.43 -0.88 -21.41
CA SER A 250 -23.81 0.03 -20.47
C SER A 250 -22.96 1.08 -21.17
N ALA A 251 -22.27 0.68 -22.24
CA ALA A 251 -21.44 1.63 -22.98
C ALA A 251 -22.28 2.48 -23.93
N ALA A 252 -23.16 1.85 -24.70
CA ALA A 252 -23.92 2.55 -25.73
C ALA A 252 -24.74 3.68 -25.12
N SER A 253 -25.31 3.46 -23.94
CA SER A 253 -26.24 4.42 -23.37
C SER A 253 -25.51 5.52 -22.63
N SER A 254 -24.78 5.16 -21.59
CA SER A 254 -24.05 6.12 -20.78
C SER A 254 -22.82 5.38 -20.27
N LEU A 255 -21.65 5.92 -20.53
CA LEU A 255 -20.41 5.26 -20.14
C LEU A 255 -20.47 4.90 -18.66
N LYS A 256 -20.21 3.63 -18.36
CA LYS A 256 -20.24 3.10 -17.00
C LYS A 256 -19.06 2.19 -16.78
N GLU A 257 -18.49 2.24 -15.59
CA GLU A 257 -17.56 1.21 -15.17
C GLU A 257 -18.33 -0.12 -15.11
N VAL A 258 -17.63 -1.22 -15.37
CA VAL A 258 -18.28 -2.52 -15.44
C VAL A 258 -17.37 -3.58 -14.83
N THR A 259 -17.96 -4.39 -13.96
CA THR A 259 -17.34 -5.59 -13.40
C THR A 259 -18.20 -6.79 -13.79
N MET A 260 -17.55 -7.89 -14.15
CA MET A 260 -18.27 -9.07 -14.60
C MET A 260 -17.56 -10.32 -14.11
N GLU A 261 -18.31 -11.22 -13.47
N GLU A 261 -18.33 -11.24 -13.53
CA GLU A 261 -17.86 -12.58 -13.20
CA GLU A 261 -17.84 -12.58 -13.19
C GLU A 261 -18.70 -13.53 -14.04
C GLU A 261 -18.69 -13.58 -13.98
N LEU A 262 -18.06 -14.27 -14.95
CA LEU A 262 -18.78 -14.99 -16.00
C LEU A 262 -18.56 -16.50 -16.06
N GLY A 263 -18.10 -17.14 -15.01
CA GLY A 263 -17.96 -18.60 -15.10
C GLY A 263 -16.77 -19.03 -15.95
N GLY A 264 -16.68 -20.35 -16.17
CA GLY A 264 -15.51 -20.86 -16.86
C GLY A 264 -15.59 -22.35 -17.13
N LYS A 265 -14.43 -22.89 -17.50
CA LYS A 265 -14.22 -24.32 -17.63
C LYS A 265 -12.92 -24.63 -16.92
N SER A 266 -12.95 -24.63 -15.58
CA SER A 266 -11.70 -24.58 -14.84
C SER A 266 -11.05 -25.97 -14.75
N PRO A 267 -9.72 -26.03 -14.91
CA PRO A 267 -9.03 -27.32 -14.84
C PRO A 267 -8.55 -27.68 -13.45
N LEU A 268 -8.69 -28.96 -13.12
CA LEU A 268 -8.13 -29.53 -11.90
C LEU A 268 -7.05 -30.52 -12.31
N ILE A 269 -5.81 -30.23 -11.94
CA ILE A 269 -4.67 -31.01 -12.39
C ILE A 269 -4.25 -31.92 -11.25
N ILE A 270 -4.42 -33.22 -11.46
N ILE A 270 -4.43 -33.22 -11.46
CA ILE A 270 -3.91 -34.24 -10.55
CA ILE A 270 -3.93 -34.25 -10.56
C ILE A 270 -2.51 -34.61 -10.99
C ILE A 270 -2.50 -34.58 -11.01
N ALA A 271 -1.53 -34.34 -10.13
CA ALA A 271 -0.14 -34.58 -10.48
C ALA A 271 0.20 -36.06 -10.35
N GLU A 272 1.32 -36.45 -10.99
CA GLU A 272 1.74 -37.84 -10.99
C GLU A 272 2.12 -38.35 -9.60
N ASP A 273 2.37 -37.47 -8.62
CA ASP A 273 2.69 -37.89 -7.26
C ASP A 273 1.54 -37.68 -6.29
N ALA A 274 0.34 -37.40 -6.77
CA ALA A 274 -0.76 -37.10 -5.86
C ALA A 274 -1.34 -38.35 -5.23
N ASN A 275 -1.76 -38.23 -3.97
CA ASN A 275 -2.60 -39.25 -3.36
C ASN A 275 -3.98 -39.23 -4.04
N LEU A 276 -4.42 -40.39 -4.53
CA LEU A 276 -5.64 -40.43 -5.33
C LEU A 276 -6.90 -40.33 -4.48
N ASP A 277 -6.86 -40.67 -3.19
CA ASP A 277 -8.01 -40.37 -2.34
C ASP A 277 -8.20 -38.87 -2.19
N LEU A 278 -7.13 -38.14 -1.94
CA LEU A 278 -7.23 -36.68 -1.87
C LEU A 278 -7.69 -36.13 -3.21
N ALA A 279 -7.12 -36.62 -4.30
CA ALA A 279 -7.50 -36.12 -5.63
C ALA A 279 -8.97 -36.37 -5.91
N ALA A 280 -9.47 -37.57 -5.57
CA ALA A 280 -10.88 -37.84 -5.84
C ALA A 280 -11.78 -36.97 -4.97
N ASP A 281 -11.42 -36.77 -3.70
CA ASP A 281 -12.23 -35.93 -2.83
C ASP A 281 -12.30 -34.49 -3.37
N ILE A 282 -11.18 -33.95 -3.82
CA ILE A 282 -11.17 -32.61 -4.38
C ILE A 282 -12.00 -32.54 -5.64
N ALA A 283 -11.84 -33.53 -6.52
CA ALA A 283 -12.59 -33.55 -7.76
C ALA A 283 -14.08 -33.57 -7.48
N MET A 284 -14.51 -34.36 -6.49
CA MET A 284 -15.93 -34.41 -6.13
C MET A 284 -16.42 -33.05 -5.66
N MET A 285 -15.70 -32.44 -4.72
CA MET A 285 -16.09 -31.14 -4.22
C MET A 285 -16.01 -30.07 -5.29
N ALA A 286 -15.19 -30.28 -6.32
CA ALA A 286 -15.04 -29.32 -7.42
C ALA A 286 -16.10 -29.49 -8.52
N ASN A 287 -16.98 -30.49 -8.44
CA ASN A 287 -17.93 -30.76 -9.49
C ASN A 287 -19.38 -30.89 -9.04
N PHE A 288 -19.62 -31.35 -7.80
CA PHE A 288 -20.97 -31.71 -7.42
C PHE A 288 -21.54 -30.88 -6.27
N TYR A 289 -20.80 -29.90 -5.77
CA TYR A 289 -21.36 -28.99 -4.79
C TYR A 289 -22.38 -28.09 -5.46
N SER A 290 -23.49 -27.83 -4.75
CA SER A 290 -24.59 -27.05 -5.31
C SER A 290 -25.08 -27.65 -6.62
N SER A 291 -25.03 -28.97 -6.69
CA SER A 291 -25.44 -29.72 -7.88
C SER A 291 -24.73 -29.23 -9.13
N GLY A 292 -23.45 -28.88 -8.99
CA GLY A 292 -22.63 -28.48 -10.12
C GLY A 292 -22.85 -27.07 -10.60
N GLN A 293 -23.61 -26.26 -9.87
CA GLN A 293 -23.97 -24.90 -10.29
C GLN A 293 -23.07 -23.85 -9.63
N VAL A 294 -21.76 -23.99 -9.83
CA VAL A 294 -20.76 -23.10 -9.22
C VAL A 294 -19.83 -22.63 -10.31
N CYS A 295 -19.61 -21.31 -10.34
CA CYS A 295 -18.82 -20.70 -11.42
C CYS A 295 -17.41 -21.25 -11.47
N THR A 296 -16.82 -21.53 -10.32
CA THR A 296 -15.42 -21.93 -10.20
C THR A 296 -15.19 -23.43 -10.30
N ASN A 297 -16.21 -24.22 -10.63
CA ASN A 297 -16.04 -25.68 -10.59
C ASN A 297 -14.96 -26.17 -11.54
N GLY A 298 -14.22 -27.18 -11.09
CA GLY A 298 -13.13 -27.80 -11.80
C GLY A 298 -13.64 -28.91 -12.68
N THR A 299 -14.27 -28.53 -13.77
CA THR A 299 -15.03 -29.46 -14.60
C THR A 299 -14.20 -30.19 -15.63
N ARG A 300 -12.94 -29.78 -15.86
CA ARG A 300 -11.98 -30.58 -16.63
C ARG A 300 -10.98 -31.14 -15.63
N VAL A 301 -11.06 -32.44 -15.36
CA VAL A 301 -10.22 -33.11 -14.38
C VAL A 301 -9.13 -33.86 -15.13
N PHE A 302 -7.89 -33.39 -15.02
CA PHE A 302 -6.75 -33.96 -15.70
C PHE A 302 -6.07 -34.99 -14.79
N VAL A 303 -6.04 -36.24 -15.25
CA VAL A 303 -5.47 -37.33 -14.46
C VAL A 303 -4.37 -38.02 -15.27
N PRO A 304 -3.22 -38.33 -14.67
CA PRO A 304 -2.20 -39.08 -15.39
C PRO A 304 -2.78 -40.41 -15.86
N ALA A 305 -2.38 -40.80 -17.07
CA ALA A 305 -2.94 -42.02 -17.65
C ALA A 305 -2.71 -43.21 -16.72
N LYS A 306 -1.56 -43.26 -16.06
CA LYS A 306 -1.24 -44.39 -15.19
C LYS A 306 -2.17 -44.50 -13.99
N PHE A 307 -2.88 -43.43 -13.64
CA PHE A 307 -3.78 -43.39 -12.49
C PHE A 307 -5.26 -43.39 -12.87
N LYS A 308 -5.59 -43.33 -14.17
CA LYS A 308 -6.96 -42.96 -14.56
C LYS A 308 -7.97 -44.00 -14.12
N ALA A 309 -7.68 -45.29 -14.34
CA ALA A 309 -8.65 -46.32 -13.98
C ALA A 309 -8.91 -46.34 -12.48
N GLU A 310 -7.85 -46.26 -11.68
CA GLU A 310 -8.05 -46.20 -10.23
C GLU A 310 -8.78 -44.93 -9.83
N PHE A 311 -8.44 -43.80 -10.47
CA PHE A 311 -9.14 -42.57 -10.18
C PHE A 311 -10.64 -42.69 -10.48
N GLU A 312 -10.98 -43.28 -11.63
CA GLU A 312 -12.38 -43.49 -12.00
C GLU A 312 -13.11 -44.36 -10.99
N HIS A 313 -12.44 -45.42 -10.51
N HIS A 313 -12.45 -45.42 -10.51
CA HIS A 313 -13.07 -46.27 -9.50
CA HIS A 313 -13.08 -46.27 -9.50
C HIS A 313 -13.33 -45.48 -8.22
C HIS A 313 -13.34 -45.48 -8.22
N LYS A 314 -12.37 -44.66 -7.79
CA LYS A 314 -12.56 -43.85 -6.60
C LYS A 314 -13.67 -42.81 -6.79
N ILE A 315 -13.81 -42.24 -7.99
CA ILE A 315 -14.90 -41.32 -8.23
C ILE A 315 -16.24 -42.04 -8.13
N LEU A 316 -16.33 -43.23 -8.73
CA LEU A 316 -17.58 -43.99 -8.65
C LEU A 316 -17.96 -44.31 -7.21
N GLU A 317 -16.96 -44.66 -6.37
CA GLU A 317 -17.27 -44.93 -4.96
C GLU A 317 -17.87 -43.69 -4.31
N ARG A 318 -17.30 -42.52 -4.59
CA ARG A 318 -17.77 -41.30 -3.95
C ARG A 318 -19.11 -40.86 -4.54
N VAL A 319 -19.31 -41.07 -5.84
CA VAL A 319 -20.61 -40.73 -6.43
C VAL A 319 -21.70 -41.56 -5.77
N GLY A 320 -21.40 -42.78 -5.37
CA GLY A 320 -22.37 -43.57 -4.63
C GLY A 320 -22.77 -42.96 -3.31
N ARG A 321 -21.99 -42.04 -2.77
CA ARG A 321 -22.32 -41.38 -1.52
C ARG A 321 -23.15 -40.13 -1.73
N ILE A 322 -23.41 -39.74 -2.98
CA ILE A 322 -24.23 -38.57 -3.21
C ILE A 322 -25.65 -38.91 -2.77
N ARG A 323 -26.24 -38.07 -1.93
CA ARG A 323 -27.54 -38.32 -1.31
C ARG A 323 -28.51 -37.25 -1.77
N ALA A 324 -29.28 -37.58 -2.82
CA ALA A 324 -30.39 -36.77 -3.28
C ALA A 324 -31.64 -37.11 -2.47
N GLY A 325 -32.41 -36.09 -2.14
CA GLY A 325 -33.63 -36.32 -1.38
C GLY A 325 -34.16 -35.04 -0.80
N ASP A 326 -34.92 -35.19 0.28
CA ASP A 326 -35.52 -34.06 0.98
C ASP A 326 -34.47 -33.00 1.29
N LEU A 327 -34.69 -31.81 0.78
CA LEU A 327 -33.66 -30.78 0.88
C LEU A 327 -33.47 -30.30 2.31
N PHE A 328 -34.38 -30.59 3.21
CA PHE A 328 -34.25 -30.18 4.61
C PHE A 328 -33.73 -31.29 5.50
N ALA A 329 -33.40 -32.46 4.96
CA ALA A 329 -32.80 -33.53 5.74
C ALA A 329 -31.30 -33.30 5.85
N ASP A 330 -30.75 -33.52 7.04
CA ASP A 330 -29.34 -33.19 7.29
C ASP A 330 -28.40 -33.95 6.36
N ASP A 331 -28.74 -35.19 6.01
CA ASP A 331 -27.82 -35.99 5.21
C ASP A 331 -27.97 -35.76 3.70
N THR A 332 -28.94 -34.94 3.26
CA THR A 332 -29.04 -34.64 1.84
C THR A 332 -27.92 -33.70 1.44
N ASN A 333 -27.19 -34.06 0.38
CA ASN A 333 -26.06 -33.25 -0.08
C ASN A 333 -26.11 -32.97 -1.57
N PHE A 334 -27.27 -33.13 -2.18
CA PHE A 334 -27.45 -32.94 -3.62
C PHE A 334 -28.89 -32.54 -3.88
N GLY A 335 -29.07 -31.48 -4.66
CA GLY A 335 -30.38 -30.96 -4.94
C GLY A 335 -30.70 -30.97 -6.43
N PRO A 336 -31.92 -30.56 -6.76
CA PRO A 336 -32.25 -30.36 -8.18
C PRO A 336 -31.49 -29.16 -8.69
N LEU A 337 -31.52 -28.99 -10.01
CA LEU A 337 -31.05 -27.75 -10.59
C LEU A 337 -32.06 -26.65 -10.32
N VAL A 338 -31.64 -25.40 -10.52
CA VAL A 338 -32.45 -24.26 -10.13
C VAL A 338 -33.72 -24.10 -10.97
N SER A 339 -33.79 -24.69 -12.15
CA SER A 339 -34.94 -24.48 -13.02
C SER A 339 -35.03 -25.56 -14.08
N PHE A 340 -36.20 -25.66 -14.69
CA PHE A 340 -36.38 -26.66 -15.71
C PHE A 340 -35.68 -26.27 -17.00
N PRO A 341 -35.71 -24.99 -17.40
CA PRO A 341 -34.87 -24.60 -18.55
C PRO A 341 -33.40 -24.91 -18.37
N HIS A 342 -32.86 -24.70 -17.16
CA HIS A 342 -31.45 -24.98 -16.96
C HIS A 342 -31.15 -26.46 -17.02
N ARG A 343 -32.00 -27.30 -16.43
CA ARG A 343 -31.79 -28.73 -16.55
C ARG A 343 -31.81 -29.17 -18.01
N GLN A 344 -32.71 -28.60 -18.82
CA GLN A 344 -32.74 -28.97 -20.23
C GLN A 344 -31.40 -28.69 -20.91
N ASN A 345 -30.79 -27.55 -20.60
CA ASN A 345 -29.48 -27.27 -21.17
C ASN A 345 -28.45 -28.29 -20.69
N VAL A 346 -28.49 -28.67 -19.41
CA VAL A 346 -27.53 -29.65 -18.94
C VAL A 346 -27.76 -30.97 -19.65
N LEU A 347 -29.03 -31.35 -19.84
CA LEU A 347 -29.33 -32.60 -20.52
C LEU A 347 -28.89 -32.58 -21.98
N ARG A 348 -28.98 -31.42 -22.65
CA ARG A 348 -28.51 -31.33 -24.02
C ARG A 348 -27.01 -31.56 -24.10
N TYR A 349 -26.27 -31.03 -23.12
CA TYR A 349 -24.82 -31.26 -23.08
C TYR A 349 -24.51 -32.73 -22.84
N ILE A 350 -25.26 -33.37 -21.95
CA ILE A 350 -25.05 -34.79 -21.70
C ILE A 350 -25.22 -35.56 -23.00
N GLU A 351 -26.29 -35.25 -23.75
CA GLU A 351 -26.51 -35.93 -25.02
C GLU A 351 -25.37 -35.67 -26.01
N SER A 352 -24.81 -34.46 -26.03
CA SER A 352 -23.68 -34.21 -26.92
C SER A 352 -22.45 -35.03 -26.50
N GLY A 353 -22.23 -35.18 -25.20
CA GLY A 353 -21.11 -36.01 -24.76
C GLY A 353 -21.25 -37.44 -25.25
N LYS A 354 -22.45 -38.00 -25.11
CA LYS A 354 -22.69 -39.35 -25.60
C LYS A 354 -22.49 -39.42 -27.11
N SER A 355 -23.03 -38.46 -27.84
CA SER A 355 -22.96 -38.54 -29.30
C SER A 355 -21.56 -38.28 -29.82
N GLU A 356 -20.70 -37.61 -29.04
CA GLU A 356 -19.33 -37.38 -29.49
C GLU A 356 -18.35 -38.46 -29.04
N GLY A 357 -18.83 -39.52 -28.40
CA GLY A 357 -17.99 -40.66 -28.09
C GLY A 357 -17.36 -40.67 -26.73
N ALA A 358 -17.68 -39.71 -25.86
CA ALA A 358 -17.26 -39.76 -24.47
C ALA A 358 -17.91 -40.97 -23.80
N ARG A 359 -17.19 -41.56 -22.86
CA ARG A 359 -17.68 -42.72 -22.13
C ARG A 359 -18.44 -42.26 -20.91
N LEU A 360 -19.70 -42.67 -20.80
CA LEU A 360 -20.49 -42.30 -19.64
C LEU A 360 -20.09 -43.20 -18.48
N LEU A 361 -19.48 -42.63 -17.44
CA LEU A 361 -19.05 -43.44 -16.31
C LEU A 361 -20.21 -43.69 -15.34
N CYS A 362 -21.06 -42.68 -15.15
CA CYS A 362 -22.25 -42.81 -14.33
C CYS A 362 -23.18 -41.64 -14.64
N GLY A 363 -24.44 -41.80 -14.24
CA GLY A 363 -25.43 -40.74 -14.37
C GLY A 363 -25.93 -40.55 -15.78
N GLY A 364 -26.17 -39.30 -16.15
CA GLY A 364 -26.57 -38.99 -17.52
C GLY A 364 -28.06 -38.89 -17.79
N ASP A 365 -28.92 -38.95 -16.77
CA ASP A 365 -30.36 -38.87 -17.00
C ASP A 365 -31.04 -38.07 -15.89
N VAL A 366 -32.31 -37.72 -16.12
CA VAL A 366 -33.13 -37.13 -15.08
C VAL A 366 -33.38 -38.17 -13.99
N LEU A 367 -33.61 -37.69 -12.77
CA LEU A 367 -34.06 -38.56 -11.70
C LEU A 367 -35.57 -38.71 -11.76
N LYS A 368 -36.04 -39.90 -11.40
CA LYS A 368 -37.45 -40.27 -11.50
C LYS A 368 -37.88 -40.89 -10.19
N GLY A 369 -39.18 -40.85 -9.92
CA GLY A 369 -39.74 -41.45 -8.73
C GLY A 369 -40.35 -40.41 -7.81
N GLU A 370 -40.97 -40.92 -6.75
CA GLU A 370 -41.60 -40.04 -5.77
C GLU A 370 -40.56 -39.09 -5.18
N GLY A 371 -40.91 -37.81 -5.13
CA GLY A 371 -40.01 -36.79 -4.63
C GLY A 371 -39.09 -36.20 -5.68
N PHE A 372 -39.06 -36.76 -6.88
CA PHE A 372 -38.22 -36.26 -7.96
C PHE A 372 -39.01 -35.86 -9.20
N ASP A 373 -40.17 -36.47 -9.43
CA ASP A 373 -40.87 -36.30 -10.71
C ASP A 373 -41.22 -34.84 -11.00
N ASN A 374 -41.46 -34.03 -9.96
CA ASN A 374 -41.89 -32.65 -10.15
C ASN A 374 -40.76 -31.63 -9.99
N GLY A 375 -39.52 -32.08 -9.79
CA GLY A 375 -38.39 -31.20 -9.63
C GLY A 375 -37.40 -31.32 -10.76
N ALA A 376 -36.49 -30.36 -10.88
CA ALA A 376 -35.56 -30.31 -12.00
C ALA A 376 -34.27 -31.08 -11.69
N TRP A 377 -34.43 -32.36 -11.37
CA TRP A 377 -33.33 -33.21 -10.93
C TRP A 377 -32.59 -33.85 -12.09
N VAL A 378 -31.26 -33.84 -12.00
CA VAL A 378 -30.36 -34.56 -12.90
C VAL A 378 -29.39 -35.40 -12.08
N ALA A 379 -29.16 -36.63 -12.52
CA ALA A 379 -28.23 -37.51 -11.81
C ALA A 379 -26.81 -36.94 -11.89
N PRO A 380 -26.02 -37.08 -10.82
CA PRO A 380 -24.59 -36.72 -10.91
C PRO A 380 -23.94 -37.52 -12.02
N THR A 381 -23.27 -36.83 -12.93
CA THR A 381 -22.85 -37.41 -14.20
C THR A 381 -21.36 -37.24 -14.38
N VAL A 382 -20.69 -38.31 -14.76
CA VAL A 382 -19.26 -38.30 -15.03
C VAL A 382 -19.01 -38.89 -16.42
N PHE A 383 -18.29 -38.14 -17.24
CA PHE A 383 -17.78 -38.61 -18.52
C PHE A 383 -16.28 -38.85 -18.43
N THR A 384 -15.81 -39.87 -19.13
CA THR A 384 -14.38 -40.13 -19.23
C THR A 384 -14.02 -40.46 -20.68
N ASP A 385 -12.72 -40.70 -20.89
CA ASP A 385 -12.17 -40.83 -22.24
C ASP A 385 -12.44 -39.57 -23.06
N CYS A 386 -12.41 -38.42 -22.40
CA CYS A 386 -12.71 -37.16 -23.07
C CYS A 386 -11.50 -36.64 -23.82
N THR A 387 -11.76 -35.81 -24.83
CA THR A 387 -10.71 -35.15 -25.60
C THR A 387 -11.02 -33.66 -25.71
N ASP A 388 -9.98 -32.88 -26.01
CA ASP A 388 -10.05 -31.44 -25.82
C ASP A 388 -11.06 -30.77 -26.76
N ASP A 389 -11.43 -31.43 -27.84
CA ASP A 389 -12.34 -30.88 -28.85
C ASP A 389 -13.82 -31.17 -28.58
N MET A 390 -14.14 -31.98 -27.57
CA MET A 390 -15.55 -32.27 -27.31
C MET A 390 -16.29 -31.06 -26.78
N THR A 391 -17.57 -30.96 -27.14
CA THR A 391 -18.39 -29.86 -26.67
C THR A 391 -18.43 -29.83 -25.15
N ILE A 392 -18.58 -31.00 -24.50
CA ILE A 392 -18.66 -31.01 -23.05
C ILE A 392 -17.36 -30.59 -22.38
N VAL A 393 -16.23 -30.67 -23.10
CA VAL A 393 -14.96 -30.24 -22.54
C VAL A 393 -14.71 -28.75 -22.78
N ARG A 394 -15.22 -28.23 -23.89
CA ARG A 394 -14.96 -26.85 -24.27
C ARG A 394 -15.93 -25.85 -23.62
N GLU A 395 -17.16 -26.27 -23.33
CA GLU A 395 -18.22 -25.34 -22.96
C GLU A 395 -18.66 -25.55 -21.52
N GLU A 396 -18.97 -24.45 -20.86
CA GLU A 396 -19.47 -24.51 -19.49
C GLU A 396 -20.88 -25.10 -19.46
N ILE A 397 -21.08 -26.11 -18.62
CA ILE A 397 -22.36 -26.80 -18.49
C ILE A 397 -23.17 -26.30 -17.31
N PHE A 398 -22.51 -25.98 -16.21
CA PHE A 398 -23.18 -25.47 -15.00
C PHE A 398 -24.19 -26.46 -14.46
N GLY A 399 -23.85 -27.73 -14.51
CA GLY A 399 -24.60 -28.76 -13.85
C GLY A 399 -23.62 -29.81 -13.39
N PRO A 400 -24.13 -30.90 -12.87
CA PRO A 400 -23.25 -31.94 -12.28
C PRO A 400 -22.66 -32.88 -13.32
N VAL A 401 -21.70 -32.37 -14.09
CA VAL A 401 -21.11 -33.14 -15.18
C VAL A 401 -19.61 -32.95 -15.14
N MET A 402 -18.88 -33.97 -14.67
CA MET A 402 -17.44 -33.96 -14.62
C MET A 402 -16.89 -34.60 -15.90
N SER A 403 -15.85 -33.98 -16.46
CA SER A 403 -15.13 -34.53 -17.62
C SER A 403 -13.72 -34.90 -17.19
N ILE A 404 -13.38 -36.18 -17.35
CA ILE A 404 -12.09 -36.72 -16.95
C ILE A 404 -11.23 -36.88 -18.19
N LEU A 405 -10.05 -36.27 -18.18
CA LEU A 405 -9.11 -36.30 -19.30
C LEU A 405 -7.78 -36.87 -18.85
N SER A 406 -7.19 -37.72 -19.69
CA SER A 406 -5.90 -38.33 -19.40
CA SER A 406 -5.91 -38.32 -19.36
C SER A 406 -4.77 -37.50 -19.96
N TYR A 407 -3.64 -37.51 -19.26
CA TYR A 407 -2.44 -36.82 -19.74
C TYR A 407 -1.19 -37.56 -19.29
N ASP A 408 -0.07 -37.20 -19.91
CA ASP A 408 1.20 -37.86 -19.65
C ASP A 408 2.23 -37.00 -18.93
N ASP A 409 2.44 -35.75 -19.33
CA ASP A 409 3.58 -34.99 -18.82
C ASP A 409 3.17 -33.57 -18.47
N GLU A 410 4.03 -32.91 -17.69
CA GLU A 410 3.66 -31.63 -17.08
C GLU A 410 3.45 -30.54 -18.12
N ALA A 411 4.36 -30.45 -19.11
CA ALA A 411 4.21 -29.41 -20.13
C ALA A 411 2.89 -29.58 -20.88
N GLU A 412 2.53 -30.83 -21.17
CA GLU A 412 1.28 -31.12 -21.87
C GLU A 412 0.08 -30.65 -21.08
N VAL A 413 0.04 -30.96 -19.78
CA VAL A 413 -1.17 -30.66 -19.03
C VAL A 413 -1.31 -29.16 -18.85
N ILE A 414 -0.20 -28.44 -18.69
CA ILE A 414 -0.28 -26.98 -18.57
C ILE A 414 -0.81 -26.38 -19.87
N ARG A 415 -0.32 -26.86 -21.01
N ARG A 415 -0.29 -26.84 -21.01
CA ARG A 415 -0.80 -26.36 -22.30
CA ARG A 415 -0.79 -26.42 -22.31
C ARG A 415 -2.29 -26.63 -22.50
C ARG A 415 -2.29 -26.62 -22.43
N ARG A 416 -2.75 -27.84 -22.14
CA ARG A 416 -4.15 -28.18 -22.32
C ARG A 416 -5.03 -27.47 -21.33
N ALA A 417 -4.55 -27.31 -20.09
CA ALA A 417 -5.32 -26.57 -19.10
C ALA A 417 -5.55 -25.12 -19.56
N ASN A 418 -4.55 -24.51 -20.20
CA ASN A 418 -4.65 -23.11 -20.63
C ASN A 418 -5.33 -22.94 -21.99
N ALA A 419 -5.54 -24.01 -22.74
CA ALA A 419 -6.07 -23.93 -24.10
C ALA A 419 -7.59 -23.79 -24.00
N THR A 420 -8.01 -22.62 -23.55
CA THR A 420 -9.42 -22.35 -23.38
C THR A 420 -9.62 -20.85 -23.40
N GLU A 421 -10.81 -20.42 -23.84
CA GLU A 421 -11.13 -19.01 -23.78
C GLU A 421 -11.46 -18.56 -22.36
N TYR A 422 -11.77 -19.50 -21.47
CA TYR A 422 -12.09 -19.18 -20.09
C TYR A 422 -10.84 -19.10 -19.23
N GLY A 423 -10.99 -18.51 -18.03
CA GLY A 423 -9.87 -18.33 -17.15
C GLY A 423 -10.20 -18.14 -15.68
N LEU A 424 -11.27 -18.74 -15.17
CA LEU A 424 -11.74 -18.33 -13.86
C LEU A 424 -10.89 -18.95 -12.76
N ALA A 425 -10.84 -20.27 -12.67
CA ALA A 425 -10.14 -20.94 -11.60
C ALA A 425 -9.29 -22.09 -12.14
N ALA A 426 -8.48 -22.66 -11.25
CA ALA A 426 -7.65 -23.80 -11.55
C ALA A 426 -7.15 -24.37 -10.23
N GLY A 427 -6.66 -25.60 -10.25
CA GLY A 427 -6.06 -26.17 -9.07
C GLY A 427 -5.10 -27.27 -9.42
N VAL A 428 -4.21 -27.57 -8.47
CA VAL A 428 -3.27 -28.67 -8.62
C VAL A 428 -3.23 -29.46 -7.33
N VAL A 429 -3.12 -30.78 -7.47
CA VAL A 429 -3.02 -31.71 -6.36
C VAL A 429 -1.64 -32.35 -6.44
N THR A 430 -0.80 -32.04 -5.47
CA THR A 430 0.55 -32.57 -5.42
C THR A 430 1.18 -32.27 -4.07
N PRO A 431 1.95 -33.21 -3.52
CA PRO A 431 2.68 -32.94 -2.29
C PRO A 431 4.01 -32.27 -2.52
N ASP A 432 4.41 -32.07 -3.76
CA ASP A 432 5.74 -31.58 -4.07
C ASP A 432 5.74 -30.06 -4.08
N LEU A 433 6.67 -29.47 -3.31
CA LEU A 433 6.77 -28.03 -3.21
C LEU A 433 7.01 -27.39 -4.57
N ASN A 434 8.04 -27.86 -5.28
CA ASN A 434 8.38 -27.24 -6.53
C ASN A 434 7.27 -27.43 -7.56
N ARG A 435 6.70 -28.63 -7.64
CA ARG A 435 5.65 -28.89 -8.61
C ARG A 435 4.44 -28.00 -8.36
N ALA A 436 4.07 -27.81 -7.09
CA ALA A 436 2.86 -27.05 -6.78
C ALA A 436 2.97 -25.60 -7.25
N HIS A 437 4.02 -24.89 -6.81
CA HIS A 437 4.17 -23.49 -7.20
C HIS A 437 4.51 -23.35 -8.68
N ARG A 438 5.35 -24.24 -9.21
CA ARG A 438 5.76 -24.17 -10.61
C ARG A 438 4.56 -24.28 -11.56
N ILE A 439 3.66 -25.23 -11.32
CA ILE A 439 2.51 -25.40 -12.20
C ILE A 439 1.53 -24.24 -12.02
N ILE A 440 1.23 -23.88 -10.77
CA ILE A 440 0.22 -22.84 -10.58
C ILE A 440 0.65 -21.54 -11.24
N HIS A 441 1.94 -21.20 -11.16
CA HIS A 441 2.36 -19.92 -11.74
C HIS A 441 2.18 -19.87 -13.25
N GLN A 442 2.09 -21.02 -13.93
CA GLN A 442 1.89 -21.03 -15.38
C GLN A 442 0.43 -21.09 -15.81
N LEU A 443 -0.51 -21.27 -14.88
CA LEU A 443 -1.90 -21.43 -15.25
C LEU A 443 -2.56 -20.07 -15.44
N GLU A 444 -3.39 -19.97 -16.49
CA GLU A 444 -4.03 -18.70 -16.84
C GLU A 444 -5.41 -18.66 -16.21
N ALA A 445 -5.41 -18.43 -14.89
CA ALA A 445 -6.65 -18.34 -14.13
C ALA A 445 -6.44 -17.41 -12.94
N GLY A 446 -7.52 -16.78 -12.51
CA GLY A 446 -7.45 -15.78 -11.46
C GLY A 446 -7.52 -16.34 -10.06
N ILE A 447 -8.01 -17.57 -9.93
CA ILE A 447 -8.29 -18.21 -8.65
C ILE A 447 -7.68 -19.59 -8.68
N CYS A 448 -6.64 -19.82 -7.88
CA CYS A 448 -5.88 -21.08 -7.93
C CYS A 448 -5.80 -21.73 -6.56
N TRP A 449 -6.10 -23.04 -6.52
CA TRP A 449 -6.14 -23.81 -5.28
C TRP A 449 -5.10 -24.92 -5.34
N ILE A 450 -4.30 -25.04 -4.28
CA ILE A 450 -3.31 -26.11 -4.16
C ILE A 450 -3.80 -27.05 -3.06
N ASN A 451 -4.07 -28.30 -3.45
CA ASN A 451 -4.50 -29.35 -2.51
C ASN A 451 -5.80 -29.01 -1.80
N SER A 452 -6.70 -28.34 -2.50
CA SER A 452 -8.02 -28.00 -1.98
CA SER A 452 -8.01 -27.97 -1.98
C SER A 452 -8.84 -27.47 -3.15
N TRP A 453 -10.08 -27.07 -2.86
CA TRP A 453 -10.93 -26.44 -3.86
C TRP A 453 -12.03 -25.67 -3.16
N GLY A 454 -12.36 -24.49 -3.70
CA GLY A 454 -13.59 -23.81 -3.41
C GLY A 454 -13.52 -22.72 -2.34
N GLU A 455 -12.51 -22.73 -1.49
CA GLU A 455 -12.49 -21.74 -0.41
C GLU A 455 -12.21 -20.36 -0.99
N SER A 456 -13.03 -19.38 -0.60
CA SER A 456 -12.97 -18.03 -1.17
C SER A 456 -12.98 -17.00 -0.03
N PRO A 457 -11.86 -16.85 0.67
CA PRO A 457 -11.84 -15.95 1.83
C PRO A 457 -12.17 -14.51 1.43
N ALA A 458 -12.80 -13.79 2.34
CA ALA A 458 -13.14 -12.38 2.10
C ALA A 458 -11.92 -11.56 1.73
N GLU A 459 -10.75 -11.95 2.23
CA GLU A 459 -9.52 -11.22 1.95
C GLU A 459 -8.98 -11.45 0.54
N MET A 460 -9.43 -12.50 -0.13
CA MET A 460 -8.80 -12.97 -1.35
C MET A 460 -9.52 -12.45 -2.60
N PRO A 461 -8.90 -11.59 -3.41
CA PRO A 461 -9.58 -11.14 -4.65
C PRO A 461 -9.83 -12.33 -5.57
N VAL A 462 -11.03 -12.36 -6.15
CA VAL A 462 -11.44 -13.46 -7.01
C VAL A 462 -12.09 -12.90 -8.27
N GLY A 463 -11.72 -13.46 -9.41
CA GLY A 463 -12.26 -13.03 -10.68
C GLY A 463 -11.51 -13.74 -11.78
N GLY A 464 -11.97 -13.51 -13.01
CA GLY A 464 -11.54 -14.31 -14.14
C GLY A 464 -10.49 -13.66 -15.02
N TYR A 465 -9.63 -14.50 -15.59
CA TYR A 465 -8.82 -14.16 -16.75
C TYR A 465 -9.64 -14.30 -18.03
N LYS A 466 -9.13 -13.72 -19.11
CA LYS A 466 -9.61 -13.98 -20.47
C LYS A 466 -11.12 -13.73 -20.47
N HIS A 467 -11.93 -14.63 -21.01
CA HIS A 467 -13.37 -14.43 -21.19
C HIS A 467 -14.18 -14.77 -19.95
N SER A 468 -13.53 -15.03 -18.82
CA SER A 468 -14.28 -15.35 -17.61
C SER A 468 -14.61 -14.13 -16.76
N GLY A 469 -14.11 -12.95 -17.08
CA GLY A 469 -14.62 -11.79 -16.38
C GLY A 469 -13.79 -10.54 -16.57
N ILE A 470 -14.31 -9.48 -15.98
N ILE A 470 -14.31 -9.47 -15.99
CA ILE A 470 -13.66 -8.17 -15.91
CA ILE A 470 -13.63 -8.18 -15.91
C ILE A 470 -13.65 -7.76 -14.44
C ILE A 470 -13.63 -7.77 -14.46
N GLY A 471 -12.49 -7.36 -13.95
CA GLY A 471 -12.41 -6.93 -12.56
C GLY A 471 -12.37 -8.09 -11.56
N ARG A 472 -12.54 -7.74 -10.28
CA ARG A 472 -12.42 -8.69 -9.20
C ARG A 472 -13.48 -8.37 -8.13
N GLU A 473 -13.73 -9.35 -7.28
CA GLU A 473 -14.55 -9.20 -6.10
C GLU A 473 -13.73 -9.65 -4.90
N ASN A 474 -14.11 -9.14 -3.73
CA ASN A 474 -13.43 -9.41 -2.46
C ASN A 474 -12.03 -8.83 -2.41
N GLY A 475 -11.42 -8.85 -1.23
CA GLY A 475 -10.12 -8.24 -1.04
C GLY A 475 -10.22 -6.73 -0.92
N VAL A 476 -9.10 -6.14 -0.46
CA VAL A 476 -9.02 -4.69 -0.31
CA VAL A 476 -9.05 -4.70 -0.31
C VAL A 476 -9.25 -3.99 -1.65
N MET A 477 -8.72 -4.57 -2.73
CA MET A 477 -8.78 -3.90 -4.02
C MET A 477 -10.21 -3.66 -4.48
N THR A 478 -11.16 -4.53 -4.10
CA THR A 478 -12.53 -4.35 -4.56
C THR A 478 -13.23 -3.20 -3.83
N LEU A 479 -12.85 -2.93 -2.57
CA LEU A 479 -13.31 -1.73 -1.90
C LEU A 479 -12.87 -0.48 -2.67
N GLN A 480 -11.60 -0.45 -3.05
CA GLN A 480 -11.07 0.68 -3.82
C GLN A 480 -11.71 0.77 -5.19
N SER A 481 -12.08 -0.36 -5.78
CA SER A 481 -12.70 -0.37 -7.11
C SER A 481 -14.11 0.21 -7.09
N TYR A 482 -14.72 0.36 -5.91
CA TYR A 482 -16.01 1.04 -5.82
C TYR A 482 -15.85 2.51 -5.44
N THR A 483 -14.64 3.04 -5.53
CA THR A 483 -14.37 4.47 -5.47
C THR A 483 -13.76 4.89 -6.81
N GLN A 484 -13.73 6.21 -7.00
CA GLN A 484 -13.05 6.82 -8.13
C GLN A 484 -12.04 7.83 -7.57
N VAL A 485 -10.87 7.89 -8.19
CA VAL A 485 -9.81 8.76 -7.72
C VAL A 485 -10.03 10.16 -8.28
N LYS A 486 -10.00 11.14 -7.41
CA LYS A 486 -9.90 12.54 -7.79
C LYS A 486 -8.51 12.99 -7.38
N SER A 487 -7.75 13.47 -8.35
CA SER A 487 -6.44 14.06 -8.10
C SER A 487 -6.53 15.58 -8.04
N ILE A 488 -5.94 16.16 -6.99
CA ILE A 488 -6.04 17.59 -6.71
C ILE A 488 -4.64 18.16 -6.57
N GLN A 489 -4.29 19.10 -7.43
CA GLN A 489 -3.01 19.78 -7.33
C GLN A 489 -3.21 21.14 -6.68
N VAL A 490 -2.46 21.40 -5.64
CA VAL A 490 -2.40 22.71 -4.97
C VAL A 490 -1.16 23.42 -5.49
N GLU A 491 -1.33 24.50 -6.24
CA GLU A 491 -0.21 25.27 -6.75
C GLU A 491 -0.08 26.55 -5.93
N MET A 492 0.95 26.60 -5.09
CA MET A 492 1.18 27.75 -4.24
C MET A 492 2.14 28.76 -4.85
N GLY A 493 2.83 28.40 -5.92
CA GLY A 493 3.76 29.28 -6.58
C GLY A 493 3.03 30.10 -7.61
N PRO A 494 3.73 31.05 -8.23
CA PRO A 494 3.10 31.90 -9.24
C PRO A 494 2.92 31.14 -10.56
N PHE A 495 1.72 31.21 -11.10
CA PHE A 495 1.40 30.56 -12.36
C PHE A 495 1.90 31.39 -13.53
N GLN A 496 2.55 30.73 -14.49
CA GLN A 496 3.12 31.37 -15.68
C GLN A 496 2.34 30.97 -16.92
N SER A 497 1.84 31.96 -17.65
CA SER A 497 1.22 31.74 -18.95
C SER A 497 2.19 32.11 -20.06
N ILE A 498 2.13 31.35 -21.15
CA ILE A 498 2.94 31.71 -22.32
C ILE A 498 2.23 32.73 -23.19
N PHE A 499 1.00 33.10 -22.85
CA PHE A 499 0.33 34.20 -23.55
C PHE A 499 0.41 35.45 -22.63
N ARG B 12 52.67 0.62 -0.46
CA ARG B 12 51.63 1.09 0.47
C ARG B 12 51.01 2.38 -0.10
N MET B 13 49.71 2.52 0.11
CA MET B 13 48.96 3.65 -0.43
CA MET B 13 48.97 3.66 -0.44
C MET B 13 49.29 4.93 0.35
N ALA B 14 48.84 6.05 -0.21
CA ALA B 14 48.98 7.33 0.45
C ALA B 14 48.10 7.39 1.69
N GLU B 15 48.48 8.28 2.62
CA GLU B 15 47.66 8.47 3.81
C GLU B 15 46.26 8.90 3.39
N GLN B 16 45.25 8.23 3.96
CA GLN B 16 43.86 8.45 3.62
C GLN B 16 43.24 9.53 4.50
N GLN B 17 42.51 10.45 3.89
CA GLN B 17 41.94 11.57 4.61
C GLN B 17 40.44 11.35 4.84
N LEU B 18 39.83 12.27 5.58
CA LEU B 18 38.38 12.28 5.71
C LEU B 18 37.76 12.82 4.43
N TYR B 19 36.48 12.51 4.23
CA TYR B 19 35.73 13.05 3.09
C TYR B 19 34.56 13.87 3.62
N ILE B 20 34.67 15.19 3.52
CA ILE B 20 33.68 16.11 4.06
C ILE B 20 33.38 17.16 3.02
N HIS B 21 32.10 17.32 2.67
CA HIS B 21 31.63 18.35 1.76
C HIS B 21 32.31 18.26 0.39
N GLY B 22 32.31 17.07 -0.19
CA GLY B 22 32.69 16.87 -1.57
C GLY B 22 34.17 16.95 -1.85
N LYS B 23 35.00 16.78 -0.84
CA LYS B 23 36.44 16.78 -1.04
C LYS B 23 37.09 16.04 0.12
N PHE B 24 38.32 15.58 -0.11
CA PHE B 24 39.12 15.06 0.99
C PHE B 24 39.67 16.21 1.81
N VAL B 25 39.68 16.03 3.14
CA VAL B 25 40.15 17.08 4.03
C VAL B 25 40.89 16.41 5.19
N ALA B 26 41.92 17.09 5.68
CA ALA B 26 42.69 16.56 6.77
C ALA B 26 41.86 16.52 8.05
N ALA B 27 42.06 15.47 8.85
CA ALA B 27 41.46 15.43 10.17
C ALA B 27 42.15 16.44 11.07
N THR B 28 41.41 16.99 12.02
CA THR B 28 41.94 17.89 13.03
C THR B 28 42.25 17.18 14.35
N SER B 29 42.05 15.87 14.42
CA SER B 29 42.24 15.13 15.66
C SER B 29 43.70 14.89 16.01
N GLY B 30 44.60 14.96 15.03
CA GLY B 30 45.98 14.57 15.24
C GLY B 30 46.20 13.08 15.35
N LYS B 31 45.21 12.26 15.00
CA LYS B 31 45.26 10.81 15.19
C LYS B 31 45.13 10.09 13.86
N THR B 32 45.80 8.94 13.79
CA THR B 32 45.73 8.05 12.65
C THR B 32 45.65 6.61 13.15
N PHE B 33 45.32 5.71 12.24
CA PHE B 33 45.38 4.28 12.48
C PHE B 33 45.80 3.61 11.18
N GLU B 34 46.12 2.32 11.27
CA GLU B 34 46.56 1.54 10.12
C GLU B 34 45.54 0.45 9.81
N THR B 35 45.31 0.22 8.52
CA THR B 35 44.58 -0.96 8.07
C THR B 35 45.56 -1.93 7.43
N ILE B 36 45.36 -3.20 7.73
CA ILE B 36 46.30 -4.27 7.37
C ILE B 36 45.74 -5.07 6.21
N ASN B 37 46.64 -5.59 5.37
CA ASN B 37 46.27 -6.59 4.38
C ASN B 37 46.33 -7.94 5.09
N PRO B 38 45.21 -8.61 5.36
CA PRO B 38 45.26 -9.85 6.16
C PRO B 38 45.86 -11.03 5.44
N ALA B 39 46.12 -10.94 4.14
CA ALA B 39 46.82 -12.01 3.45
C ALA B 39 48.33 -11.95 3.65
N THR B 40 48.88 -10.77 4.00
CA THR B 40 50.32 -10.60 4.09
C THR B 40 50.79 -10.02 5.42
N GLY B 41 49.92 -9.42 6.21
CA GLY B 41 50.33 -8.71 7.40
C GLY B 41 50.88 -7.31 7.17
N GLU B 42 50.99 -6.86 5.92
CA GLU B 42 51.55 -5.55 5.62
C GLU B 42 50.53 -4.45 5.81
N VAL B 43 51.03 -3.25 6.14
CA VAL B 43 50.17 -2.09 6.26
C VAL B 43 49.72 -1.66 4.87
N LEU B 44 48.40 -1.66 4.64
CA LEU B 44 47.86 -1.18 3.38
C LEU B 44 47.88 0.35 3.29
N ALA B 45 47.51 1.02 4.38
CA ALA B 45 47.47 2.48 4.37
C ALA B 45 47.42 2.98 5.80
N THR B 46 47.94 4.19 6.00
CA THR B 46 47.68 4.98 7.19
C THR B 46 46.45 5.83 6.93
N VAL B 47 45.54 5.86 7.88
CA VAL B 47 44.23 6.49 7.69
C VAL B 47 44.00 7.48 8.83
N GLN B 48 43.55 8.68 8.48
CA GLN B 48 43.23 9.67 9.49
C GLN B 48 41.92 9.32 10.20
N ALA B 49 41.87 9.64 11.48
CA ALA B 49 40.72 9.32 12.34
C ALA B 49 39.98 10.61 12.66
N ALA B 50 38.67 10.60 12.44
CA ALA B 50 37.88 11.79 12.69
C ALA B 50 37.72 12.02 14.20
N GLY B 51 38.00 13.23 14.65
CA GLY B 51 37.80 13.59 16.04
C GLY B 51 36.43 14.19 16.28
N ARG B 52 36.23 14.66 17.51
CA ARG B 52 34.95 15.26 17.87
C ARG B 52 34.67 16.51 17.03
N GLU B 53 35.68 17.34 16.80
CA GLU B 53 35.47 18.52 15.97
C GLU B 53 35.21 18.15 14.51
N ASP B 54 35.86 17.09 14.02
CA ASP B 54 35.62 16.64 12.65
C ASP B 54 34.19 16.15 12.45
N VAL B 55 33.64 15.45 13.45
CA VAL B 55 32.25 15.02 13.33
C VAL B 55 31.33 16.23 13.26
N ASP B 56 31.57 17.26 14.08
CA ASP B 56 30.73 18.44 14.05
C ASP B 56 30.80 19.15 12.71
N ARG B 57 31.99 19.24 12.12
N ARG B 57 32.00 19.22 12.11
CA ARG B 57 32.09 19.84 10.78
CA ARG B 57 32.12 19.83 10.80
C ARG B 57 31.30 19.02 9.77
C ARG B 57 31.35 19.02 9.75
N ALA B 58 31.42 17.69 9.83
CA ALA B 58 30.69 16.84 8.91
C ALA B 58 29.18 16.98 9.08
N VAL B 59 28.71 17.16 10.33
CA VAL B 59 27.29 17.36 10.54
C VAL B 59 26.84 18.68 9.91
N LYS B 60 27.59 19.76 10.12
CA LYS B 60 27.21 21.04 9.53
C LYS B 60 27.28 21.00 8.00
N SER B 61 28.28 20.31 7.45
CA SER B 61 28.30 20.07 6.01
C SER B 61 27.04 19.31 5.57
N ALA B 62 26.69 18.24 6.30
CA ALA B 62 25.53 17.44 5.93
C ALA B 62 24.23 18.22 6.01
N GLN B 63 24.10 19.08 7.02
CA GLN B 63 22.90 19.90 7.15
C GLN B 63 22.74 20.81 5.93
N GLN B 64 23.84 21.38 5.47
CA GLN B 64 23.80 22.27 4.31
C GLN B 64 23.46 21.50 3.04
N GLY B 65 24.16 20.38 2.80
CA GLY B 65 23.92 19.61 1.59
C GLY B 65 22.53 19.00 1.57
N GLN B 66 22.04 18.54 2.72
CA GLN B 66 20.74 17.90 2.75
C GLN B 66 19.65 18.83 2.23
N LYS B 67 19.72 20.12 2.56
CA LYS B 67 18.69 21.05 2.10
C LYS B 67 18.69 21.18 0.58
N VAL B 68 19.88 21.25 -0.02
CA VAL B 68 20.00 21.26 -1.48
C VAL B 68 19.38 20.00 -2.08
N TRP B 69 19.76 18.85 -1.53
CA TRP B 69 19.32 17.55 -2.03
C TRP B 69 17.82 17.38 -1.92
N ALA B 70 17.23 17.79 -0.79
CA ALA B 70 15.81 17.61 -0.57
C ALA B 70 14.96 18.58 -1.40
N ALA B 71 15.53 19.69 -1.83
CA ALA B 71 14.80 20.67 -2.62
C ALA B 71 14.70 20.27 -4.09
N MET B 72 15.52 19.34 -4.55
CA MET B 72 15.44 18.85 -5.92
C MET B 72 14.17 18.05 -6.15
N SER B 73 13.83 17.84 -7.42
CA SER B 73 12.71 16.96 -7.69
C SER B 73 13.08 15.52 -7.37
N ALA B 74 12.05 14.70 -7.14
CA ALA B 74 12.26 13.29 -6.86
C ALA B 74 13.03 12.64 -8.00
N MET B 75 12.67 12.97 -9.25
CA MET B 75 13.33 12.34 -10.39
C MET B 75 14.75 12.89 -10.57
N ALA B 76 15.01 14.14 -10.21
CA ALA B 76 16.39 14.62 -10.25
C ALA B 76 17.29 13.80 -9.32
N ARG B 77 16.80 13.49 -8.11
CA ARG B 77 17.53 12.64 -7.19
C ARG B 77 17.70 11.24 -7.76
N SER B 78 16.63 10.70 -8.35
CA SER B 78 16.68 9.38 -8.97
CA SER B 78 16.70 9.37 -8.96
C SER B 78 17.80 9.32 -10.02
N ARG B 79 17.87 10.34 -10.87
CA ARG B 79 18.89 10.33 -11.92
C ARG B 79 20.30 10.39 -11.35
N ILE B 80 20.53 11.15 -10.29
CA ILE B 80 21.86 11.22 -9.71
C ILE B 80 22.25 9.86 -9.10
N LEU B 81 21.34 9.23 -8.37
CA LEU B 81 21.69 7.93 -7.81
C LEU B 81 21.91 6.91 -8.92
N ARG B 82 21.12 6.98 -10.01
CA ARG B 82 21.36 6.08 -11.14
C ARG B 82 22.73 6.31 -11.79
N LYS B 83 23.22 7.56 -11.84
CA LYS B 83 24.57 7.80 -12.39
C LYS B 83 25.64 7.17 -11.50
N ALA B 84 25.44 7.19 -10.19
CA ALA B 84 26.37 6.52 -9.29
C ALA B 84 26.36 5.01 -9.51
N VAL B 85 25.17 4.43 -9.72
CA VAL B 85 25.09 3.03 -10.10
C VAL B 85 25.93 2.77 -11.35
N ASP B 86 25.76 3.61 -12.38
CA ASP B 86 26.49 3.40 -13.64
C ASP B 86 28.00 3.38 -13.39
N ILE B 87 28.49 4.28 -12.55
CA ILE B 87 29.92 4.33 -12.27
C ILE B 87 30.36 3.09 -11.50
N LEU B 88 29.55 2.66 -10.54
CA LEU B 88 29.89 1.47 -9.76
C LEU B 88 30.00 0.25 -10.65
N ARG B 89 29.10 0.11 -11.63
CA ARG B 89 29.24 -0.99 -12.56
C ARG B 89 30.55 -0.91 -13.31
N GLU B 90 30.92 0.28 -13.79
CA GLU B 90 32.14 0.41 -14.59
C GLU B 90 33.41 0.19 -13.77
N ARG B 91 33.40 0.56 -12.49
N ARG B 91 33.40 0.57 -12.49
CA ARG B 91 34.56 0.40 -11.63
CA ARG B 91 34.56 0.41 -11.63
C ARG B 91 34.47 -0.84 -10.77
C ARG B 91 34.48 -0.84 -10.77
N ASN B 92 33.65 -1.81 -11.17
CA ASN B 92 33.45 -3.00 -10.35
C ASN B 92 34.78 -3.71 -10.06
N ASP B 93 35.59 -3.93 -11.10
CA ASP B 93 36.81 -4.71 -10.90
C ASP B 93 37.83 -3.93 -10.05
N GLU B 94 37.95 -2.61 -10.28
CA GLU B 94 38.87 -1.81 -9.47
C GLU B 94 38.45 -1.84 -8.00
N LEU B 95 37.17 -1.63 -7.73
CA LEU B 95 36.68 -1.63 -6.36
C LEU B 95 36.78 -3.02 -5.73
N ALA B 96 36.50 -4.07 -6.49
CA ALA B 96 36.60 -5.43 -5.94
C ALA B 96 38.00 -5.76 -5.48
N ARG B 97 39.02 -5.34 -6.25
CA ARG B 97 40.41 -5.61 -5.87
C ARG B 97 40.79 -4.89 -4.59
N LEU B 98 40.35 -3.64 -4.45
CA LEU B 98 40.62 -2.90 -3.21
C LEU B 98 39.96 -3.59 -2.02
N GLU B 99 38.71 -4.03 -2.20
CA GLU B 99 38.02 -4.73 -1.12
C GLU B 99 38.73 -6.02 -0.75
N THR B 100 39.24 -6.75 -1.75
CA THR B 100 39.99 -7.97 -1.45
C THR B 100 41.26 -7.66 -0.65
N LEU B 101 41.98 -6.61 -1.03
CA LEU B 101 43.18 -6.25 -0.30
C LEU B 101 42.85 -5.89 1.14
N ASP B 102 41.74 -5.18 1.35
CA ASP B 102 41.41 -4.65 2.66
C ASP B 102 40.75 -5.70 3.55
N THR B 103 40.01 -6.65 2.97
CA THR B 103 39.22 -7.62 3.74
C THR B 103 39.77 -9.03 3.74
N GLY B 104 40.58 -9.40 2.76
CA GLY B 104 41.01 -10.77 2.59
C GLY B 104 40.02 -11.66 1.87
N LYS B 105 38.90 -11.11 1.43
CA LYS B 105 37.96 -11.96 0.72
C LYS B 105 38.42 -12.20 -0.72
N PRO B 106 38.27 -13.43 -1.21
CA PRO B 106 38.73 -13.74 -2.57
C PRO B 106 38.09 -12.82 -3.61
N LEU B 107 38.87 -12.48 -4.63
CA LEU B 107 38.35 -11.69 -5.73
C LEU B 107 37.19 -12.39 -6.42
N SER B 108 37.20 -13.73 -6.40
CA SER B 108 36.05 -14.46 -6.95
C SER B 108 34.76 -14.12 -6.22
N GLU B 109 34.83 -13.64 -4.97
CA GLU B 109 33.68 -13.14 -4.24
C GLU B 109 33.45 -11.65 -4.47
N THR B 110 34.49 -10.84 -4.24
CA THR B 110 34.31 -9.40 -4.26
C THR B 110 33.90 -8.88 -5.64
N ALA B 111 34.41 -9.47 -6.70
CA ALA B 111 34.06 -9.02 -8.05
C ALA B 111 32.70 -9.50 -8.51
N ALA B 112 32.11 -10.48 -7.84
CA ALA B 112 30.83 -11.03 -8.22
C ALA B 112 29.68 -10.61 -7.33
N VAL B 113 29.94 -10.24 -6.07
CA VAL B 113 28.90 -10.06 -5.07
C VAL B 113 28.92 -8.66 -4.48
N ASP B 114 30.09 -8.23 -3.98
CA ASP B 114 30.12 -7.07 -3.07
C ASP B 114 29.61 -5.81 -3.73
N ILE B 115 30.24 -5.37 -4.81
CA ILE B 115 29.77 -4.17 -5.49
C ILE B 115 28.50 -4.45 -6.28
N VAL B 116 28.41 -5.63 -6.91
CA VAL B 116 27.24 -5.93 -7.74
C VAL B 116 25.97 -5.80 -6.91
N THR B 117 25.92 -6.43 -5.73
CA THR B 117 24.70 -6.38 -4.92
C THR B 117 24.57 -5.06 -4.16
N GLY B 118 25.70 -4.39 -3.84
CA GLY B 118 25.60 -3.04 -3.30
C GLY B 118 24.97 -2.10 -4.30
N ALA B 119 25.43 -2.14 -5.55
CA ALA B 119 24.85 -1.29 -6.59
C ALA B 119 23.42 -1.70 -6.93
N ASP B 120 23.09 -2.98 -6.80
CA ASP B 120 21.72 -3.42 -7.04
C ASP B 120 20.76 -2.69 -6.11
N VAL B 121 21.16 -2.53 -4.84
CA VAL B 121 20.28 -1.88 -3.88
C VAL B 121 20.16 -0.38 -4.17
N LEU B 122 21.28 0.26 -4.55
CA LEU B 122 21.22 1.67 -4.92
C LEU B 122 20.31 1.88 -6.14
N GLU B 123 20.45 1.03 -7.14
CA GLU B 123 19.62 1.10 -8.34
C GLU B 123 18.15 0.91 -8.00
N TYR B 124 17.85 -0.06 -7.12
CA TYR B 124 16.48 -0.29 -6.66
C TYR B 124 15.88 0.95 -6.02
N TYR B 125 16.59 1.55 -5.04
CA TYR B 125 16.02 2.69 -4.35
C TYR B 125 15.94 3.92 -5.26
N ALA B 126 16.89 4.07 -6.19
CA ALA B 126 16.83 5.21 -7.12
C ALA B 126 15.49 5.25 -7.86
N GLY B 127 15.02 4.10 -8.34
CA GLY B 127 13.76 4.05 -9.06
C GLY B 127 12.53 4.22 -8.18
N LEU B 128 12.63 3.97 -6.88
CA LEU B 128 11.46 4.05 -6.00
C LEU B 128 11.20 5.46 -5.48
N ILE B 129 12.15 6.39 -5.62
CA ILE B 129 11.95 7.73 -5.06
C ILE B 129 10.64 8.37 -5.50
N PRO B 130 10.24 8.33 -6.79
CA PRO B 130 8.99 8.99 -7.18
C PRO B 130 7.74 8.36 -6.58
N ALA B 131 7.86 7.15 -6.06
CA ALA B 131 6.74 6.42 -5.47
C ALA B 131 6.60 6.64 -3.99
N LEU B 132 7.50 7.41 -3.38
CA LEU B 132 7.43 7.74 -1.96
C LEU B 132 6.33 8.77 -1.75
N GLU B 133 5.22 8.36 -1.12
CA GLU B 133 4.00 9.13 -1.03
C GLU B 133 3.49 9.15 0.42
N GLY B 134 2.85 10.24 0.79
CA GLY B 134 2.03 10.31 1.99
C GLY B 134 0.61 9.84 1.74
N SER B 135 -0.27 10.14 2.70
CA SER B 135 -1.66 9.72 2.65
CA SER B 135 -1.67 9.71 2.63
C SER B 135 -2.60 10.92 2.75
N GLN B 136 -3.87 10.67 2.47
CA GLN B 136 -4.95 11.63 2.67
C GLN B 136 -6.11 10.86 3.26
N ILE B 137 -6.68 11.39 4.34
CA ILE B 137 -7.73 10.75 5.13
C ILE B 137 -8.91 11.70 5.27
N PRO B 138 -10.07 11.42 4.69
CA PRO B 138 -11.22 12.30 4.89
C PRO B 138 -11.83 12.05 6.26
N LEU B 139 -12.04 13.12 7.01
CA LEU B 139 -12.71 12.98 8.30
C LEU B 139 -14.20 13.26 8.19
N ARG B 140 -14.55 14.27 7.43
CA ARG B 140 -15.92 14.75 7.32
C ARG B 140 -15.88 15.79 6.22
N ASP B 141 -17.06 16.23 5.79
CA ASP B 141 -17.06 17.16 4.67
C ASP B 141 -16.20 18.39 4.95
N SER B 142 -16.14 18.83 6.21
CA SER B 142 -15.47 20.07 6.56
C SER B 142 -14.05 19.88 7.07
N SER B 143 -13.51 18.67 7.02
CA SER B 143 -12.16 18.46 7.51
C SER B 143 -11.54 17.23 6.89
N PHE B 144 -10.24 17.33 6.61
CA PHE B 144 -9.49 16.17 6.14
C PHE B 144 -8.07 16.27 6.70
N VAL B 145 -7.38 15.13 6.65
CA VAL B 145 -5.98 15.01 7.04
C VAL B 145 -5.17 14.59 5.83
N TYR B 146 -3.95 15.13 5.71
CA TYR B 146 -2.95 14.57 4.81
C TYR B 146 -1.62 14.44 5.53
N THR B 147 -0.80 13.51 5.05
CA THR B 147 0.50 13.26 5.65
C THR B 147 1.60 13.51 4.63
N ARG B 148 2.73 13.94 5.15
CA ARG B 148 3.97 14.05 4.40
C ARG B 148 4.99 13.07 4.96
N ARG B 149 5.78 12.48 4.08
CA ARG B 149 6.93 11.66 4.46
C ARG B 149 8.17 12.52 4.30
N GLU B 150 8.59 13.14 5.38
CA GLU B 150 9.68 14.11 5.33
C GLU B 150 11.02 13.45 5.63
N PRO B 151 12.10 13.98 5.07
CA PRO B 151 13.41 13.49 5.44
C PRO B 151 13.67 13.66 6.94
N LEU B 152 14.39 12.70 7.50
CA LEU B 152 14.86 12.84 8.87
C LEU B 152 15.87 13.98 9.01
N GLY B 153 16.66 14.23 7.98
CA GLY B 153 17.71 15.23 8.05
C GLY B 153 19.07 14.63 7.86
N VAL B 154 19.88 14.60 8.92
CA VAL B 154 21.21 14.01 8.89
C VAL B 154 21.18 12.70 9.67
N VAL B 155 21.57 11.61 9.02
CA VAL B 155 21.59 10.28 9.62
C VAL B 155 23.02 9.77 9.58
N ALA B 156 23.32 8.79 10.41
CA ALA B 156 24.65 8.23 10.49
C ALA B 156 24.59 6.73 10.26
N GLY B 157 25.55 6.23 9.51
CA GLY B 157 25.71 4.80 9.31
C GLY B 157 27.06 4.38 9.85
N ILE B 158 27.07 3.24 10.52
CA ILE B 158 28.29 2.67 11.08
C ILE B 158 28.45 1.28 10.50
N GLY B 159 29.52 1.08 9.74
CA GLY B 159 29.67 -0.14 8.98
C GLY B 159 30.48 -1.20 9.72
N ALA B 160 30.45 -2.40 9.16
CA ALA B 160 31.23 -3.52 9.67
C ALA B 160 32.27 -3.90 8.62
N TRP B 161 33.17 -4.80 9.01
CA TRP B 161 34.33 -5.09 8.17
C TRP B 161 34.15 -6.26 7.22
N ASN B 162 33.04 -7.00 7.27
CA ASN B 162 32.98 -8.19 6.43
C ASN B 162 32.50 -7.87 5.02
N TYR B 163 31.62 -6.88 4.87
CA TYR B 163 31.13 -6.45 3.55
C TYR B 163 31.16 -4.93 3.50
N PRO B 164 32.37 -4.35 3.45
CA PRO B 164 32.49 -2.89 3.67
C PRO B 164 31.71 -2.04 2.68
N ILE B 165 31.91 -2.24 1.38
CA ILE B 165 31.24 -1.31 0.45
C ILE B 165 29.77 -1.69 0.28
N GLN B 166 29.42 -2.96 0.36
CA GLN B 166 28.01 -3.35 0.33
C GLN B 166 27.24 -2.72 1.50
N ILE B 167 27.81 -2.78 2.69
CA ILE B 167 27.14 -2.20 3.84
C ILE B 167 26.99 -0.70 3.64
N ALA B 168 28.03 -0.04 3.14
CA ALA B 168 27.96 1.39 2.87
C ALA B 168 26.86 1.70 1.85
N LEU B 169 26.69 0.85 0.83
CA LEU B 169 25.63 1.10 -0.15
C LEU B 169 24.24 0.77 0.40
N TRP B 170 24.14 -0.32 1.17
CA TRP B 170 22.84 -0.69 1.69
C TRP B 170 22.32 0.32 2.70
N LYS B 171 23.21 1.03 3.39
CA LYS B 171 22.76 2.07 4.30
C LYS B 171 22.53 3.40 3.59
N SER B 172 23.47 3.82 2.75
CA SER B 172 23.39 5.12 2.12
C SER B 172 22.30 5.18 1.05
N ALA B 173 22.04 4.07 0.34
CA ALA B 173 21.04 4.13 -0.73
C ALA B 173 19.66 4.54 -0.23
N PRO B 174 19.04 3.86 0.74
CA PRO B 174 17.71 4.32 1.19
C PRO B 174 17.75 5.67 1.89
N ALA B 175 18.83 5.94 2.63
CA ALA B 175 18.97 7.22 3.34
C ALA B 175 18.98 8.39 2.35
N LEU B 176 19.80 8.29 1.30
CA LEU B 176 19.86 9.32 0.28
C LEU B 176 18.57 9.37 -0.53
N ALA B 177 18.01 8.20 -0.88
CA ALA B 177 16.79 8.17 -1.67
C ALA B 177 15.62 8.80 -0.93
N ALA B 178 15.62 8.73 0.39
CA ALA B 178 14.57 9.34 1.20
C ALA B 178 14.80 10.83 1.44
N GLY B 179 15.86 11.40 0.90
CA GLY B 179 16.14 12.81 0.99
C GLY B 179 17.05 13.25 2.12
N ASN B 180 17.73 12.32 2.79
CA ASN B 180 18.66 12.63 3.87
C ASN B 180 20.09 12.74 3.36
N ALA B 181 20.93 13.38 4.17
CA ALA B 181 22.37 13.24 4.10
C ALA B 181 22.76 12.16 5.10
N MET B 182 23.81 11.41 4.77
CA MET B 182 24.34 10.38 5.67
C MET B 182 25.83 10.63 5.92
N ILE B 183 26.21 10.56 7.18
CA ILE B 183 27.61 10.50 7.56
C ILE B 183 27.94 9.04 7.85
N PHE B 184 28.94 8.49 7.17
CA PHE B 184 29.21 7.07 7.26
C PHE B 184 30.57 6.81 7.88
N LYS B 185 30.60 5.96 8.90
CA LYS B 185 31.86 5.56 9.51
C LYS B 185 32.13 4.10 9.18
N PRO B 186 33.09 3.81 8.31
CA PRO B 186 33.45 2.41 8.06
C PRO B 186 34.20 1.84 9.25
N SER B 187 34.24 0.50 9.30
CA SER B 187 35.07 -0.18 10.30
C SER B 187 36.53 0.22 10.12
N GLU B 188 37.24 0.39 11.25
CA GLU B 188 38.68 0.69 11.18
C GLU B 188 39.47 -0.43 10.52
N VAL B 189 38.92 -1.65 10.50
CA VAL B 189 39.58 -2.78 9.85
C VAL B 189 39.55 -2.63 8.34
N THR B 190 38.53 -1.94 7.80
CA THR B 190 38.26 -1.93 6.36
C THR B 190 37.71 -0.57 5.96
N PRO B 191 38.51 0.49 6.05
CA PRO B 191 38.02 1.84 5.76
C PRO B 191 38.11 2.28 4.32
N LEU B 192 38.77 1.52 3.45
CA LEU B 192 39.23 2.10 2.19
C LEU B 192 38.11 2.25 1.15
N THR B 193 37.22 1.27 1.00
CA THR B 193 36.27 1.37 -0.11
C THR B 193 35.21 2.44 0.15
N ALA B 194 34.89 2.73 1.43
CA ALA B 194 33.93 3.78 1.68
C ALA B 194 34.43 5.13 1.19
N LEU B 195 35.74 5.37 1.28
CA LEU B 195 36.28 6.61 0.74
C LEU B 195 36.15 6.67 -0.78
N LYS B 196 36.33 5.54 -1.47
CA LYS B 196 36.10 5.51 -2.92
C LYS B 196 34.64 5.80 -3.25
N LEU B 197 33.72 5.22 -2.47
CA LEU B 197 32.30 5.45 -2.73
C LEU B 197 31.95 6.93 -2.64
N ALA B 198 32.54 7.63 -1.66
CA ALA B 198 32.26 9.05 -1.51
C ALA B 198 32.65 9.82 -2.76
N GLU B 199 33.82 9.50 -3.33
CA GLU B 199 34.23 10.16 -4.56
C GLU B 199 33.25 9.89 -5.69
N ILE B 200 32.77 8.64 -5.77
CA ILE B 200 31.85 8.24 -6.83
C ILE B 200 30.54 9.01 -6.72
N TYR B 201 30.00 9.15 -5.51
CA TYR B 201 28.77 9.92 -5.34
C TYR B 201 28.95 11.34 -5.87
N ARG B 202 30.06 11.99 -5.55
CA ARG B 202 30.27 13.35 -6.04
C ARG B 202 30.33 13.38 -7.56
N GLU B 203 31.05 12.43 -8.15
CA GLU B 203 31.14 12.34 -9.59
C GLU B 203 29.77 12.19 -10.24
N ALA B 204 28.85 11.49 -9.58
CA ALA B 204 27.51 11.28 -10.10
C ALA B 204 26.63 12.51 -9.97
N GLY B 205 27.08 13.51 -9.22
CA GLY B 205 26.33 14.73 -9.02
C GLY B 205 25.67 14.87 -7.67
N LEU B 206 25.99 14.00 -6.72
CA LEU B 206 25.44 14.15 -5.38
C LEU B 206 25.89 15.49 -4.80
N PRO B 207 24.98 16.32 -4.26
CA PRO B 207 25.40 17.62 -3.74
C PRO B 207 26.42 17.48 -2.62
N ASP B 208 27.33 18.45 -2.55
CA ASP B 208 28.36 18.41 -1.52
C ASP B 208 27.72 18.33 -0.14
N GLY B 209 28.26 17.44 0.69
CA GLY B 209 27.78 17.23 2.03
C GLY B 209 26.75 16.13 2.20
N VAL B 210 26.17 15.63 1.11
CA VAL B 210 25.09 14.68 1.31
C VAL B 210 25.63 13.31 1.75
N PHE B 211 26.83 12.93 1.33
CA PHE B 211 27.50 11.71 1.80
C PHE B 211 28.93 12.06 2.20
N ASN B 212 29.15 12.13 3.52
CA ASN B 212 30.46 12.34 4.11
C ASN B 212 30.95 11.05 4.75
N VAL B 213 32.25 10.80 4.70
CA VAL B 213 32.84 9.57 5.23
C VAL B 213 33.92 9.92 6.24
N LEU B 214 33.79 9.38 7.46
CA LEU B 214 34.70 9.65 8.57
C LEU B 214 35.31 8.34 9.03
N PRO B 215 36.48 7.97 8.53
CA PRO B 215 37.19 6.84 9.13
C PRO B 215 37.54 7.16 10.57
N GLY B 216 37.67 6.10 11.35
CA GLY B 216 38.04 6.24 12.74
C GLY B 216 37.77 4.95 13.50
N ILE B 217 37.96 5.04 14.80
CA ILE B 217 37.77 3.95 15.75
C ILE B 217 36.35 3.99 16.29
N GLY B 218 35.80 2.81 16.58
CA GLY B 218 34.46 2.75 17.13
C GLY B 218 34.34 3.52 18.44
N ALA B 219 35.30 3.32 19.34
CA ALA B 219 35.26 3.93 20.66
C ALA B 219 35.37 5.45 20.61
N GLU B 220 35.89 6.03 19.52
CA GLU B 220 35.99 7.47 19.43
C GLU B 220 35.09 8.03 18.33
N THR B 221 35.42 7.79 17.06
CA THR B 221 34.63 8.38 15.99
C THR B 221 33.20 7.86 16.03
N GLY B 222 33.02 6.56 16.24
CA GLY B 222 31.68 6.02 16.25
C GLY B 222 30.85 6.61 17.38
N GLN B 223 31.44 6.70 18.57
CA GLN B 223 30.73 7.27 19.70
C GLN B 223 30.42 8.74 19.47
N TYR B 224 31.36 9.49 18.88
CA TYR B 224 31.08 10.90 18.63
C TYR B 224 29.88 11.05 17.72
N LEU B 225 29.76 10.17 16.72
CA LEU B 225 28.59 10.18 15.83
C LEU B 225 27.31 9.83 16.59
N THR B 226 27.32 8.75 17.38
CA THR B 226 26.11 8.32 18.07
C THR B 226 25.65 9.36 19.09
N GLU B 227 26.55 10.21 19.55
CA GLU B 227 26.21 11.20 20.57
C GLU B 227 25.83 12.56 20.02
N HIS B 228 26.05 12.83 18.74
CA HIS B 228 25.89 14.19 18.25
C HIS B 228 24.42 14.60 18.29
N PRO B 229 24.09 15.77 18.83
CA PRO B 229 22.68 16.11 19.01
C PRO B 229 21.89 16.30 17.72
N ASP B 230 22.54 16.60 16.60
CA ASP B 230 21.81 16.95 15.37
C ASP B 230 21.76 15.80 14.38
N ILE B 231 22.13 14.59 14.79
CA ILE B 231 21.98 13.39 13.97
C ILE B 231 20.69 12.71 14.43
N ALA B 232 19.80 12.43 13.47
CA ALA B 232 18.44 12.01 13.78
C ALA B 232 18.28 10.51 13.85
N LYS B 233 19.21 9.75 13.28
CA LYS B 233 19.06 8.30 13.21
C LYS B 233 20.43 7.67 13.05
N ILE B 234 20.62 6.51 13.67
CA ILE B 234 21.85 5.71 13.53
C ILE B 234 21.44 4.39 12.92
N SER B 235 22.15 3.94 11.89
CA SER B 235 22.00 2.60 11.36
C SER B 235 23.32 1.84 11.53
N PHE B 236 23.27 0.72 12.23
CA PHE B 236 24.46 0.07 12.75
C PHE B 236 24.49 -1.37 12.30
N THR B 237 25.65 -1.84 11.83
CA THR B 237 25.88 -3.26 11.56
C THR B 237 27.12 -3.71 12.31
N GLY B 238 27.01 -4.84 13.01
CA GLY B 238 28.16 -5.36 13.74
C GLY B 238 27.76 -6.42 14.74
N GLY B 239 28.54 -6.51 15.83
CA GLY B 239 28.29 -7.48 16.88
C GLY B 239 27.41 -6.94 18.00
N VAL B 240 26.92 -7.87 18.83
CA VAL B 240 26.03 -7.50 19.93
C VAL B 240 26.71 -6.55 20.91
N ALA B 241 27.98 -6.83 21.23
CA ALA B 241 28.66 -6.05 22.25
C ALA B 241 28.72 -4.57 21.88
N SER B 242 29.11 -4.27 20.63
CA SER B 242 29.17 -2.88 20.20
C SER B 242 27.77 -2.30 20.01
N GLY B 243 26.82 -3.12 19.57
CA GLY B 243 25.45 -2.64 19.42
C GLY B 243 24.87 -2.11 20.73
N LYS B 244 25.15 -2.80 21.83
CA LYS B 244 24.74 -2.29 23.14
C LYS B 244 25.38 -0.95 23.44
N LYS B 245 26.68 -0.83 23.14
CA LYS B 245 27.36 0.45 23.34
C LYS B 245 26.71 1.54 22.51
N VAL B 246 26.39 1.25 21.24
CA VAL B 246 25.75 2.23 20.37
C VAL B 246 24.37 2.61 20.92
N MET B 247 23.59 1.60 21.31
CA MET B 247 22.25 1.89 21.83
C MET B 247 22.31 2.75 23.07
N ALA B 248 23.20 2.41 24.01
CA ALA B 248 23.27 3.17 25.25
C ALA B 248 23.65 4.63 24.96
N ASN B 249 24.71 4.84 24.20
CA ASN B 249 25.18 6.20 23.97
C ASN B 249 24.18 7.00 23.15
N SER B 250 23.50 6.35 22.20
CA SER B 250 22.50 7.06 21.40
C SER B 250 21.37 7.56 22.28
N ALA B 251 20.98 6.77 23.29
CA ALA B 251 19.90 7.17 24.16
C ALA B 251 20.34 8.26 25.14
N ALA B 252 21.51 8.06 25.75
CA ALA B 252 21.98 9.00 26.77
C ALA B 252 22.15 10.41 26.19
N SER B 253 22.56 10.52 24.93
CA SER B 253 22.93 11.83 24.40
C SER B 253 21.72 12.60 23.89
N SER B 254 21.08 12.09 22.85
CA SER B 254 19.97 12.74 22.20
C SER B 254 19.13 11.65 21.58
N LEU B 255 17.84 11.65 21.87
CA LEU B 255 16.97 10.62 21.34
C LEU B 255 17.16 10.51 19.84
N LYS B 256 17.48 9.29 19.38
CA LYS B 256 17.69 9.01 17.97
C LYS B 256 17.02 7.69 17.65
N GLU B 257 16.41 7.60 16.48
CA GLU B 257 16.03 6.30 15.94
CA GLU B 257 16.03 6.29 15.98
C GLU B 257 17.30 5.47 15.74
N VAL B 258 17.27 4.21 16.13
CA VAL B 258 18.43 3.33 15.95
C VAL B 258 17.96 2.05 15.26
N THR B 259 18.68 1.66 14.21
CA THR B 259 18.51 0.40 13.50
C THR B 259 19.79 -0.41 13.64
N MET B 260 19.65 -1.71 13.88
CA MET B 260 20.80 -2.57 14.15
C MET B 260 20.64 -3.93 13.48
N GLU B 261 21.69 -4.39 12.80
N GLU B 261 21.72 -4.40 12.85
CA GLU B 261 21.79 -5.77 12.36
CA GLU B 261 21.79 -5.77 12.33
C GLU B 261 23.01 -6.37 13.02
C GLU B 261 23.02 -6.41 12.96
N LEU B 262 22.79 -7.42 13.82
CA LEU B 262 23.81 -7.87 14.77
C LEU B 262 24.24 -9.34 14.63
N GLY B 263 24.06 -9.96 13.48
CA GLY B 263 24.51 -11.34 13.40
C GLY B 263 23.60 -12.32 14.14
N GLY B 264 24.04 -13.57 14.20
CA GLY B 264 23.19 -14.57 14.79
C GLY B 264 23.87 -15.92 14.89
N LYS B 265 23.06 -16.92 15.19
CA LYS B 265 23.48 -18.32 15.18
C LYS B 265 22.40 -19.09 14.45
N SER B 266 22.39 -18.93 13.15
CA SER B 266 21.20 -19.27 12.36
C SER B 266 21.15 -20.78 12.10
N PRO B 267 19.97 -21.39 12.22
CA PRO B 267 19.86 -22.83 12.01
C PRO B 267 19.51 -23.19 10.58
N LEU B 268 20.13 -24.27 10.11
CA LEU B 268 19.83 -24.90 8.83
C LEU B 268 19.24 -26.27 9.14
N ILE B 269 17.99 -26.48 8.78
CA ILE B 269 17.29 -27.71 9.11
C ILE B 269 17.21 -28.57 7.86
N ILE B 270 17.82 -29.75 7.91
N ILE B 270 17.85 -29.73 7.91
CA ILE B 270 17.76 -30.73 6.83
CA ILE B 270 17.76 -30.72 6.83
C ILE B 270 16.66 -31.72 7.17
C ILE B 270 16.64 -31.69 7.19
N ALA B 271 15.62 -31.76 6.34
CA ALA B 271 14.51 -32.67 6.57
C ALA B 271 14.87 -34.11 6.19
N GLU B 272 14.09 -35.06 6.69
CA GLU B 272 14.37 -36.46 6.41
C GLU B 272 14.19 -36.83 4.95
N ASP B 273 13.43 -36.04 4.18
CA ASP B 273 13.22 -36.35 2.77
C ASP B 273 14.13 -35.53 1.87
N ALA B 274 15.13 -34.87 2.44
CA ALA B 274 16.01 -34.02 1.65
C ALA B 274 17.05 -34.85 0.92
N ASN B 275 17.37 -34.42 -0.30
CA ASN B 275 18.52 -34.94 -1.03
C ASN B 275 19.78 -34.48 -0.31
N LEU B 276 20.65 -35.42 0.07
CA LEU B 276 21.77 -35.05 0.93
C LEU B 276 22.88 -34.33 0.17
N ASP B 277 22.97 -34.52 -1.15
CA ASP B 277 23.90 -33.71 -1.94
C ASP B 277 23.45 -32.26 -1.93
N LEU B 278 22.15 -32.01 -2.10
CA LEU B 278 21.63 -30.65 -2.02
C LEU B 278 21.84 -30.06 -0.63
N ALA B 279 21.55 -30.85 0.42
CA ALA B 279 21.72 -30.38 1.78
C ALA B 279 23.16 -30.00 2.06
N ALA B 280 24.10 -30.84 1.60
CA ALA B 280 25.52 -30.57 1.82
C ALA B 280 25.96 -29.32 1.09
N ASP B 281 25.50 -29.14 -0.15
CA ASP B 281 25.84 -27.94 -0.91
C ASP B 281 25.31 -26.70 -0.20
N ILE B 282 24.08 -26.75 0.29
CA ILE B 282 23.51 -25.62 1.02
C ILE B 282 24.31 -25.36 2.28
N ALA B 283 24.64 -26.43 3.02
CA ALA B 283 25.40 -26.28 4.25
C ALA B 283 26.76 -25.65 3.99
N MET B 284 27.44 -26.09 2.92
CA MET B 284 28.72 -25.47 2.56
C MET B 284 28.56 -23.98 2.28
N MET B 285 27.57 -23.61 1.45
CA MET B 285 27.39 -22.19 1.15
C MET B 285 26.94 -21.40 2.36
N ALA B 286 26.30 -22.05 3.34
CA ALA B 286 25.87 -21.36 4.53
C ALA B 286 26.97 -21.21 5.59
N ASN B 287 28.16 -21.78 5.39
CA ASN B 287 29.17 -21.76 6.44
C ASN B 287 30.54 -21.24 6.01
N PHE B 288 30.93 -21.40 4.74
CA PHE B 288 32.31 -21.13 4.37
C PHE B 288 32.47 -20.02 3.35
N TYR B 289 31.39 -19.35 2.93
CA TYR B 289 31.54 -18.17 2.08
C TYR B 289 32.12 -17.02 2.89
N SER B 290 32.98 -16.23 2.24
CA SER B 290 33.68 -15.15 2.95
C SER B 290 34.38 -15.69 4.19
N SER B 291 34.88 -16.92 4.09
CA SER B 291 35.58 -17.59 5.19
C SER B 291 34.76 -17.61 6.47
N GLY B 292 33.44 -17.76 6.32
CA GLY B 292 32.55 -17.87 7.45
C GLY B 292 32.20 -16.56 8.11
N GLN B 293 32.57 -15.43 7.50
CA GLN B 293 32.36 -14.12 8.10
C GLN B 293 31.10 -13.47 7.52
N VAL B 294 29.97 -14.16 7.66
CA VAL B 294 28.69 -13.68 7.14
C VAL B 294 27.67 -13.73 8.26
N CYS B 295 26.92 -12.63 8.42
CA CYS B 295 26.01 -12.49 9.55
C CYS B 295 24.93 -13.56 9.53
N THR B 296 24.49 -13.96 8.34
CA THR B 296 23.36 -14.87 8.18
C THR B 296 23.76 -16.33 8.14
N ASN B 297 25.02 -16.67 8.39
CA ASN B 297 25.48 -18.03 8.16
C ASN B 297 24.70 -19.04 9.01
N GLY B 298 24.44 -20.20 8.39
CA GLY B 298 23.70 -21.28 9.01
C GLY B 298 24.66 -22.18 9.74
N THR B 299 25.14 -21.70 10.89
CA THR B 299 26.23 -22.33 11.59
C THR B 299 25.80 -23.45 12.52
N ARG B 300 24.49 -23.62 12.74
CA ARG B 300 23.92 -24.80 13.39
C ARG B 300 23.21 -25.61 12.31
N VAL B 301 23.79 -26.73 11.92
CA VAL B 301 23.25 -27.57 10.85
C VAL B 301 22.61 -28.77 11.53
N PHE B 302 21.30 -28.83 11.48
CA PHE B 302 20.53 -29.90 12.10
C PHE B 302 20.27 -30.99 11.07
N VAL B 303 20.76 -32.21 11.36
CA VAL B 303 20.65 -33.33 10.43
C VAL B 303 19.95 -34.49 11.12
N PRO B 304 19.02 -35.19 10.47
CA PRO B 304 18.39 -36.36 11.10
C PRO B 304 19.42 -37.40 11.50
N ALA B 305 19.21 -38.02 12.65
CA ALA B 305 20.19 -38.96 13.15
C ALA B 305 20.49 -40.05 12.14
N LYS B 306 19.47 -40.54 11.43
CA LYS B 306 19.68 -41.64 10.49
C LYS B 306 20.53 -41.25 9.30
N PHE B 307 20.64 -39.97 8.97
CA PHE B 307 21.42 -39.49 7.84
C PHE B 307 22.74 -38.88 8.27
N LYS B 308 23.01 -38.80 9.57
CA LYS B 308 24.11 -37.97 10.05
C LYS B 308 25.45 -38.41 9.48
N ALA B 309 25.74 -39.71 9.52
CA ALA B 309 27.05 -40.17 9.07
C ALA B 309 27.27 -39.89 7.59
N GLU B 310 26.27 -40.18 6.76
CA GLU B 310 26.39 -39.91 5.34
C GLU B 310 26.49 -38.41 5.05
N PHE B 311 25.74 -37.60 5.81
CA PHE B 311 25.88 -36.16 5.63
C PHE B 311 27.30 -35.70 5.94
N GLU B 312 27.87 -36.23 7.04
CA GLU B 312 29.24 -35.87 7.40
C GLU B 312 30.21 -36.27 6.30
N HIS B 313 30.02 -37.46 5.73
N HIS B 313 30.00 -37.43 5.70
CA HIS B 313 30.85 -37.86 4.59
CA HIS B 313 30.87 -37.87 4.61
C HIS B 313 30.76 -36.83 3.48
C HIS B 313 30.72 -36.95 3.40
N LYS B 314 29.53 -36.40 3.15
CA LYS B 314 29.36 -35.47 2.05
C LYS B 314 29.97 -34.11 2.34
N ILE B 315 29.89 -33.64 3.59
CA ILE B 315 30.55 -32.38 3.95
C ILE B 315 32.06 -32.51 3.79
N LEU B 316 32.64 -33.61 4.26
CA LEU B 316 34.09 -33.79 4.18
C LEU B 316 34.61 -33.73 2.74
N GLU B 317 33.96 -34.42 1.80
CA GLU B 317 34.38 -34.36 0.42
C GLU B 317 34.36 -32.92 -0.08
N ARG B 318 33.30 -32.19 0.26
CA ARG B 318 33.15 -30.83 -0.23
C ARG B 318 34.19 -29.92 0.43
N VAL B 319 34.47 -30.13 1.72
CA VAL B 319 35.53 -29.34 2.36
C VAL B 319 36.88 -29.61 1.70
N GLY B 320 37.10 -30.85 1.25
CA GLY B 320 38.35 -31.20 0.58
C GLY B 320 38.53 -30.49 -0.74
N ARG B 321 37.45 -30.01 -1.33
CA ARG B 321 37.51 -29.25 -2.58
C ARG B 321 37.72 -27.76 -2.37
N ILE B 322 37.71 -27.28 -1.12
CA ILE B 322 37.90 -25.84 -0.90
C ILE B 322 39.30 -25.47 -1.34
N ARG B 323 39.40 -24.35 -2.07
CA ARG B 323 40.63 -23.89 -2.71
C ARG B 323 41.08 -22.61 -2.04
N ALA B 324 41.95 -22.74 -1.05
CA ALA B 324 42.62 -21.63 -0.43
C ALA B 324 43.87 -21.29 -1.24
N GLY B 325 44.17 -20.01 -1.36
CA GLY B 325 45.37 -19.62 -2.08
C GLY B 325 45.35 -18.14 -2.42
N ASP B 326 46.11 -17.80 -3.47
CA ASP B 326 46.19 -16.43 -3.96
C ASP B 326 44.79 -15.86 -4.14
N LEU B 327 44.51 -14.75 -3.43
CA LEU B 327 43.14 -14.22 -3.42
C LEU B 327 42.73 -13.63 -4.76
N PHE B 328 43.68 -13.32 -5.63
CA PHE B 328 43.37 -12.77 -6.94
C PHE B 328 43.33 -13.83 -8.02
N ALA B 329 43.57 -15.10 -7.68
CA ALA B 329 43.48 -16.18 -8.66
C ALA B 329 42.03 -16.62 -8.82
N ASP B 330 41.65 -16.93 -10.07
CA ASP B 330 40.24 -17.19 -10.40
C ASP B 330 39.66 -18.37 -9.63
N ASP B 331 40.47 -19.40 -9.38
CA ASP B 331 39.98 -20.60 -8.73
C ASP B 331 40.01 -20.56 -7.21
N THR B 332 40.55 -19.49 -6.60
CA THR B 332 40.51 -19.37 -5.15
C THR B 332 39.10 -19.03 -4.70
N ASN B 333 38.58 -19.80 -3.73
CA ASN B 333 37.24 -19.57 -3.19
C ASN B 333 37.23 -19.58 -1.66
N PHE B 334 38.39 -19.34 -1.04
CA PHE B 334 38.49 -19.31 0.42
C PHE B 334 39.64 -18.39 0.75
N GLY B 335 39.41 -17.46 1.67
CA GLY B 335 40.40 -16.47 2.03
C GLY B 335 40.77 -16.55 3.49
N PRO B 336 41.77 -15.76 3.89
CA PRO B 336 42.06 -15.62 5.31
C PRO B 336 40.96 -14.81 5.97
N LEU B 337 40.99 -14.79 7.30
CA LEU B 337 40.10 -13.90 8.03
C LEU B 337 40.57 -12.45 7.91
N VAL B 338 39.67 -11.54 8.29
CA VAL B 338 39.87 -10.12 8.06
C VAL B 338 41.03 -9.55 8.87
N SER B 339 41.44 -10.21 9.95
CA SER B 339 42.47 -9.64 10.80
C SER B 339 43.04 -10.74 11.67
N PHE B 340 44.20 -10.47 12.23
CA PHE B 340 44.86 -11.45 13.10
C PHE B 340 44.20 -11.47 14.47
N PRO B 341 43.79 -10.33 15.05
CA PRO B 341 42.97 -10.40 16.27
C PRO B 341 41.68 -11.18 16.10
N HIS B 342 41.02 -11.04 14.95
CA HIS B 342 39.81 -11.83 14.76
C HIS B 342 40.13 -13.32 14.69
N ARG B 343 41.24 -13.67 14.03
CA ARG B 343 41.64 -15.08 13.99
C ARG B 343 41.87 -15.62 15.40
N GLN B 344 42.54 -14.86 16.26
CA GLN B 344 42.76 -15.33 17.62
C GLN B 344 41.44 -15.66 18.31
N ASN B 345 40.43 -14.83 18.10
CA ASN B 345 39.14 -15.10 18.71
C ASN B 345 38.48 -16.36 18.12
N VAL B 346 38.58 -16.55 16.81
CA VAL B 346 38.00 -17.76 16.21
C VAL B 346 38.72 -19.00 16.74
N LEU B 347 40.04 -18.94 16.85
CA LEU B 347 40.79 -20.07 17.37
C LEU B 347 40.45 -20.38 18.83
N ARG B 348 40.15 -19.36 19.62
CA ARG B 348 39.68 -19.64 20.98
C ARG B 348 38.34 -20.40 20.94
N TYR B 349 37.44 -20.04 20.03
CA TYR B 349 36.19 -20.80 19.92
C TYR B 349 36.45 -22.23 19.51
N ILE B 350 37.37 -22.43 18.56
CA ILE B 350 37.68 -23.79 18.10
C ILE B 350 38.22 -24.62 19.26
N GLU B 351 39.12 -24.04 20.04
CA GLU B 351 39.67 -24.76 21.19
C GLU B 351 38.59 -25.09 22.21
N SER B 352 37.61 -24.19 22.40
CA SER B 352 36.53 -24.47 23.33
C SER B 352 35.69 -25.64 22.85
N GLY B 353 35.46 -25.73 21.55
CA GLY B 353 34.77 -26.90 21.02
C GLY B 353 35.52 -28.18 21.35
N LYS B 354 36.83 -28.18 21.16
CA LYS B 354 37.62 -29.37 21.47
C LYS B 354 37.53 -29.72 22.95
N SER B 355 37.71 -28.72 23.82
CA SER B 355 37.77 -28.97 25.26
C SER B 355 36.41 -29.32 25.85
N GLU B 356 35.33 -28.96 25.17
CA GLU B 356 33.98 -29.29 25.62
C GLU B 356 33.46 -30.59 25.04
N GLY B 357 34.29 -31.32 24.28
CA GLY B 357 33.96 -32.65 23.82
C GLY B 357 33.34 -32.74 22.44
N ALA B 358 33.24 -31.64 21.70
CA ALA B 358 32.79 -31.73 20.32
C ALA B 358 33.79 -32.54 19.51
N ARG B 359 33.29 -33.33 18.56
CA ARG B 359 34.14 -34.15 17.71
C ARG B 359 34.59 -33.34 16.51
N LEU B 360 35.91 -33.21 16.34
CA LEU B 360 36.47 -32.47 15.22
C LEU B 360 36.45 -33.34 13.97
N LEU B 361 35.68 -32.93 12.95
CA LEU B 361 35.55 -33.66 11.70
C LEU B 361 36.63 -33.28 10.70
N CYS B 362 37.01 -32.00 10.68
CA CYS B 362 38.11 -31.55 9.84
C CYS B 362 38.56 -30.18 10.30
N GLY B 363 39.77 -29.80 9.91
CA GLY B 363 40.27 -28.48 10.21
C GLY B 363 40.68 -28.36 11.65
N GLY B 364 40.37 -27.21 12.24
CA GLY B 364 40.67 -26.94 13.64
C GLY B 364 41.97 -26.23 13.87
N ASP B 365 42.67 -25.79 12.83
CA ASP B 365 43.97 -25.16 12.98
C ASP B 365 44.13 -24.06 11.93
N VAL B 366 45.19 -23.26 12.07
CA VAL B 366 45.57 -22.34 11.02
C VAL B 366 46.16 -23.10 9.83
N LEU B 367 46.11 -22.47 8.66
CA LEU B 367 46.81 -23.01 7.50
C LEU B 367 48.29 -22.65 7.57
N LYS B 368 49.12 -23.55 7.05
CA LYS B 368 50.57 -23.44 7.12
C LYS B 368 51.18 -23.63 5.74
N GLY B 369 52.38 -23.09 5.56
CA GLY B 369 53.12 -23.21 4.32
C GLY B 369 53.30 -21.87 3.65
N GLU B 370 54.07 -21.89 2.56
CA GLU B 370 54.29 -20.70 1.76
C GLU B 370 52.95 -20.17 1.28
N GLY B 371 52.75 -18.87 1.42
CA GLY B 371 51.50 -18.26 1.04
C GLY B 371 50.43 -18.28 2.12
N PHE B 372 50.68 -18.95 3.23
CA PHE B 372 49.73 -18.97 4.34
C PHE B 372 50.34 -18.48 5.64
N ASP B 373 51.65 -18.66 5.85
CA ASP B 373 52.24 -18.34 7.15
C ASP B 373 52.07 -16.87 7.50
N ASN B 374 51.98 -15.99 6.50
CA ASN B 374 51.89 -14.56 6.74
C ASN B 374 50.48 -14.03 6.70
N GLY B 375 49.49 -14.90 6.49
CA GLY B 375 48.11 -14.46 6.44
C GLY B 375 47.28 -15.01 7.60
N ALA B 376 46.14 -14.38 7.87
CA ALA B 376 45.31 -14.72 9.03
C ALA B 376 44.35 -15.86 8.70
N TRP B 377 44.92 -16.99 8.29
CA TRP B 377 44.16 -18.12 7.78
C TRP B 377 43.72 -19.07 8.88
N VAL B 378 42.47 -19.51 8.80
CA VAL B 378 41.94 -20.62 9.58
C VAL B 378 41.39 -21.67 8.62
N ALA B 379 41.74 -22.93 8.86
CA ALA B 379 41.27 -24.01 8.00
C ALA B 379 39.76 -24.14 8.10
N PRO B 380 39.07 -24.51 7.01
CA PRO B 380 37.64 -24.83 7.12
C PRO B 380 37.43 -25.92 8.17
N THR B 381 36.54 -25.64 9.13
CA THR B 381 36.43 -26.47 10.32
C THR B 381 35.00 -26.95 10.51
N VAL B 382 34.84 -28.23 10.80
CA VAL B 382 33.53 -28.80 11.07
C VAL B 382 33.61 -29.59 12.37
N PHE B 383 32.70 -29.27 13.29
CA PHE B 383 32.49 -30.05 14.50
C PHE B 383 31.20 -30.85 14.36
N THR B 384 31.18 -32.04 14.92
CA THR B 384 29.98 -32.84 14.97
C THR B 384 29.84 -33.45 16.36
N ASP B 385 28.77 -34.21 16.57
CA ASP B 385 28.41 -34.67 17.91
C ASP B 385 28.23 -33.48 18.85
N CYS B 386 27.70 -32.38 18.33
CA CYS B 386 27.54 -31.19 19.13
C CYS B 386 26.27 -31.25 19.98
N THR B 387 26.27 -30.49 21.08
CA THR B 387 25.12 -30.39 21.96
C THR B 387 24.79 -28.92 22.21
N ASP B 388 23.54 -28.67 22.61
CA ASP B 388 23.01 -27.31 22.61
C ASP B 388 23.66 -26.41 23.65
N ASP B 389 24.33 -26.97 24.66
CA ASP B 389 24.97 -26.19 25.70
C ASP B 389 26.41 -25.77 25.36
N MET B 390 27.00 -26.34 24.32
CA MET B 390 28.38 -26.02 23.97
C MET B 390 28.53 -24.57 23.55
N THR B 391 29.70 -24.00 23.87
CA THR B 391 29.97 -22.61 23.52
C THR B 391 29.89 -22.39 22.00
N ILE B 392 30.50 -23.30 21.22
CA ILE B 392 30.51 -23.14 19.76
C ILE B 392 29.12 -23.25 19.16
N VAL B 393 28.18 -23.86 19.88
CA VAL B 393 26.80 -23.95 19.42
C VAL B 393 25.98 -22.72 19.81
N ARG B 394 26.30 -22.10 20.94
CA ARG B 394 25.50 -21.00 21.45
C ARG B 394 25.93 -19.62 20.95
N GLU B 395 27.21 -19.44 20.64
CA GLU B 395 27.78 -18.13 20.36
C GLU B 395 28.19 -18.02 18.90
N GLU B 396 28.02 -16.81 18.34
CA GLU B 396 28.48 -16.54 16.99
C GLU B 396 30.00 -16.50 16.95
N ILE B 397 30.59 -17.27 16.04
CA ILE B 397 32.04 -17.36 15.89
C ILE B 397 32.56 -16.43 14.79
N PHE B 398 31.80 -16.30 13.70
CA PHE B 398 32.18 -15.46 12.59
C PHE B 398 33.50 -15.93 11.99
N GLY B 399 33.66 -17.24 11.92
CA GLY B 399 34.73 -17.85 11.19
C GLY B 399 34.22 -19.12 10.54
N PRO B 400 35.12 -19.84 9.89
CA PRO B 400 34.68 -21.01 9.11
C PRO B 400 34.52 -22.23 10.01
N VAL B 401 33.46 -22.21 10.82
CA VAL B 401 33.25 -23.25 11.82
C VAL B 401 31.80 -23.70 11.81
N MET B 402 31.54 -24.86 11.23
CA MET B 402 30.21 -25.46 11.15
C MET B 402 30.00 -26.40 12.32
N SER B 403 28.81 -26.35 12.94
CA SER B 403 28.43 -27.27 14.00
C SER B 403 27.26 -28.14 13.52
N ILE B 404 27.48 -29.45 13.51
CA ILE B 404 26.47 -30.40 13.07
C ILE B 404 25.82 -31.02 14.29
N LEU B 405 24.50 -30.93 14.36
CA LEU B 405 23.70 -31.43 15.47
C LEU B 405 22.68 -32.42 14.94
N SER B 406 22.59 -33.58 15.58
CA SER B 406 21.62 -34.59 15.20
CA SER B 406 21.60 -34.56 15.18
C SER B 406 20.27 -34.30 15.86
N TYR B 407 19.20 -34.72 15.21
CA TYR B 407 17.85 -34.60 15.75
C TYR B 407 17.01 -35.78 15.31
N ASP B 408 15.90 -36.01 16.02
CA ASP B 408 15.03 -37.15 15.77
C ASP B 408 13.72 -36.79 15.11
N ASP B 409 13.06 -35.69 15.52
CA ASP B 409 11.73 -35.39 15.04
C ASP B 409 11.55 -33.88 14.84
N GLU B 410 10.49 -33.54 14.08
CA GLU B 410 10.31 -32.16 13.62
C GLU B 410 10.01 -31.22 14.77
N ALA B 411 9.13 -31.61 15.69
CA ALA B 411 8.81 -30.73 16.81
C ALA B 411 10.06 -30.40 17.61
N GLU B 412 10.92 -31.40 17.80
CA GLU B 412 12.18 -31.18 18.52
C GLU B 412 13.07 -30.20 17.81
N VAL B 413 13.26 -30.39 16.51
CA VAL B 413 14.25 -29.57 15.83
C VAL B 413 13.77 -28.13 15.78
N ILE B 414 12.47 -27.90 15.66
CA ILE B 414 11.94 -26.54 15.69
C ILE B 414 12.21 -25.90 17.04
N ARG B 415 11.98 -26.66 18.13
CA ARG B 415 12.24 -26.11 19.47
C ARG B 415 13.72 -25.73 19.62
N ARG B 416 14.62 -26.61 19.17
CA ARG B 416 16.05 -26.36 19.35
C ARG B 416 16.53 -25.23 18.44
N ALA B 417 15.99 -25.15 17.23
CA ALA B 417 16.36 -24.05 16.34
C ALA B 417 15.98 -22.69 16.95
N ASN B 418 14.84 -22.64 17.64
CA ASN B 418 14.33 -21.41 18.23
C ASN B 418 14.92 -21.13 19.61
N ALA B 419 15.64 -22.10 20.20
CA ALA B 419 16.18 -21.96 21.55
C ALA B 419 17.51 -21.21 21.47
N THR B 420 17.40 -19.93 21.17
CA THR B 420 18.57 -19.07 21.04
C THR B 420 18.11 -17.65 21.26
N GLU B 421 19.00 -16.82 21.77
CA GLU B 421 18.70 -15.41 21.87
C GLU B 421 18.80 -14.73 20.51
N TYR B 422 19.43 -15.38 19.52
CA TYR B 422 19.55 -14.81 18.19
C TYR B 422 18.33 -15.13 17.35
N GLY B 423 18.19 -14.37 16.27
CA GLY B 423 17.06 -14.53 15.36
C GLY B 423 17.27 -14.08 13.93
N LEU B 424 18.48 -14.15 13.36
CA LEU B 424 18.69 -13.44 12.10
C LEU B 424 18.10 -14.21 10.91
N ALA B 425 18.59 -15.43 10.66
CA ALA B 425 18.17 -16.20 9.50
C ALA B 425 17.87 -17.63 9.90
N ALA B 426 17.34 -18.38 8.93
CA ALA B 426 17.05 -19.81 9.08
C ALA B 426 16.77 -20.39 7.71
N GLY B 427 16.85 -21.71 7.60
CA GLY B 427 16.45 -22.34 6.35
C GLY B 427 16.09 -23.79 6.56
N VAL B 428 15.37 -24.34 5.59
CA VAL B 428 14.98 -25.73 5.62
C VAL B 428 15.23 -26.34 4.24
N VAL B 429 15.64 -27.59 4.21
CA VAL B 429 15.86 -28.31 2.96
C VAL B 429 14.88 -29.46 2.95
N THR B 430 13.93 -29.41 2.02
CA THR B 430 12.90 -30.43 1.87
C THR B 430 12.19 -30.26 0.54
N PRO B 431 11.86 -31.36 -0.15
CA PRO B 431 11.06 -31.26 -1.37
C PRO B 431 9.58 -31.20 -1.11
N ASP B 432 9.15 -31.36 0.14
CA ASP B 432 7.73 -31.48 0.49
C ASP B 432 7.10 -30.10 0.69
N LEU B 433 5.96 -29.87 0.04
CA LEU B 433 5.28 -28.58 0.12
C LEU B 433 4.89 -28.22 1.54
N ASN B 434 4.16 -29.12 2.21
CA ASN B 434 3.64 -28.80 3.53
C ASN B 434 4.76 -28.65 4.54
N ARG B 435 5.75 -29.53 4.48
CA ARG B 435 6.85 -29.47 5.43
C ARG B 435 7.60 -28.14 5.29
N ALA B 436 7.85 -27.69 4.05
CA ALA B 436 8.66 -26.48 3.88
C ALA B 436 7.98 -25.28 4.51
N HIS B 437 6.72 -25.02 4.16
CA HIS B 437 6.04 -23.84 4.68
C HIS B 437 5.73 -23.99 6.17
N ARG B 438 5.34 -25.18 6.57
CA ARG B 438 4.96 -25.41 7.96
C ARG B 438 6.14 -25.14 8.90
N ILE B 439 7.33 -25.63 8.55
CA ILE B 439 8.48 -25.43 9.43
C ILE B 439 8.90 -23.97 9.43
N ILE B 440 8.98 -23.37 8.25
CA ILE B 440 9.46 -21.99 8.16
C ILE B 440 8.55 -21.05 8.95
N HIS B 441 7.24 -21.24 8.88
CA HIS B 441 6.34 -20.34 9.58
C HIS B 441 6.54 -20.38 11.09
N GLN B 442 7.11 -21.47 11.61
CA GLN B 442 7.34 -21.61 13.04
C GLN B 442 8.71 -21.13 13.50
N LEU B 443 9.63 -20.82 12.58
CA LEU B 443 10.98 -20.45 12.98
C LEU B 443 11.05 -18.95 13.31
N GLU B 444 11.76 -18.63 14.39
CA GLU B 444 11.84 -17.25 14.89
C GLU B 444 13.07 -16.55 14.31
N ALA B 445 12.95 -16.20 13.03
CA ALA B 445 14.00 -15.54 12.28
C ALA B 445 13.39 -14.66 11.19
N GLY B 446 14.08 -13.58 10.84
CA GLY B 446 13.58 -12.60 9.88
C GLY B 446 13.86 -12.93 8.43
N ILE B 447 14.84 -13.81 8.20
CA ILE B 447 15.33 -14.17 6.87
C ILE B 447 15.31 -15.69 6.76
N CYS B 448 14.44 -16.23 5.91
CA CYS B 448 14.24 -17.67 5.81
C CYS B 448 14.40 -18.11 4.36
N TRP B 449 15.20 -19.16 4.16
CA TRP B 449 15.50 -19.71 2.84
C TRP B 449 14.99 -21.14 2.77
N ILE B 450 14.28 -21.47 1.69
CA ILE B 450 13.81 -22.82 1.42
C ILE B 450 14.61 -23.39 0.24
N ASN B 451 15.37 -24.47 0.50
CA ASN B 451 16.16 -25.14 -0.54
C ASN B 451 17.18 -24.23 -1.20
N SER B 452 17.80 -23.39 -0.38
CA SER B 452 18.81 -22.43 -0.84
CA SER B 452 18.80 -22.41 -0.84
C SER B 452 19.40 -21.75 0.38
N TRP B 453 20.34 -20.82 0.14
CA TRP B 453 20.92 -20.01 1.21
C TRP B 453 21.62 -18.79 0.60
N GLY B 454 21.48 -17.64 1.27
CA GLY B 454 22.35 -16.52 1.08
C GLY B 454 21.83 -15.42 0.16
N GLU B 455 20.85 -15.71 -0.70
CA GLU B 455 20.40 -14.67 -1.63
C GLU B 455 19.59 -13.61 -0.88
N SER B 456 19.93 -12.35 -1.12
CA SER B 456 19.32 -11.22 -0.43
C SER B 456 18.90 -10.16 -1.45
N PRO B 457 17.81 -10.39 -2.19
CA PRO B 457 17.38 -9.43 -3.22
C PRO B 457 17.07 -8.07 -2.65
N ALA B 458 17.34 -7.03 -3.45
CA ALA B 458 17.08 -5.66 -3.01
C ALA B 458 15.64 -5.49 -2.55
N GLU B 459 14.72 -6.25 -3.13
CA GLU B 459 13.30 -6.16 -2.80
C GLU B 459 12.96 -6.76 -1.44
N MET B 460 13.85 -7.58 -0.86
CA MET B 460 13.50 -8.41 0.28
C MET B 460 13.95 -7.76 1.59
N PRO B 461 13.05 -7.36 2.47
CA PRO B 461 13.49 -6.80 3.76
C PRO B 461 14.24 -7.86 4.55
N VAL B 462 15.35 -7.45 5.16
CA VAL B 462 16.20 -8.35 5.92
C VAL B 462 16.56 -7.71 7.25
N GLY B 463 16.49 -8.53 8.30
CA GLY B 463 16.86 -8.11 9.63
C GLY B 463 16.50 -9.19 10.63
N GLY B 464 16.85 -8.93 11.88
CA GLY B 464 16.78 -9.96 12.90
C GLY B 464 15.58 -9.86 13.83
N TYR B 465 15.14 -11.03 14.28
CA TYR B 465 14.32 -11.16 15.47
C TYR B 465 15.19 -11.08 16.72
N LYS B 466 14.55 -10.85 17.85
CA LYS B 466 15.18 -11.04 19.18
C LYS B 466 16.50 -10.28 19.23
N HIS B 467 17.59 -10.89 19.67
CA HIS B 467 18.82 -10.14 19.88
C HIS B 467 19.60 -9.92 18.59
N SER B 468 19.07 -10.31 17.43
CA SER B 468 19.83 -10.15 16.19
C SER B 468 19.59 -8.82 15.50
N GLY B 469 18.64 -8.01 15.93
CA GLY B 469 18.59 -6.67 15.41
C GLY B 469 17.31 -5.95 15.76
N ILE B 470 17.28 -4.69 15.33
CA ILE B 470 16.14 -3.80 15.41
C ILE B 470 15.95 -3.25 14.01
N GLY B 471 14.71 -3.25 13.52
CA GLY B 471 14.43 -2.72 12.19
C GLY B 471 14.91 -3.63 11.07
N ARG B 472 14.88 -3.10 9.85
CA ARG B 472 15.14 -3.88 8.65
C ARG B 472 15.97 -3.05 7.67
N GLU B 473 16.58 -3.77 6.72
CA GLU B 473 17.24 -3.18 5.57
C GLU B 473 16.66 -3.76 4.28
N ASN B 474 16.79 -3.00 3.19
CA ASN B 474 16.25 -3.36 1.88
C ASN B 474 14.73 -3.38 1.87
N GLY B 475 14.15 -3.53 0.69
CA GLY B 475 12.71 -3.51 0.53
C GLY B 475 12.15 -2.09 0.59
N VAL B 476 10.90 -1.97 0.14
CA VAL B 476 10.26 -0.66 0.14
CA VAL B 476 10.26 -0.66 0.14
C VAL B 476 10.21 -0.08 1.55
N MET B 477 9.94 -0.94 2.55
CA MET B 477 9.76 -0.45 3.91
C MET B 477 10.98 0.30 4.43
N THR B 478 12.17 -0.07 3.98
CA THR B 478 13.36 0.61 4.49
C THR B 478 13.48 2.02 3.92
N LEU B 479 13.02 2.25 2.70
CA LEU B 479 12.96 3.63 2.20
C LEU B 479 12.08 4.48 3.10
N GLN B 480 10.90 3.97 3.45
CA GLN B 480 9.98 4.69 4.32
C GLN B 480 10.54 4.88 5.73
N SER B 481 11.33 3.95 6.21
CA SER B 481 11.91 4.06 7.54
C SER B 481 12.95 5.18 7.62
N TYR B 482 13.43 5.70 6.49
CA TYR B 482 14.29 6.88 6.48
C TYR B 482 13.53 8.18 6.26
N THR B 483 12.21 8.15 6.38
CA THR B 483 11.39 9.34 6.47
C THR B 483 10.68 9.34 7.82
N GLN B 484 10.14 10.49 8.18
CA GLN B 484 9.29 10.64 9.35
C GLN B 484 7.95 11.21 8.92
N VAL B 485 6.88 10.74 9.54
CA VAL B 485 5.54 11.12 9.15
C VAL B 485 5.14 12.42 9.84
N LYS B 486 4.65 13.37 9.04
CA LYS B 486 3.99 14.57 9.54
C LYS B 486 2.52 14.48 9.19
N SER B 487 1.65 14.52 10.20
CA SER B 487 0.21 14.55 9.99
C SER B 487 -0.30 15.97 10.07
N ILE B 488 -1.11 16.36 9.09
CA ILE B 488 -1.62 17.72 8.96
C ILE B 488 -3.13 17.65 8.83
N GLN B 489 -3.85 18.25 9.78
CA GLN B 489 -5.30 18.34 9.74
C GLN B 489 -5.70 19.72 9.25
N VAL B 490 -6.53 19.75 8.21
CA VAL B 490 -7.16 20.95 7.69
C VAL B 490 -8.58 20.99 8.25
N GLU B 491 -8.86 21.97 9.11
CA GLU B 491 -10.20 22.15 9.66
C GLU B 491 -10.83 23.35 8.95
N MET B 492 -11.81 23.08 8.08
CA MET B 492 -12.51 24.10 7.33
C MET B 492 -13.81 24.56 8.00
N GLY B 493 -14.27 23.84 9.03
CA GLY B 493 -15.46 24.24 9.76
C GLY B 493 -15.08 25.18 10.89
N PRO B 494 -16.07 25.71 11.60
CA PRO B 494 -15.77 26.64 12.69
C PRO B 494 -15.27 25.87 13.90
N PHE B 495 -14.15 26.32 14.47
CA PHE B 495 -13.59 25.68 15.65
C PHE B 495 -14.39 26.06 16.88
N GLN B 496 -14.70 25.07 17.71
CA GLN B 496 -15.51 25.29 18.91
C GLN B 496 -14.61 25.16 20.14
N SER B 497 -14.57 26.21 20.96
CA SER B 497 -13.89 26.15 22.24
C SER B 497 -14.94 25.93 23.31
N ILE B 498 -14.59 25.13 24.34
CA ILE B 498 -15.50 24.92 25.45
C ILE B 498 -15.29 25.94 26.56
N PHE B 499 -14.35 26.88 26.40
CA PHE B 499 -14.15 27.95 27.39
C PHE B 499 -14.78 29.29 27.02
N ARG C 12 7.37 14.44 -49.80
CA ARG C 12 6.83 13.27 -49.11
C ARG C 12 7.93 12.53 -48.37
N MET C 13 7.54 11.76 -47.37
CA MET C 13 8.41 10.77 -46.76
C MET C 13 8.27 9.46 -47.50
N ALA C 14 9.19 8.53 -47.24
CA ALA C 14 9.02 7.19 -47.77
C ALA C 14 7.68 6.63 -47.30
N GLU C 15 7.12 5.70 -48.07
CA GLU C 15 5.86 5.10 -47.67
C GLU C 15 6.04 4.46 -46.31
N GLN C 16 5.11 4.71 -45.40
CA GLN C 16 5.23 4.22 -44.04
C GLN C 16 4.59 2.85 -43.91
N GLN C 17 5.34 1.93 -43.30
CA GLN C 17 4.94 0.54 -43.19
C GLN C 17 4.48 0.23 -41.78
N LEU C 18 3.96 -0.98 -41.61
CA LEU C 18 3.66 -1.46 -40.27
C LEU C 18 4.94 -1.81 -39.54
N TYR C 19 4.85 -1.86 -38.21
CA TYR C 19 5.98 -2.30 -37.38
C TYR C 19 5.55 -3.52 -36.60
N ILE C 20 6.05 -4.69 -36.99
CA ILE C 20 5.69 -5.96 -36.37
C ILE C 20 6.97 -6.76 -36.13
N HIS C 21 7.17 -7.16 -34.88
CA HIS C 21 8.30 -8.01 -34.49
C HIS C 21 9.65 -7.39 -34.82
N GLY C 22 9.84 -6.14 -34.41
CA GLY C 22 11.15 -5.53 -34.49
C GLY C 22 11.59 -5.12 -35.88
N LYS C 23 10.65 -4.97 -36.82
CA LYS C 23 11.03 -4.49 -38.14
C LYS C 23 9.82 -3.88 -38.81
N PHE C 24 10.07 -3.02 -39.79
CA PHE C 24 9.01 -2.49 -40.64
C PHE C 24 8.63 -3.54 -41.68
N VAL C 25 7.33 -3.70 -41.89
CA VAL C 25 6.84 -4.69 -42.83
C VAL C 25 5.60 -4.16 -43.54
N ALA C 26 5.46 -4.53 -44.80
CA ALA C 26 4.33 -4.11 -45.61
C ALA C 26 3.06 -4.75 -45.09
N ALA C 27 1.97 -4.01 -45.16
CA ALA C 27 0.66 -4.56 -44.85
C ALA C 27 0.23 -5.52 -45.96
N THR C 28 -0.57 -6.52 -45.60
CA THR C 28 -1.15 -7.42 -46.58
C THR C 28 -2.55 -7.00 -47.01
N SER C 29 -3.04 -5.86 -46.51
CA SER C 29 -4.39 -5.40 -46.80
C SER C 29 -4.57 -4.85 -48.20
N GLY C 30 -3.49 -4.39 -48.83
CA GLY C 30 -3.60 -3.65 -50.08
C GLY C 30 -4.14 -2.24 -49.92
N LYS C 31 -4.21 -1.72 -48.70
CA LYS C 31 -4.87 -0.45 -48.44
C LYS C 31 -3.87 0.53 -47.86
N THR C 32 -4.03 1.81 -48.20
CA THR C 32 -3.23 2.88 -47.62
C THR C 32 -4.13 4.05 -47.31
N PHE C 33 -3.56 5.02 -46.61
CA PHE C 33 -4.20 6.29 -46.37
C PHE C 33 -3.12 7.36 -46.39
N GLU C 34 -3.54 8.61 -46.45
CA GLU C 34 -2.61 9.73 -46.46
C GLU C 34 -2.76 10.53 -45.17
N THR C 35 -1.63 10.96 -44.63
CA THR C 35 -1.63 11.94 -43.54
C THR C 35 -1.18 13.27 -44.13
N ILE C 36 -1.90 14.32 -43.77
CA ILE C 36 -1.77 15.65 -44.34
C ILE C 36 -1.01 16.53 -43.36
N ASN C 37 -0.23 17.46 -43.91
CA ASN C 37 0.39 18.50 -43.12
C ASN C 37 -0.62 19.64 -42.98
N PRO C 38 -1.18 19.89 -41.79
CA PRO C 38 -2.26 20.87 -41.69
C PRO C 38 -1.80 22.31 -41.88
N ALA C 39 -0.50 22.56 -41.92
CA ALA C 39 -0.04 23.92 -42.24
C ALA C 39 -0.05 24.20 -43.74
N THR C 40 -0.08 23.16 -44.59
CA THR C 40 -0.01 23.35 -46.03
C THR C 40 -1.09 22.62 -46.81
N GLY C 41 -1.76 21.62 -46.25
CA GLY C 41 -2.68 20.82 -47.01
C GLY C 41 -2.03 19.75 -47.87
N GLU C 42 -0.69 19.69 -47.91
CA GLU C 42 0.01 18.71 -48.72
C GLU C 42 0.14 17.38 -47.99
N VAL C 43 0.27 16.30 -48.75
CA VAL C 43 0.43 14.97 -48.18
C VAL C 43 1.82 14.86 -47.53
N LEU C 44 1.84 14.58 -46.22
CA LEU C 44 3.10 14.31 -45.53
C LEU C 44 3.64 12.94 -45.89
N ALA C 45 2.78 11.93 -45.89
CA ALA C 45 3.23 10.58 -46.18
C ALA C 45 2.03 9.74 -46.54
N THR C 46 2.29 8.74 -47.37
CA THR C 46 1.37 7.64 -47.60
C THR C 46 1.69 6.56 -46.60
N VAL C 47 0.66 6.02 -45.96
CA VAL C 47 0.83 5.10 -44.84
C VAL C 47 0.02 3.85 -45.11
N GLN C 48 0.62 2.69 -44.91
CA GLN C 48 -0.11 1.46 -45.09
C GLN C 48 -1.02 1.18 -43.90
N ALA C 49 -2.16 0.57 -44.20
CA ALA C 49 -3.20 0.31 -43.20
C ALA C 49 -3.25 -1.18 -42.92
N ALA C 50 -3.19 -1.52 -41.64
CA ALA C 50 -3.17 -2.92 -41.24
C ALA C 50 -4.55 -3.53 -41.44
N GLY C 51 -4.59 -4.67 -42.11
CA GLY C 51 -5.80 -5.43 -42.28
C GLY C 51 -5.98 -6.46 -41.18
N ARG C 52 -7.04 -7.25 -41.33
CA ARG C 52 -7.36 -8.24 -40.31
C ARG C 52 -6.23 -9.28 -40.15
N GLU C 53 -5.61 -9.68 -41.26
CA GLU C 53 -4.51 -10.65 -41.15
C GLU C 53 -3.27 -10.02 -40.50
N ASP C 54 -3.02 -8.74 -40.77
CA ASP C 54 -1.90 -8.04 -40.16
C ASP C 54 -2.07 -7.96 -38.65
N VAL C 55 -3.30 -7.72 -38.20
CA VAL C 55 -3.56 -7.70 -36.77
C VAL C 55 -3.24 -9.06 -36.15
N ASP C 56 -3.66 -10.15 -36.81
CA ASP C 56 -3.39 -11.47 -36.24
C ASP C 56 -1.89 -11.77 -36.23
N ARG C 57 -1.17 -11.42 -37.29
CA ARG C 57 0.28 -11.48 -37.25
C ARG C 57 0.83 -10.71 -36.05
N ALA C 58 0.31 -9.52 -35.81
CA ALA C 58 0.83 -8.69 -34.72
C ALA C 58 0.56 -9.32 -33.36
N VAL C 59 -0.61 -9.93 -33.19
CA VAL C 59 -0.91 -10.58 -31.92
C VAL C 59 0.03 -11.78 -31.71
N LYS C 60 0.24 -12.57 -32.75
CA LYS C 60 1.12 -13.73 -32.61
C LYS C 60 2.55 -13.28 -32.33
N SER C 61 2.98 -12.18 -32.98
CA SER C 61 4.27 -11.58 -32.66
C SER C 61 4.32 -11.12 -31.21
N ALA C 62 3.26 -10.45 -30.76
CA ALA C 62 3.21 -9.93 -29.40
C ALA C 62 3.21 -11.06 -28.36
N GLN C 63 2.51 -12.16 -28.64
CA GLN C 63 2.49 -13.27 -27.69
C GLN C 63 3.88 -13.84 -27.48
N GLN C 64 4.67 -13.96 -28.55
CA GLN C 64 6.03 -14.48 -28.44
C GLN C 64 6.94 -13.53 -27.68
N GLY C 65 6.89 -12.24 -28.02
CA GLY C 65 7.75 -11.27 -27.36
C GLY C 65 7.40 -11.09 -25.88
N GLN C 66 6.11 -11.13 -25.56
CA GLN C 66 5.68 -10.96 -24.18
C GLN C 66 6.29 -12.02 -23.28
N LYS C 67 6.37 -13.27 -23.75
CA LYS C 67 6.91 -14.32 -22.91
C LYS C 67 8.38 -14.09 -22.61
N VAL C 68 9.16 -13.68 -23.62
CA VAL C 68 10.56 -13.32 -23.40
C VAL C 68 10.65 -12.18 -22.40
N TRP C 69 9.86 -11.14 -22.63
CA TRP C 69 9.89 -9.94 -21.79
C TRP C 69 9.50 -10.26 -20.35
N ALA C 70 8.47 -11.08 -20.16
CA ALA C 70 8.01 -11.37 -18.80
C ALA C 70 8.98 -12.28 -18.06
N ALA C 71 9.78 -13.05 -18.78
CA ALA C 71 10.72 -13.97 -18.15
C ALA C 71 11.96 -13.26 -17.65
N MET C 72 12.22 -12.05 -18.13
CA MET C 72 13.36 -11.28 -17.66
C MET C 72 13.12 -10.85 -16.22
N SER C 73 14.20 -10.45 -15.55
CA SER C 73 14.07 -9.91 -14.21
C SER C 73 13.46 -8.52 -14.28
N ALA C 74 12.88 -8.11 -13.14
CA ALA C 74 12.28 -6.78 -13.07
C ALA C 74 13.29 -5.70 -13.38
N MET C 75 14.52 -5.83 -12.87
CA MET C 75 15.51 -4.78 -13.11
C MET C 75 16.01 -4.80 -14.55
N ALA C 76 16.06 -5.98 -15.18
CA ALA C 76 16.41 -6.03 -16.59
C ALA C 76 15.40 -5.25 -17.42
N ARG C 77 14.11 -5.40 -17.12
CA ARG C 77 13.09 -4.60 -17.81
C ARG C 77 13.27 -3.12 -17.50
N SER C 78 13.56 -2.78 -16.25
CA SER C 78 13.73 -1.38 -15.89
CA SER C 78 13.73 -1.38 -15.90
C SER C 78 14.86 -0.75 -16.70
N ARG C 79 15.96 -1.46 -16.84
CA ARG C 79 17.11 -0.90 -17.54
C ARG C 79 16.78 -0.65 -19.00
N ILE C 80 16.06 -1.56 -19.65
CA ILE C 80 15.72 -1.39 -21.06
C ILE C 80 14.81 -0.18 -21.25
N LEU C 81 13.78 -0.03 -20.41
CA LEU C 81 12.92 1.14 -20.54
C LEU C 81 13.70 2.42 -20.24
N ARG C 82 14.64 2.37 -19.29
CA ARG C 82 15.47 3.55 -19.02
C ARG C 82 16.34 3.91 -20.23
N LYS C 83 16.84 2.90 -20.96
CA LYS C 83 17.60 3.21 -22.16
C LYS C 83 16.73 3.89 -23.22
N ALA C 84 15.47 3.48 -23.32
CA ALA C 84 14.57 4.17 -24.25
C ALA C 84 14.36 5.62 -23.83
N VAL C 85 14.24 5.87 -22.52
CA VAL C 85 14.17 7.24 -22.03
C VAL C 85 15.38 8.04 -22.50
N ASP C 86 16.58 7.48 -22.33
CA ASP C 86 17.80 8.17 -22.72
C ASP C 86 17.77 8.55 -24.21
N ILE C 87 17.29 7.64 -25.05
CA ILE C 87 17.21 7.93 -26.47
C ILE C 87 16.19 9.03 -26.73
N LEU C 88 15.03 8.96 -26.07
CA LEU C 88 14.01 9.97 -26.30
C LEU C 88 14.50 11.36 -25.90
N ARG C 89 15.26 11.48 -24.80
CA ARG C 89 15.87 12.76 -24.45
C ARG C 89 16.85 13.20 -25.53
N GLU C 90 17.66 12.28 -26.02
CA GLU C 90 18.63 12.63 -27.04
C GLU C 90 17.94 13.11 -28.33
N ARG C 91 16.82 12.49 -28.69
N ARG C 91 16.83 12.49 -28.70
CA ARG C 91 16.15 12.78 -29.95
CA ARG C 91 16.15 12.79 -29.96
C ARG C 91 14.92 13.67 -29.77
C ARG C 91 14.91 13.66 -29.77
N ASN C 92 14.82 14.36 -28.64
CA ASN C 92 13.65 15.20 -28.37
C ASN C 92 13.34 16.15 -29.51
N ASP C 93 14.35 16.85 -30.03
CA ASP C 93 14.09 17.90 -31.01
C ASP C 93 13.68 17.31 -32.36
N GLU C 94 14.34 16.23 -32.78
CA GLU C 94 13.98 15.55 -34.02
C GLU C 94 12.55 15.06 -33.97
N LEU C 95 12.17 14.40 -32.88
CA LEU C 95 10.82 13.89 -32.74
C LEU C 95 9.80 15.03 -32.68
N ALA C 96 10.15 16.13 -32.00
CA ALA C 96 9.24 17.26 -31.90
C ALA C 96 8.96 17.86 -33.27
N ARG C 97 10.00 17.99 -34.11
CA ARG C 97 9.78 18.53 -35.45
C ARG C 97 8.84 17.65 -36.27
N LEU C 98 9.00 16.32 -36.19
CA LEU C 98 8.06 15.42 -36.85
C LEU C 98 6.66 15.57 -36.29
N GLU C 99 6.53 15.68 -34.97
CA GLU C 99 5.19 15.88 -34.41
C GLU C 99 4.58 17.19 -34.90
N THR C 100 5.39 18.25 -35.00
CA THR C 100 4.87 19.52 -35.51
C THR C 100 4.37 19.39 -36.95
N LEU C 101 5.13 18.67 -37.79
CA LEU C 101 4.67 18.47 -39.17
C LEU C 101 3.36 17.70 -39.23
N ASP C 102 3.22 16.68 -38.39
CA ASP C 102 2.05 15.81 -38.46
C ASP C 102 0.82 16.45 -37.82
N THR C 103 1.01 17.26 -36.77
CA THR C 103 -0.12 17.73 -35.97
C THR C 103 -0.46 19.19 -36.15
N GLY C 104 0.48 20.00 -36.62
CA GLY C 104 0.28 21.44 -36.66
C GLY C 104 0.55 22.14 -35.35
N LYS C 105 0.96 21.42 -34.33
CA LYS C 105 1.27 22.13 -33.08
C LYS C 105 2.63 22.83 -33.18
N PRO C 106 2.76 24.04 -32.66
CA PRO C 106 4.04 24.76 -32.77
C PRO C 106 5.19 23.99 -32.15
N LEU C 107 6.37 24.16 -32.74
CA LEU C 107 7.57 23.54 -32.19
C LEU C 107 7.84 24.02 -30.77
N SER C 108 7.42 25.25 -30.43
CA SER C 108 7.58 25.74 -29.06
C SER C 108 6.82 24.89 -28.07
N GLU C 109 5.77 24.19 -28.51
CA GLU C 109 5.07 23.24 -27.66
C GLU C 109 5.67 21.84 -27.75
N THR C 110 5.84 21.29 -28.97
CA THR C 110 6.22 19.90 -29.11
C THR C 110 7.62 19.63 -28.55
N ALA C 111 8.52 20.60 -28.66
CA ALA C 111 9.88 20.43 -28.18
C ALA C 111 9.99 20.60 -26.67
N ALA C 112 8.97 21.16 -26.03
CA ALA C 112 8.99 21.40 -24.60
C ALA C 112 8.10 20.46 -23.80
N VAL C 113 7.06 19.89 -24.41
CA VAL C 113 6.02 19.18 -23.69
C VAL C 113 5.85 17.74 -24.17
N ASP C 114 5.64 17.55 -25.48
CA ASP C 114 5.14 16.27 -25.98
C ASP C 114 6.09 15.12 -25.65
N ILE C 115 7.34 15.18 -26.10
CA ILE C 115 8.29 14.12 -25.78
C ILE C 115 8.77 14.21 -24.34
N VAL C 116 8.97 15.42 -23.82
CA VAL C 116 9.46 15.56 -22.45
C VAL C 116 8.54 14.86 -21.46
N THR C 117 7.23 15.13 -21.53
CA THR C 117 6.32 14.54 -20.56
C THR C 117 5.98 13.10 -20.90
N GLY C 118 6.03 12.70 -22.16
CA GLY C 118 5.90 11.29 -22.48
C GLY C 118 7.05 10.47 -21.92
N ALA C 119 8.27 10.97 -22.12
CA ALA C 119 9.44 10.28 -21.57
C ALA C 119 9.46 10.33 -20.05
N ASP C 120 8.93 11.41 -19.44
CA ASP C 120 8.84 11.47 -17.99
C ASP C 120 8.03 10.30 -17.44
N VAL C 121 6.93 9.96 -18.12
CA VAL C 121 6.07 8.87 -17.64
C VAL C 121 6.75 7.53 -17.85
N LEU C 122 7.43 7.35 -18.97
CA LEU C 122 8.21 6.14 -19.17
C LEU C 122 9.30 5.99 -18.11
N GLU C 123 10.01 7.07 -17.82
CA GLU C 123 11.07 7.05 -16.80
C GLU C 123 10.51 6.70 -15.43
N TYR C 124 9.39 7.31 -15.09
CA TYR C 124 8.72 7.00 -13.83
C TYR C 124 8.42 5.52 -13.72
N TYR C 125 7.78 4.93 -14.74
CA TYR C 125 7.37 3.54 -14.64
C TYR C 125 8.56 2.60 -14.67
N ALA C 126 9.62 2.95 -15.40
CA ALA C 126 10.81 2.11 -15.41
C ALA C 126 11.33 1.90 -13.99
N GLY C 127 11.35 2.96 -13.18
CA GLY C 127 11.82 2.84 -11.82
C GLY C 127 10.90 2.08 -10.89
N LEU C 128 9.62 1.99 -11.22
CA LEU C 128 8.66 1.31 -10.35
C LEU C 128 8.53 -0.18 -10.59
N ILE C 129 9.11 -0.73 -11.67
CA ILE C 129 8.93 -2.16 -11.94
C ILE C 129 9.35 -3.02 -10.77
N PRO C 130 10.50 -2.80 -10.13
CA PRO C 130 10.89 -3.70 -9.02
C PRO C 130 9.96 -3.62 -7.83
N ALA C 131 9.13 -2.58 -7.73
CA ALA C 131 8.24 -2.38 -6.60
C ALA C 131 6.86 -3.00 -6.81
N LEU C 132 6.60 -3.57 -7.97
CA LEU C 132 5.34 -4.24 -8.25
C LEU C 132 5.29 -5.55 -7.47
N GLU C 133 4.42 -5.64 -6.47
CA GLU C 133 4.38 -6.77 -5.54
C GLU C 133 2.95 -7.27 -5.39
N GLY C 134 2.82 -8.56 -5.15
CA GLY C 134 1.57 -9.14 -4.69
C GLY C 134 1.48 -9.08 -3.18
N SER C 135 0.56 -9.86 -2.64
CA SER C 135 0.25 -9.86 -1.22
CA SER C 135 0.25 -9.86 -1.22
C SER C 135 0.38 -11.27 -0.66
N GLN C 136 0.40 -11.36 0.67
CA GLN C 136 0.32 -12.64 1.37
C GLN C 136 -0.68 -12.45 2.50
N ILE C 137 -1.63 -13.37 2.59
CA ILE C 137 -2.72 -13.28 3.57
C ILE C 137 -2.73 -14.56 4.38
N PRO C 138 -2.39 -14.55 5.66
CA PRO C 138 -2.46 -15.77 6.46
C PRO C 138 -3.92 -16.06 6.80
N LEU C 139 -4.34 -17.30 6.58
CA LEU C 139 -5.70 -17.69 6.93
C LEU C 139 -5.77 -18.39 8.28
N ARG C 140 -4.82 -19.27 8.53
CA ARG C 140 -4.76 -20.09 9.73
C ARG C 140 -3.38 -20.73 9.73
N ASP C 141 -3.01 -21.40 10.81
CA ASP C 141 -1.68 -22.00 10.84
C ASP C 141 -1.45 -22.90 9.62
N SER C 142 -2.49 -23.58 9.16
CA SER C 142 -2.36 -24.59 8.11
C SER C 142 -2.72 -24.10 6.69
N SER C 143 -2.96 -22.81 6.49
CA SER C 143 -3.30 -22.35 5.15
C SER C 143 -3.00 -20.85 5.01
N PHE C 144 -2.49 -20.46 3.84
CA PHE C 144 -2.29 -19.05 3.53
C PHE C 144 -2.53 -18.82 2.04
N VAL C 145 -2.73 -17.55 1.71
CA VAL C 145 -2.94 -17.10 0.33
C VAL C 145 -1.81 -16.16 -0.04
N TYR C 146 -1.33 -16.26 -1.26
CA TYR C 146 -0.48 -15.22 -1.81
C TYR C 146 -0.98 -14.88 -3.20
N THR C 147 -0.71 -13.67 -3.64
CA THR C 147 -1.17 -13.20 -4.94
C THR C 147 0.03 -12.82 -5.79
N ARG C 148 -0.15 -12.98 -7.10
CA ARG C 148 0.79 -12.54 -8.09
C ARG C 148 0.08 -11.46 -8.90
N ARG C 149 0.83 -10.43 -9.29
CA ARG C 149 0.36 -9.40 -10.21
C ARG C 149 0.93 -9.82 -11.57
N GLU C 150 0.13 -10.58 -12.30
CA GLU C 150 0.65 -11.15 -13.53
C GLU C 150 0.34 -10.24 -14.72
N PRO C 151 1.16 -10.28 -15.78
CA PRO C 151 0.80 -9.52 -16.97
C PRO C 151 -0.54 -9.96 -17.54
N LEU C 152 -1.27 -9.00 -18.10
CA LEU C 152 -2.44 -9.32 -18.90
C LEU C 152 -2.06 -10.13 -20.13
N GLY C 153 -0.87 -9.90 -20.68
CA GLY C 153 -0.46 -10.59 -21.88
C GLY C 153 -0.25 -9.61 -23.03
N VAL C 154 -1.16 -9.68 -24.00
CA VAL C 154 -1.17 -8.76 -25.13
C VAL C 154 -2.28 -7.75 -24.90
N VAL C 155 -1.93 -6.47 -24.90
CA VAL C 155 -2.90 -5.39 -24.75
C VAL C 155 -2.80 -4.50 -25.98
N ALA C 156 -3.84 -3.71 -26.21
CA ALA C 156 -3.89 -2.82 -27.35
C ALA C 156 -4.12 -1.38 -26.91
N GLY C 157 -3.44 -0.45 -27.56
CA GLY C 157 -3.65 0.97 -27.33
C GLY C 157 -4.13 1.62 -28.61
N ILE C 158 -5.12 2.50 -28.49
CA ILE C 158 -5.64 3.24 -29.62
C ILE C 158 -5.48 4.71 -29.29
N GLY C 159 -4.65 5.41 -30.07
CA GLY C 159 -4.28 6.78 -29.75
C GLY C 159 -5.15 7.80 -30.46
N ALA C 160 -4.99 9.04 -30.02
CA ALA C 160 -5.67 10.19 -30.61
C ALA C 160 -4.64 11.10 -31.25
N TRP C 161 -5.12 12.12 -31.97
CA TRP C 161 -4.24 12.91 -32.81
C TRP C 161 -3.71 14.17 -32.16
N ASN C 162 -4.13 14.51 -30.94
CA ASN C 162 -3.70 15.80 -30.39
C ASN C 162 -2.33 15.74 -29.73
N TYR C 163 -2.00 14.62 -29.09
CA TYR C 163 -0.69 14.40 -28.47
C TYR C 163 -0.21 13.00 -28.85
N PRO C 164 0.15 12.81 -30.12
CA PRO C 164 0.35 11.43 -30.61
C PRO C 164 1.44 10.65 -29.87
N ILE C 165 2.65 11.19 -29.77
CA ILE C 165 3.68 10.37 -29.14
C ILE C 165 3.52 10.37 -27.62
N GLN C 166 3.02 11.46 -27.05
CA GLN C 166 2.77 11.46 -25.61
C GLN C 166 1.76 10.40 -25.24
N ILE C 167 0.68 10.29 -26.03
CA ILE C 167 -0.32 9.27 -25.77
C ILE C 167 0.28 7.88 -25.95
N ALA C 168 1.09 7.69 -26.99
CA ALA C 168 1.74 6.39 -27.17
C ALA C 168 2.61 6.05 -25.97
N LEU C 169 3.32 7.03 -25.41
CA LEU C 169 4.16 6.75 -24.25
C LEU C 169 3.34 6.54 -23.00
N TRP C 170 2.25 7.28 -22.82
CA TRP C 170 1.48 7.12 -21.59
C TRP C 170 0.77 5.77 -21.54
N LYS C 171 0.42 5.22 -22.69
CA LYS C 171 -0.18 3.89 -22.72
C LYS C 171 0.88 2.78 -22.72
N SER C 172 1.94 2.93 -23.51
CA SER C 172 2.91 1.85 -23.63
C SER C 172 3.77 1.73 -22.38
N ALA C 173 4.07 2.83 -21.70
CA ALA C 173 4.98 2.76 -20.55
C ALA C 173 4.44 1.87 -19.44
N PRO C 174 3.25 2.11 -18.88
CA PRO C 174 2.77 1.19 -17.84
C PRO C 174 2.52 -0.21 -18.36
N ALA C 175 2.08 -0.35 -19.61
CA ALA C 175 1.83 -1.67 -20.16
C ALA C 175 3.12 -2.48 -20.24
N LEU C 176 4.18 -1.90 -20.81
CA LEU C 176 5.46 -2.61 -20.88
C LEU C 176 6.04 -2.80 -19.48
N ALA C 177 5.96 -1.79 -18.62
CA ALA C 177 6.54 -1.93 -17.30
C ALA C 177 5.86 -3.03 -16.50
N ALA C 178 4.58 -3.28 -16.77
CA ALA C 178 3.82 -4.36 -16.13
C ALA C 178 4.08 -5.74 -16.75
N GLY C 179 4.92 -5.85 -17.77
CA GLY C 179 5.26 -7.13 -18.36
C GLY C 179 4.44 -7.56 -19.55
N ASN C 180 3.63 -6.67 -20.10
CA ASN C 180 2.81 -6.95 -21.28
C ASN C 180 3.52 -6.53 -22.57
N ALA C 181 3.05 -7.09 -23.67
CA ALA C 181 3.29 -6.52 -25.00
C ALA C 181 2.09 -5.65 -25.33
N MET C 182 2.32 -4.54 -26.04
CA MET C 182 1.26 -3.67 -26.50
C MET C 182 1.29 -3.56 -28.02
N ILE C 183 0.11 -3.70 -28.64
CA ILE C 183 -0.08 -3.34 -30.04
C ILE C 183 -0.75 -1.97 -30.04
N PHE C 184 -0.13 -1.00 -30.71
CA PHE C 184 -0.59 0.38 -30.69
C PHE C 184 -1.05 0.80 -32.08
N LYS C 185 -2.26 1.34 -32.18
CA LYS C 185 -2.79 1.91 -33.41
C LYS C 185 -2.88 3.42 -33.23
N PRO C 186 -1.99 4.21 -33.84
CA PRO C 186 -2.15 5.66 -33.76
C PRO C 186 -3.32 6.12 -34.61
N SER C 187 -3.79 7.33 -34.32
CA SER C 187 -4.81 7.91 -35.17
C SER C 187 -4.28 8.03 -36.59
N GLU C 188 -5.15 7.76 -37.57
CA GLU C 188 -4.81 7.96 -38.97
C GLU C 188 -4.45 9.41 -39.27
N VAL C 189 -4.91 10.35 -38.45
CA VAL C 189 -4.58 11.76 -38.67
C VAL C 189 -3.10 12.02 -38.40
N THR C 190 -2.50 11.23 -37.48
CA THR C 190 -1.17 11.51 -36.94
C THR C 190 -0.45 10.19 -36.65
N PRO C 191 -0.11 9.41 -37.68
CA PRO C 191 0.50 8.09 -37.44
C PRO C 191 2.02 8.04 -37.30
N LEU C 192 2.73 9.13 -37.55
CA LEU C 192 4.16 9.02 -37.85
C LEU C 192 5.04 8.80 -36.61
N THR C 193 4.82 9.55 -35.51
CA THR C 193 5.76 9.46 -34.39
C THR C 193 5.66 8.12 -33.66
N ALA C 194 4.50 7.47 -33.71
CA ALA C 194 4.37 6.15 -33.10
C ALA C 194 5.30 5.13 -33.77
N LEU C 195 5.48 5.23 -35.09
CA LEU C 195 6.41 4.34 -35.78
C LEU C 195 7.84 4.61 -35.36
N LYS C 196 8.20 5.89 -35.16
CA LYS C 196 9.53 6.21 -34.66
C LYS C 196 9.72 5.65 -33.26
N LEU C 197 8.69 5.72 -32.42
CA LEU C 197 8.80 5.22 -31.06
C LEU C 197 9.10 3.73 -31.07
N ALA C 198 8.49 2.97 -31.98
CA ALA C 198 8.75 1.54 -32.07
C ALA C 198 10.23 1.25 -32.34
N GLU C 199 10.84 2.02 -33.24
CA GLU C 199 12.26 1.84 -33.51
C GLU C 199 13.09 2.13 -32.27
N ILE C 200 12.72 3.18 -31.53
CA ILE C 200 13.47 3.56 -30.35
C ILE C 200 13.39 2.47 -29.28
N TYR C 201 12.21 1.90 -29.06
CA TYR C 201 12.09 0.81 -28.09
C TYR C 201 12.99 -0.35 -28.46
N ARG C 202 12.96 -0.76 -29.73
CA ARG C 202 13.78 -1.90 -30.11
C ARG C 202 15.26 -1.56 -29.96
N GLU C 203 15.66 -0.34 -30.33
CA GLU C 203 17.04 0.08 -30.15
C GLU C 203 17.46 0.03 -28.69
N ALA C 204 16.52 0.29 -27.79
CA ALA C 204 16.80 0.25 -26.37
C ALA C 204 16.95 -1.17 -25.87
N GLY C 205 16.58 -2.14 -26.69
CA GLY C 205 16.65 -3.54 -26.31
C GLY C 205 15.32 -4.18 -26.01
N LEU C 206 14.21 -3.51 -26.29
CA LEU C 206 12.90 -4.14 -26.10
C LEU C 206 12.81 -5.39 -26.99
N PRO C 207 12.40 -6.55 -26.46
CA PRO C 207 12.31 -7.74 -27.32
C PRO C 207 11.34 -7.57 -28.48
N ASP C 208 11.66 -8.22 -29.59
CA ASP C 208 10.79 -8.18 -30.77
C ASP C 208 9.40 -8.63 -30.39
N GLY C 209 8.40 -7.87 -30.84
CA GLY C 209 7.01 -8.16 -30.62
C GLY C 209 6.39 -7.46 -29.42
N VAL C 210 7.21 -6.90 -28.52
CA VAL C 210 6.67 -6.30 -27.31
C VAL C 210 5.98 -4.99 -27.59
N PHE C 211 6.45 -4.22 -28.57
CA PHE C 211 5.72 -3.03 -29.01
C PHE C 211 5.63 -3.05 -30.53
N ASN C 212 4.45 -3.40 -31.04
CA ASN C 212 4.13 -3.37 -32.46
C ASN C 212 3.20 -2.19 -32.74
N VAL C 213 3.33 -1.60 -33.92
CA VAL C 213 2.52 -0.45 -34.29
C VAL C 213 1.78 -0.76 -35.58
N LEU C 214 0.45 -0.65 -35.56
CA LEU C 214 -0.41 -0.91 -36.72
C LEU C 214 -1.14 0.38 -37.07
N PRO C 215 -0.59 1.21 -37.96
CA PRO C 215 -1.36 2.31 -38.53
C PRO C 215 -2.57 1.79 -39.30
N GLY C 216 -3.62 2.61 -39.34
CA GLY C 216 -4.82 2.25 -40.05
C GLY C 216 -5.96 3.19 -39.68
N ILE C 217 -7.15 2.86 -40.22
CA ILE C 217 -8.38 3.59 -40.01
C ILE C 217 -9.12 3.02 -38.81
N GLY C 218 -9.83 3.88 -38.08
CA GLY C 218 -10.57 3.42 -36.92
C GLY C 218 -11.59 2.35 -37.26
N ALA C 219 -12.34 2.56 -38.34
CA ALA C 219 -13.40 1.64 -38.71
C ALA C 219 -12.89 0.27 -39.14
N GLU C 220 -11.62 0.12 -39.53
CA GLU C 220 -11.10 -1.19 -39.93
C GLU C 220 -10.04 -1.69 -38.96
N THR C 221 -8.86 -1.08 -38.93
CA THR C 221 -7.78 -1.59 -38.07
C THR C 221 -8.18 -1.51 -36.61
N GLY C 222 -8.76 -0.39 -36.19
CA GLY C 222 -9.17 -0.26 -34.80
C GLY C 222 -10.20 -1.31 -34.43
N GLN C 223 -11.16 -1.56 -35.31
CA GLN C 223 -12.16 -2.58 -35.05
C GLN C 223 -11.53 -3.97 -34.93
N TYR C 224 -10.55 -4.28 -35.79
CA TYR C 224 -9.93 -5.60 -35.74
C TYR C 224 -9.21 -5.80 -34.42
N LEU C 225 -8.56 -4.75 -33.91
CA LEU C 225 -7.92 -4.85 -32.61
C LEU C 225 -8.96 -5.10 -31.52
N THR C 226 -10.04 -4.31 -31.51
CA THR C 226 -11.02 -4.45 -30.46
C THR C 226 -11.72 -5.79 -30.50
N GLU C 227 -11.76 -6.45 -31.65
CA GLU C 227 -12.46 -7.71 -31.78
C GLU C 227 -11.56 -8.93 -31.57
N HIS C 228 -10.25 -8.78 -31.55
CA HIS C 228 -9.40 -9.96 -31.56
C HIS C 228 -9.51 -10.73 -30.24
N PRO C 229 -9.74 -12.04 -30.28
CA PRO C 229 -9.98 -12.78 -29.02
C PRO C 229 -8.79 -12.88 -28.09
N ASP C 230 -7.56 -12.70 -28.58
CA ASP C 230 -6.37 -12.91 -27.76
C ASP C 230 -5.77 -11.62 -27.23
N ILE C 231 -6.50 -10.51 -27.34
CA ILE C 231 -6.10 -9.24 -26.75
C ILE C 231 -6.86 -9.08 -25.44
N ALA C 232 -6.12 -8.87 -24.35
CA ALA C 232 -6.72 -8.93 -23.03
C ALA C 232 -7.23 -7.58 -22.54
N LYS C 233 -6.77 -6.48 -23.13
CA LYS C 233 -7.16 -5.17 -22.66
C LYS C 233 -7.01 -4.17 -23.80
N ILE C 234 -7.95 -3.22 -23.88
CA ILE C 234 -7.91 -2.10 -24.80
C ILE C 234 -7.84 -0.82 -23.99
N SER C 235 -6.91 0.06 -24.33
CA SER C 235 -6.85 1.39 -23.78
C SER C 235 -7.03 2.40 -24.90
N PHE C 236 -8.01 3.30 -24.74
CA PHE C 236 -8.48 4.16 -25.81
C PHE C 236 -8.48 5.62 -25.38
N THR C 237 -7.99 6.49 -26.24
CA THR C 237 -8.10 7.94 -26.05
C THR C 237 -8.78 8.55 -27.26
N GLY C 238 -9.80 9.36 -27.03
CA GLY C 238 -10.49 10.00 -28.14
C GLY C 238 -11.79 10.62 -27.68
N GLY C 239 -12.76 10.69 -28.60
CA GLY C 239 -14.03 11.29 -28.29
C GLY C 239 -15.05 10.29 -27.80
N VAL C 240 -16.12 10.83 -27.20
CA VAL C 240 -17.17 9.98 -26.64
C VAL C 240 -17.78 9.09 -27.71
N ALA C 241 -18.03 9.65 -28.89
CA ALA C 241 -18.71 8.88 -29.92
C ALA C 241 -17.91 7.63 -30.28
N SER C 242 -16.60 7.78 -30.52
CA SER C 242 -15.79 6.62 -30.86
C SER C 242 -15.59 5.72 -29.66
N GLY C 243 -15.55 6.29 -28.46
CA GLY C 243 -15.45 5.45 -27.28
C GLY C 243 -16.60 4.47 -27.16
N LYS C 244 -17.81 4.92 -27.47
CA LYS C 244 -18.95 4.03 -27.44
C LYS C 244 -18.82 2.89 -28.44
N LYS C 245 -18.36 3.19 -29.67
CA LYS C 245 -18.15 2.09 -30.62
C LYS C 245 -17.10 1.12 -30.10
N VAL C 246 -15.99 1.63 -29.57
CA VAL C 246 -14.93 0.75 -29.10
C VAL C 246 -15.44 -0.13 -27.97
N MET C 247 -16.11 0.47 -26.99
CA MET C 247 -16.62 -0.30 -25.86
C MET C 247 -17.62 -1.35 -26.31
N ALA C 248 -18.55 -0.98 -27.19
CA ALA C 248 -19.54 -1.93 -27.67
C ALA C 248 -18.88 -3.10 -28.39
N ASN C 249 -17.98 -2.80 -29.33
CA ASN C 249 -17.36 -3.86 -30.12
C ASN C 249 -16.50 -4.78 -29.25
N SER C 250 -15.82 -4.23 -28.25
CA SER C 250 -15.03 -5.07 -27.37
C SER C 250 -15.91 -6.06 -26.62
N ALA C 251 -17.13 -5.65 -26.29
CA ALA C 251 -18.04 -6.54 -25.57
C ALA C 251 -18.64 -7.60 -26.49
N ALA C 252 -19.14 -7.17 -27.66
CA ALA C 252 -19.83 -8.12 -28.55
C ALA C 252 -18.91 -9.25 -28.99
N SER C 253 -17.65 -8.95 -29.26
CA SER C 253 -16.73 -9.90 -29.88
C SER C 253 -16.00 -10.76 -28.85
N SER C 254 -15.20 -10.13 -28.01
CA SER C 254 -14.41 -10.86 -27.02
C SER C 254 -14.19 -9.94 -25.83
N LEU C 255 -14.58 -10.42 -24.66
CA LEU C 255 -14.48 -9.66 -23.42
C LEU C 255 -13.06 -9.17 -23.18
N LYS C 256 -12.94 -7.87 -22.91
CA LYS C 256 -11.66 -7.22 -22.64
C LYS C 256 -11.80 -6.19 -21.51
N GLU C 257 -10.77 -6.11 -20.67
CA GLU C 257 -10.64 -4.96 -19.79
C GLU C 257 -10.53 -3.71 -20.67
N VAL C 258 -11.03 -2.58 -20.17
CA VAL C 258 -11.07 -1.37 -20.98
C VAL C 258 -10.71 -0.15 -20.15
N THR C 259 -9.84 0.69 -20.70
CA THR C 259 -9.54 2.02 -20.18
C THR C 259 -9.93 3.03 -21.25
N MET C 260 -10.55 4.14 -20.85
CA MET C 260 -10.95 5.16 -21.82
C MET C 260 -10.73 6.56 -21.26
N GLU C 261 -10.04 7.41 -22.03
N GLU C 261 -10.10 7.42 -22.06
CA GLU C 261 -9.97 8.84 -21.75
CA GLU C 261 -9.93 8.84 -21.77
C GLU C 261 -10.66 9.56 -22.88
C GLU C 261 -10.63 9.60 -22.89
N LEU C 262 -11.76 10.24 -22.58
CA LEU C 262 -12.68 10.71 -23.61
C LEU C 262 -12.93 12.22 -23.68
N GLY C 263 -12.09 13.06 -23.12
CA GLY C 263 -12.37 14.50 -23.23
C GLY C 263 -13.54 14.94 -22.35
N GLY C 264 -13.90 16.21 -22.47
CA GLY C 264 -14.87 16.76 -21.54
C GLY C 264 -15.23 18.19 -21.86
N LYS C 265 -15.93 18.80 -20.91
CA LYS C 265 -16.25 20.24 -20.95
C LYS C 265 -15.91 20.81 -19.58
N SER C 266 -14.65 20.98 -19.32
CA SER C 266 -14.21 21.17 -17.94
C SER C 266 -14.45 22.61 -17.48
N PRO C 267 -14.93 22.79 -16.25
CA PRO C 267 -15.22 24.12 -15.74
C PRO C 267 -14.04 24.70 -14.97
N LEU C 268 -13.82 25.99 -15.18
CA LEU C 268 -12.85 26.77 -14.44
C LEU C 268 -13.64 27.77 -13.63
N ILE C 269 -13.53 27.68 -12.30
CA ILE C 269 -14.33 28.50 -11.39
C ILE C 269 -13.44 29.62 -10.84
N ILE C 270 -13.75 30.85 -11.18
N ILE C 270 -13.76 30.86 -11.20
CA ILE C 270 -13.04 32.02 -10.68
CA ILE C 270 -13.08 32.03 -10.68
C ILE C 270 -13.82 32.54 -9.48
C ILE C 270 -13.85 32.51 -9.45
N ALA C 271 -13.20 32.49 -8.30
CA ALA C 271 -13.88 32.90 -7.08
C ALA C 271 -13.97 34.41 -6.91
N GLU C 272 -14.85 34.81 -5.99
CA GLU C 272 -15.05 36.23 -5.74
C GLU C 272 -13.82 36.92 -5.16
N ASP C 273 -12.86 36.19 -4.62
CA ASP C 273 -11.63 36.80 -4.11
C ASP C 273 -10.41 36.54 -4.98
N ALA C 274 -10.59 36.08 -6.21
CA ALA C 274 -9.46 35.76 -7.07
C ALA C 274 -8.81 37.04 -7.60
N ASN C 275 -7.49 37.00 -7.72
CA ASN C 275 -6.77 38.00 -8.52
C ASN C 275 -7.11 37.75 -10.00
N LEU C 276 -7.62 38.78 -10.69
CA LEU C 276 -8.13 38.58 -12.04
C LEU C 276 -7.02 38.40 -13.08
N ASP C 277 -5.81 38.92 -12.84
CA ASP C 277 -4.70 38.62 -13.75
C ASP C 277 -4.34 37.14 -13.68
N LEU C 278 -4.28 36.60 -12.47
CA LEU C 278 -4.05 35.17 -12.33
C LEU C 278 -5.16 34.38 -12.97
N ALA C 279 -6.40 34.80 -12.73
CA ALA C 279 -7.55 34.10 -13.30
C ALA C 279 -7.51 34.12 -14.82
N ALA C 280 -7.17 35.28 -15.42
CA ALA C 280 -7.11 35.36 -16.87
C ALA C 280 -5.95 34.52 -17.42
N ASP C 281 -4.80 34.51 -16.74
CA ASP C 281 -3.69 33.69 -17.19
C ASP C 281 -4.06 32.21 -17.19
N ILE C 282 -4.72 31.75 -16.13
CA ILE C 282 -5.14 30.35 -16.07
C ILE C 282 -6.16 30.06 -17.17
N ALA C 283 -7.13 30.94 -17.36
CA ALA C 283 -8.15 30.73 -18.39
C ALA C 283 -7.50 30.65 -19.77
N MET C 284 -6.52 31.51 -20.03
CA MET C 284 -5.82 31.45 -21.31
C MET C 284 -5.13 30.12 -21.51
N MET C 285 -4.34 29.68 -20.52
CA MET C 285 -3.64 28.41 -20.65
C MET C 285 -4.59 27.23 -20.69
N ALA C 286 -5.78 27.38 -20.14
CA ALA C 286 -6.77 26.31 -20.15
C ALA C 286 -7.58 26.26 -21.45
N ASN C 287 -7.38 27.19 -22.38
CA ASN C 287 -8.20 27.23 -23.58
C ASN C 287 -7.47 27.27 -24.92
N PHE C 288 -6.25 27.83 -24.94
CA PHE C 288 -5.60 28.14 -26.21
C PHE C 288 -4.26 27.44 -26.40
N TYR C 289 -3.84 26.59 -25.48
CA TYR C 289 -2.67 25.75 -25.71
C TYR C 289 -3.02 24.66 -26.74
N SER C 290 -2.07 24.33 -27.60
CA SER C 290 -2.30 23.36 -28.67
C SER C 290 -3.54 23.74 -29.47
N SER C 291 -3.73 25.04 -29.66
CA SER C 291 -4.87 25.60 -30.40
C SER C 291 -6.21 25.06 -29.88
N GLY C 292 -6.30 24.84 -28.57
CA GLY C 292 -7.54 24.37 -27.96
C GLY C 292 -7.83 22.88 -28.09
N GLN C 293 -6.88 22.09 -28.57
CA GLN C 293 -7.08 20.66 -28.83
C GLN C 293 -6.54 19.81 -27.68
N VAL C 294 -7.04 20.05 -26.48
CA VAL C 294 -6.61 19.39 -25.26
C VAL C 294 -7.84 18.89 -24.51
N CYS C 295 -7.82 17.61 -24.12
CA CYS C 295 -9.00 17.00 -23.52
C CYS C 295 -9.40 17.71 -22.23
N THR C 296 -8.42 18.17 -21.48
CA THR C 296 -8.65 18.73 -20.15
C THR C 296 -8.96 20.22 -20.15
N ASN C 297 -9.09 20.86 -21.32
CA ASN C 297 -9.24 22.31 -21.36
C ASN C 297 -10.45 22.81 -20.57
N GLY C 298 -10.26 23.95 -19.90
CA GLY C 298 -11.28 24.58 -19.09
C GLY C 298 -12.13 25.52 -19.92
N THR C 299 -12.99 24.92 -20.75
CA THR C 299 -13.71 25.65 -21.79
C THR C 299 -14.98 26.31 -21.29
N ARG C 300 -15.41 26.02 -20.08
CA ARG C 300 -16.45 26.80 -19.40
C ARG C 300 -15.76 27.59 -18.31
N VAL C 301 -15.64 28.89 -18.52
CA VAL C 301 -14.98 29.76 -17.54
C VAL C 301 -16.06 30.52 -16.80
N PHE C 302 -16.25 30.17 -15.53
CA PHE C 302 -17.26 30.78 -14.67
C PHE C 302 -16.63 31.95 -13.93
N VAL C 303 -17.18 33.15 -14.15
CA VAL C 303 -16.65 34.39 -13.60
C VAL C 303 -17.75 35.09 -12.79
N PRO C 304 -17.44 35.61 -11.60
CA PRO C 304 -18.46 36.34 -10.84
C PRO C 304 -18.99 37.52 -11.65
N ALA C 305 -20.30 37.76 -11.55
CA ALA C 305 -20.91 38.86 -12.29
C ALA C 305 -20.20 40.19 -12.02
N LYS C 306 -19.76 40.41 -10.78
CA LYS C 306 -19.10 41.68 -10.44
C LYS C 306 -17.75 41.87 -11.13
N PHE C 307 -17.11 40.79 -11.58
CA PHE C 307 -15.81 40.83 -12.22
C PHE C 307 -15.86 40.68 -13.72
N LYS C 308 -17.02 40.32 -14.26
CA LYS C 308 -17.11 39.88 -15.68
C LYS C 308 -16.47 40.87 -16.67
N ALA C 309 -16.90 42.12 -16.63
CA ALA C 309 -16.41 43.04 -17.63
C ALA C 309 -14.90 43.20 -17.55
N GLU C 310 -14.36 43.35 -16.34
CA GLU C 310 -12.92 43.50 -16.17
C GLU C 310 -12.19 42.24 -16.60
N PHE C 311 -12.74 41.06 -16.28
CA PHE C 311 -12.14 39.81 -16.72
C PHE C 311 -12.13 39.70 -18.25
N GLU C 312 -13.23 40.09 -18.90
CA GLU C 312 -13.30 40.03 -20.36
C GLU C 312 -12.21 40.89 -20.98
N HIS C 313 -12.00 42.10 -20.45
CA HIS C 313 -10.94 42.94 -20.99
C HIS C 313 -9.57 42.33 -20.74
N LYS C 314 -9.37 41.67 -19.60
CA LYS C 314 -8.08 41.02 -19.37
C LYS C 314 -7.84 39.86 -20.35
N ILE C 315 -8.89 39.10 -20.69
CA ILE C 315 -8.73 38.01 -21.64
C ILE C 315 -8.36 38.55 -23.02
N LEU C 316 -9.05 39.60 -23.47
CA LEU C 316 -8.76 40.20 -24.77
C LEU C 316 -7.32 40.72 -24.84
N GLU C 317 -6.85 41.31 -23.75
CA GLU C 317 -5.44 41.78 -23.72
C GLU C 317 -4.51 40.58 -23.96
N ARG C 318 -4.80 39.46 -23.31
CA ARG C 318 -3.94 38.29 -23.45
C ARG C 318 -4.10 37.63 -24.82
N VAL C 319 -5.31 37.68 -25.40
CA VAL C 319 -5.48 37.16 -26.76
C VAL C 319 -4.56 37.91 -27.70
N GLY C 320 -4.30 39.19 -27.41
CA GLY C 320 -3.33 39.97 -28.16
C GLY C 320 -1.93 39.43 -28.10
N ARG C 321 -1.63 38.59 -27.12
CA ARG C 321 -0.33 37.96 -27.01
C ARG C 321 -0.23 36.63 -27.76
N ILE C 322 -1.31 36.16 -28.40
CA ILE C 322 -1.23 34.96 -29.20
C ILE C 322 -0.52 35.28 -30.51
N ARG C 323 0.48 34.47 -30.86
CA ARG C 323 1.31 34.70 -32.04
C ARG C 323 1.18 33.51 -32.98
N ALA C 324 0.30 33.64 -33.96
CA ALA C 324 0.18 32.65 -35.03
C ALA C 324 1.20 32.95 -36.12
N GLY C 325 1.79 31.90 -36.68
CA GLY C 325 2.77 32.08 -37.74
C GLY C 325 3.51 30.78 -38.00
N ASP C 326 4.72 30.93 -38.54
CA ASP C 326 5.61 29.83 -38.84
C ASP C 326 5.76 28.91 -37.64
N LEU C 327 5.42 27.64 -37.82
CA LEU C 327 5.37 26.72 -36.70
C LEU C 327 6.75 26.37 -36.15
N PHE C 328 7.81 26.61 -36.91
CA PHE C 328 9.16 26.37 -36.41
C PHE C 328 9.82 27.63 -35.87
N ALA C 329 9.12 28.75 -35.88
CA ALA C 329 9.65 29.99 -35.36
C ALA C 329 9.52 30.04 -33.84
N ASP C 330 10.55 30.59 -33.18
CA ASP C 330 10.61 30.55 -31.73
C ASP C 330 9.42 31.25 -31.08
N ASP C 331 8.96 32.36 -31.64
CA ASP C 331 7.92 33.13 -30.98
C ASP C 331 6.50 32.70 -31.32
N THR C 332 6.33 31.74 -32.24
CA THR C 332 5.00 31.24 -32.55
C THR C 332 4.49 30.39 -31.39
N ASN C 333 3.27 30.68 -30.92
CA ASN C 333 2.69 29.94 -29.80
C ASN C 333 1.26 29.48 -30.08
N PHE C 334 0.87 29.40 -31.34
CA PHE C 334 -0.48 29.04 -31.75
C PHE C 334 -0.39 28.43 -33.14
N GLY C 335 -1.05 27.30 -33.35
CA GLY C 335 -0.99 26.61 -34.62
C GLY C 335 -2.35 26.45 -35.29
N PRO C 336 -2.34 25.93 -36.51
CA PRO C 336 -3.61 25.55 -37.13
C PRO C 336 -4.16 24.33 -36.39
N LEU C 337 -5.41 24.01 -36.68
CA LEU C 337 -5.94 22.77 -36.18
C LEU C 337 -5.31 21.60 -36.94
N VAL C 338 -5.54 20.39 -36.40
CA VAL C 338 -4.89 19.19 -36.88
C VAL C 338 -5.30 18.78 -38.28
N SER C 339 -6.47 19.20 -38.75
CA SER C 339 -6.94 18.76 -40.05
C SER C 339 -8.00 19.73 -40.54
N PHE C 340 -8.26 19.67 -41.83
CA PHE C 340 -9.26 20.56 -42.40
C PHE C 340 -10.68 20.08 -42.06
N PRO C 341 -10.96 18.77 -42.05
CA PRO C 341 -12.26 18.32 -41.51
C PRO C 341 -12.47 18.72 -40.06
N HIS C 342 -11.43 18.66 -39.23
CA HIS C 342 -11.64 19.09 -37.85
C HIS C 342 -11.97 20.57 -37.81
N ARG C 343 -11.28 21.39 -38.63
CA ARG C 343 -11.61 22.81 -38.68
C ARG C 343 -13.07 23.04 -39.09
N GLN C 344 -13.57 22.32 -40.07
CA GLN C 344 -14.97 22.53 -40.47
C GLN C 344 -15.90 22.30 -39.29
N ASN C 345 -15.60 21.29 -38.46
CA ASN C 345 -16.42 21.00 -37.29
C ASN C 345 -16.35 22.13 -36.26
N VAL C 346 -15.16 22.67 -36.02
CA VAL C 346 -15.05 23.78 -35.09
C VAL C 346 -15.79 25.00 -35.62
N LEU C 347 -15.74 25.25 -36.94
CA LEU C 347 -16.45 26.38 -37.50
C LEU C 347 -17.97 26.21 -37.34
N ARG C 348 -18.46 24.98 -37.45
CA ARG C 348 -19.87 24.74 -37.23
C ARG C 348 -20.28 25.06 -35.81
N TYR C 349 -19.42 24.74 -34.83
CA TYR C 349 -19.72 25.09 -33.44
C TYR C 349 -19.73 26.60 -33.26
N ILE C 350 -18.75 27.29 -33.84
CA ILE C 350 -18.70 28.75 -33.74
C ILE C 350 -19.97 29.36 -34.32
N GLU C 351 -20.41 28.87 -35.48
CA GLU C 351 -21.61 29.41 -36.09
C GLU C 351 -22.83 29.16 -35.22
N SER C 352 -22.88 28.01 -34.55
CA SER C 352 -23.99 27.76 -33.63
C SER C 352 -23.96 28.73 -32.47
N GLY C 353 -22.76 29.10 -32.01
CA GLY C 353 -22.67 30.10 -30.95
C GLY C 353 -23.27 31.42 -31.36
N LYS C 354 -22.94 31.88 -32.58
CA LYS C 354 -23.51 33.12 -33.08
C LYS C 354 -25.02 33.04 -33.21
N SER C 355 -25.53 31.94 -33.78
CA SER C 355 -26.97 31.89 -34.05
C SER C 355 -27.79 31.78 -32.76
N GLU C 356 -27.17 31.33 -31.66
CA GLU C 356 -27.84 31.29 -30.37
C GLU C 356 -27.61 32.56 -29.55
N GLY C 357 -26.88 33.54 -30.09
CA GLY C 357 -26.76 34.83 -29.41
C GLY C 357 -25.60 34.97 -28.45
N ALA C 358 -24.70 33.98 -28.38
CA ALA C 358 -23.51 34.17 -27.56
C ALA C 358 -22.77 35.39 -28.11
N ARG C 359 -22.20 36.19 -27.22
CA ARG C 359 -21.54 37.42 -27.63
C ARG C 359 -20.10 37.12 -28.05
N LEU C 360 -19.77 37.37 -29.31
CA LEU C 360 -18.43 37.12 -29.82
C LEU C 360 -17.52 38.29 -29.44
N LEU C 361 -16.51 38.03 -28.59
CA LEU C 361 -15.58 39.08 -28.18
C LEU C 361 -14.38 39.19 -29.11
N CYS C 362 -13.92 38.07 -29.67
CA CYS C 362 -12.85 38.10 -30.65
C CYS C 362 -12.87 36.79 -31.43
N GLY C 363 -12.22 36.81 -32.58
CA GLY C 363 -12.08 35.62 -33.40
C GLY C 363 -13.34 35.23 -34.12
N GLY C 364 -13.60 33.93 -34.20
CA GLY C 364 -14.81 33.43 -34.81
C GLY C 364 -14.71 33.14 -36.28
N ASP C 365 -13.52 33.21 -36.85
CA ASP C 365 -13.35 32.99 -38.29
C ASP C 365 -12.00 32.32 -38.50
N VAL C 366 -11.75 31.90 -39.74
CA VAL C 366 -10.42 31.39 -40.12
C VAL C 366 -9.43 32.55 -40.23
N LEU C 367 -8.16 32.22 -40.10
CA LEU C 367 -7.10 33.19 -40.37
C LEU C 367 -6.86 33.27 -41.89
N LYS C 368 -6.53 34.46 -42.34
CA LYS C 368 -6.38 34.73 -43.76
C LYS C 368 -5.08 35.49 -44.02
N GLY C 369 -4.56 35.33 -45.24
CA GLY C 369 -3.35 36.00 -45.66
C GLY C 369 -2.24 35.01 -45.98
N GLU C 370 -1.13 35.57 -46.45
CA GLU C 370 0.04 34.76 -46.78
C GLU C 370 0.46 33.96 -45.55
N GLY C 371 0.70 32.66 -45.75
CA GLY C 371 1.08 31.80 -44.66
C GLY C 371 -0.06 31.20 -43.89
N PHE C 372 -1.30 31.64 -44.15
CA PHE C 372 -2.49 31.10 -43.48
C PHE C 372 -3.52 30.52 -44.43
N ASP C 373 -3.58 30.98 -45.67
CA ASP C 373 -4.65 30.57 -46.56
C ASP C 373 -4.63 29.06 -46.82
N ASN C 374 -3.46 28.44 -46.76
CA ASN C 374 -3.32 27.02 -47.06
C ASN C 374 -3.25 26.16 -45.80
N GLY C 375 -3.44 26.75 -44.62
CA GLY C 375 -3.41 25.98 -43.39
C GLY C 375 -4.77 25.95 -42.71
N ALA C 376 -4.97 24.99 -41.80
CA ALA C 376 -6.27 24.78 -41.18
C ALA C 376 -6.43 25.66 -39.93
N TRP C 377 -6.26 26.97 -40.13
CA TRP C 377 -6.24 27.93 -39.04
C TRP C 377 -7.64 28.40 -38.65
N VAL C 378 -7.89 28.46 -37.35
CA VAL C 378 -9.05 29.12 -36.76
C VAL C 378 -8.54 30.16 -35.75
N ALA C 379 -9.06 31.38 -35.83
CA ALA C 379 -8.62 32.43 -34.93
C ALA C 379 -9.00 32.10 -33.48
N PRO C 380 -8.18 32.53 -32.52
CA PRO C 380 -8.59 32.40 -31.11
C PRO C 380 -9.93 33.07 -30.89
N THR C 381 -10.87 32.33 -30.31
CA THR C 381 -12.26 32.75 -30.26
C THR C 381 -12.70 32.77 -28.80
N VAL C 382 -13.32 33.87 -28.41
CA VAL C 382 -13.89 34.02 -27.07
C VAL C 382 -15.34 34.45 -27.21
N PHE C 383 -16.25 33.68 -26.60
CA PHE C 383 -17.64 34.08 -26.44
C PHE C 383 -17.91 34.45 -25.01
N THR C 384 -18.77 35.44 -24.79
CA THR C 384 -19.20 35.73 -23.43
C THR C 384 -20.72 35.86 -23.40
N ASP C 385 -21.23 36.12 -22.22
CA ASP C 385 -22.67 36.08 -21.95
C ASP C 385 -23.24 34.71 -22.32
N CYS C 386 -22.46 33.65 -22.12
CA CYS C 386 -22.90 32.31 -22.46
C CYS C 386 -23.79 31.76 -21.34
N THR C 387 -24.64 30.80 -21.71
CA THR C 387 -25.59 30.17 -20.81
C THR C 387 -25.55 28.66 -20.97
N ASP C 388 -26.08 27.97 -19.95
CA ASP C 388 -25.82 26.55 -19.79
C ASP C 388 -26.43 25.66 -20.87
N ASP C 389 -27.44 26.14 -21.60
CA ASP C 389 -28.19 25.45 -22.64
CA ASP C 389 -28.03 25.27 -22.60
C ASP C 389 -27.58 25.60 -24.02
N MET C 390 -26.61 26.48 -24.19
CA MET C 390 -26.05 26.69 -25.51
C MET C 390 -25.26 25.49 -25.95
N THR C 391 -25.31 25.23 -27.26
CA THR C 391 -24.57 24.10 -27.81
C THR C 391 -23.07 24.23 -27.53
N ILE C 392 -22.51 25.43 -27.73
CA ILE C 392 -21.08 25.58 -27.48
C ILE C 392 -20.74 25.43 -26.00
N VAL C 393 -21.73 25.56 -25.11
CA VAL C 393 -21.46 25.32 -23.69
C VAL C 393 -21.64 23.86 -23.31
N ARG C 394 -22.54 23.15 -23.99
CA ARG C 394 -22.83 21.77 -23.63
C ARG C 394 -21.88 20.76 -24.28
N GLU C 395 -21.31 21.07 -25.43
CA GLU C 395 -20.58 20.07 -26.22
C GLU C 395 -19.10 20.44 -26.32
N GLU C 396 -18.24 19.43 -26.32
CA GLU C 396 -16.80 19.65 -26.48
C GLU C 396 -16.51 20.07 -27.92
N ILE C 397 -15.81 21.19 -28.08
CA ILE C 397 -15.51 21.74 -29.39
C ILE C 397 -14.14 21.29 -29.88
N PHE C 398 -13.18 21.20 -28.97
CA PHE C 398 -11.82 20.79 -29.29
C PHE C 398 -11.20 21.74 -30.31
N GLY C 399 -11.48 23.02 -30.14
CA GLY C 399 -10.77 24.06 -30.82
C GLY C 399 -10.58 25.24 -29.89
N PRO C 400 -10.05 26.35 -30.42
CA PRO C 400 -9.71 27.50 -29.55
C PRO C 400 -10.93 28.40 -29.34
N VAL C 401 -11.86 27.91 -28.53
CA VAL C 401 -13.13 28.59 -28.32
C VAL C 401 -13.44 28.57 -26.84
N MET C 402 -13.26 29.72 -26.19
CA MET C 402 -13.56 29.87 -24.77
C MET C 402 -14.98 30.37 -24.59
N SER C 403 -15.70 29.78 -23.63
CA SER C 403 -17.03 30.26 -23.24
C SER C 403 -16.98 30.83 -21.83
N ILE C 404 -17.33 32.11 -21.70
CA ILE C 404 -17.33 32.81 -20.41
C ILE C 404 -18.77 32.92 -19.91
N LEU C 405 -19.02 32.45 -18.69
CA LEU C 405 -20.33 32.39 -18.07
C LEU C 405 -20.30 33.16 -16.75
N SER C 406 -21.27 34.04 -16.55
CA SER C 406 -21.40 34.78 -15.30
CA SER C 406 -21.37 34.76 -15.29
C SER C 406 -22.14 33.93 -14.27
N TYR C 407 -21.79 34.13 -12.99
CA TYR C 407 -22.50 33.49 -11.88
C TYR C 407 -22.55 34.43 -10.69
N ASP C 408 -23.48 34.15 -9.78
CA ASP C 408 -23.74 34.97 -8.61
C ASP C 408 -23.26 34.39 -7.28
N ASP C 409 -23.34 33.07 -7.04
CA ASP C 409 -23.02 32.54 -5.71
C ASP C 409 -22.37 31.16 -5.81
N GLU C 410 -21.74 30.73 -4.71
CA GLU C 410 -20.92 29.53 -4.72
C GLU C 410 -21.75 28.27 -4.95
N ALA C 411 -22.89 28.14 -4.27
CA ALA C 411 -23.71 26.95 -4.46
C ALA C 411 -24.19 26.86 -5.92
N GLU C 412 -24.52 28.00 -6.51
CA GLU C 412 -24.96 28.02 -7.90
C GLU C 412 -23.87 27.51 -8.84
N VAL C 413 -22.64 27.98 -8.67
CA VAL C 413 -21.63 27.64 -9.66
C VAL C 413 -21.23 26.18 -9.53
N ILE C 414 -21.24 25.62 -8.31
CA ILE C 414 -20.96 24.20 -8.16
C ILE C 414 -22.01 23.37 -8.89
N ARG C 415 -23.29 23.69 -8.71
CA ARG C 415 -24.35 22.99 -9.41
C ARG C 415 -24.16 23.07 -10.92
N ARG C 416 -23.91 24.28 -11.43
CA ARG C 416 -23.77 24.46 -12.87
C ARG C 416 -22.48 23.81 -13.39
N ALA C 417 -21.40 23.87 -12.61
CA ALA C 417 -20.18 23.19 -13.02
C ALA C 417 -20.40 21.69 -13.17
N ASN C 418 -21.20 21.10 -12.28
CA ASN C 418 -21.43 19.67 -12.27
C ASN C 418 -22.56 19.19 -13.18
N ALA C 419 -23.39 20.10 -13.71
CA ALA C 419 -24.56 19.75 -14.51
C ALA C 419 -24.13 19.50 -15.96
N THR C 420 -23.44 18.39 -16.13
CA THR C 420 -22.88 17.98 -17.41
C THR C 420 -22.68 16.49 -17.32
N GLU C 421 -22.74 15.84 -18.47
CA GLU C 421 -22.41 14.43 -18.61
C GLU C 421 -20.91 14.20 -18.60
N TYR C 422 -20.12 15.25 -18.81
CA TYR C 422 -18.67 15.10 -18.80
C TYR C 422 -18.14 15.24 -17.37
N GLY C 423 -16.91 14.75 -17.18
CA GLY C 423 -16.29 14.78 -15.87
C GLY C 423 -14.78 14.78 -15.82
N LEU C 424 -14.08 15.34 -16.80
CA LEU C 424 -12.65 15.07 -16.89
C LEU C 424 -11.85 15.93 -15.91
N ALA C 425 -11.92 17.25 -16.04
CA ALA C 425 -11.10 18.12 -15.21
C ALA C 425 -11.94 19.26 -14.64
N ALA C 426 -11.32 20.02 -13.74
CA ALA C 426 -11.95 21.19 -13.16
C ALA C 426 -10.89 22.00 -12.46
N GLY C 427 -11.22 23.25 -12.19
CA GLY C 427 -10.28 24.05 -11.41
C GLY C 427 -10.97 25.19 -10.69
N VAL C 428 -10.27 25.70 -9.68
CA VAL C 428 -10.73 26.86 -8.93
C VAL C 428 -9.56 27.82 -8.72
N VAL C 429 -9.85 29.11 -8.80
CA VAL C 429 -8.89 30.17 -8.55
C VAL C 429 -9.39 30.94 -7.33
N THR C 430 -8.64 30.83 -6.23
CA THR C 430 -8.99 31.50 -4.97
C THR C 430 -7.79 31.43 -4.04
N PRO C 431 -7.50 32.51 -3.30
CA PRO C 431 -6.46 32.47 -2.28
C PRO C 431 -6.94 31.94 -0.94
N ASP C 432 -8.22 31.65 -0.82
CA ASP C 432 -8.83 31.28 0.46
C ASP C 432 -8.70 29.78 0.68
N LEU C 433 -8.17 29.40 1.84
CA LEU C 433 -7.93 27.99 2.15
C LEU C 433 -9.23 27.19 2.11
N ASN C 434 -10.23 27.64 2.88
CA ASN C 434 -11.47 26.88 2.97
C ASN C 434 -12.19 26.83 1.63
N ARG C 435 -12.23 27.96 0.90
CA ARG C 435 -12.95 27.97 -0.38
C ARG C 435 -12.35 26.99 -1.37
N ALA C 436 -11.02 26.97 -1.45
CA ALA C 436 -10.35 26.14 -2.44
C ALA C 436 -10.64 24.66 -2.22
N HIS C 437 -10.42 24.16 -1.00
CA HIS C 437 -10.66 22.74 -0.77
C HIS C 437 -12.14 22.44 -0.77
N ARG C 438 -12.95 23.32 -0.19
CA ARG C 438 -14.38 23.06 -0.08
C ARG C 438 -15.02 22.94 -1.45
N ILE C 439 -14.68 23.85 -2.36
CA ILE C 439 -15.27 23.79 -3.69
C ILE C 439 -14.75 22.58 -4.45
N ILE C 440 -13.44 22.35 -4.41
CA ILE C 440 -12.84 21.27 -5.19
C ILE C 440 -13.44 19.93 -4.78
N HIS C 441 -13.67 19.73 -3.49
CA HIS C 441 -14.20 18.45 -3.04
C HIS C 441 -15.61 18.17 -3.55
N GLN C 442 -16.34 19.19 -3.95
CA GLN C 442 -17.70 19.00 -4.45
C GLN C 442 -17.76 18.86 -5.98
N LEU C 443 -16.67 19.05 -6.68
CA LEU C 443 -16.70 19.01 -8.14
C LEU C 443 -16.56 17.57 -8.63
N GLU C 444 -17.38 17.25 -9.65
CA GLU C 444 -17.44 15.86 -10.14
C GLU C 444 -16.46 15.72 -11.32
N ALA C 445 -15.18 15.71 -11.01
CA ALA C 445 -14.13 15.57 -12.02
C ALA C 445 -12.93 14.85 -11.41
N GLY C 446 -12.19 14.14 -12.26
CA GLY C 446 -11.07 13.35 -11.79
C GLY C 446 -9.76 14.10 -11.68
N ILE C 447 -9.68 15.26 -12.33
CA ILE C 447 -8.44 16.04 -12.38
C ILE C 447 -8.80 17.45 -11.96
N CYS C 448 -8.30 17.90 -10.81
CA CYS C 448 -8.67 19.19 -10.26
C CYS C 448 -7.42 20.01 -9.97
N TRP C 449 -7.43 21.25 -10.42
CA TRP C 449 -6.29 22.15 -10.30
C TRP C 449 -6.70 23.37 -9.47
N ILE C 450 -5.90 23.70 -8.46
CA ILE C 450 -6.13 24.88 -7.64
C ILE C 450 -5.05 25.90 -7.96
N ASN C 451 -5.50 27.06 -8.47
CA ASN C 451 -4.63 28.18 -8.81
C ASN C 451 -3.58 27.80 -9.86
N SER C 452 -3.99 26.93 -10.80
CA SER C 452 -3.13 26.52 -11.90
CA SER C 452 -3.12 26.47 -11.86
C SER C 452 -3.99 25.78 -12.92
N TRP C 453 -3.36 25.36 -14.01
CA TRP C 453 -4.05 24.50 -14.96
C TRP C 453 -3.03 23.69 -15.75
N GLY C 454 -3.36 22.43 -16.00
CA GLY C 454 -2.69 21.67 -17.05
C GLY C 454 -1.54 20.77 -16.61
N GLU C 455 -0.95 20.99 -15.45
CA GLU C 455 0.19 20.16 -15.06
C GLU C 455 -0.31 18.76 -14.73
N SER C 456 0.35 17.75 -15.29
CA SER C 456 -0.07 16.36 -15.17
C SER C 456 1.14 15.51 -14.81
N PRO C 457 1.59 15.57 -13.54
CA PRO C 457 2.79 14.82 -13.16
C PRO C 457 2.61 13.32 -13.37
N ALA C 458 3.74 12.65 -13.69
CA ALA C 458 3.70 11.19 -13.87
C ALA C 458 3.10 10.49 -12.65
N GLU C 459 3.28 11.06 -11.47
CA GLU C 459 2.82 10.45 -10.23
C GLU C 459 1.31 10.57 -10.03
N MET C 460 0.65 11.44 -10.78
CA MET C 460 -0.71 11.83 -10.50
C MET C 460 -1.68 11.06 -11.37
N PRO C 461 -2.52 10.19 -10.83
CA PRO C 461 -3.53 9.53 -11.68
C PRO C 461 -4.48 10.55 -12.30
N VAL C 462 -4.77 10.36 -13.59
CA VAL C 462 -5.65 11.25 -14.35
C VAL C 462 -6.64 10.44 -15.17
N GLY C 463 -7.89 10.91 -15.16
CA GLY C 463 -8.96 10.29 -15.91
C GLY C 463 -10.26 10.93 -15.51
N GLY C 464 -11.33 10.50 -16.19
CA GLY C 464 -12.61 11.17 -16.11
C GLY C 464 -13.65 10.49 -15.25
N TYR C 465 -14.52 11.31 -14.68
CA TYR C 465 -15.80 10.88 -14.14
C TYR C 465 -16.85 10.77 -15.26
N LYS C 466 -17.95 10.06 -14.98
CA LYS C 466 -19.16 10.04 -15.83
C LYS C 466 -18.75 9.72 -17.27
N HIS C 467 -19.21 10.47 -18.28
CA HIS C 467 -18.97 10.11 -19.67
C HIS C 467 -17.58 10.50 -20.14
N SER C 468 -16.73 11.02 -19.27
CA SER C 468 -15.39 11.39 -19.70
C SER C 468 -14.37 10.25 -19.60
N GLY C 469 -14.73 9.12 -19.00
CA GLY C 469 -13.80 8.00 -19.12
C GLY C 469 -14.09 6.82 -18.22
N ILE C 470 -13.26 5.79 -18.41
N ILE C 470 -13.28 5.80 -18.41
CA ILE C 470 -13.21 4.59 -17.59
CA ILE C 470 -13.22 4.60 -17.57
C ILE C 470 -11.75 4.35 -17.23
C ILE C 470 -11.76 4.36 -17.22
N GLY C 471 -11.48 4.17 -15.94
CA GLY C 471 -10.11 3.94 -15.51
C GLY C 471 -9.28 5.23 -15.48
N ARG C 472 -7.97 5.03 -15.31
CA ARG C 472 -7.04 6.13 -15.10
C ARG C 472 -5.75 5.84 -15.85
N GLU C 473 -4.97 6.89 -16.06
CA GLU C 473 -3.60 6.79 -16.55
C GLU C 473 -2.66 7.49 -15.57
N ASN C 474 -1.38 7.12 -15.62
CA ASN C 474 -0.33 7.64 -14.74
C ASN C 474 -0.57 7.25 -13.28
N GLY C 475 0.45 7.47 -12.44
CA GLY C 475 0.41 7.05 -11.06
C GLY C 475 0.68 5.56 -10.91
N VAL C 476 0.98 5.19 -9.66
CA VAL C 476 1.27 3.80 -9.33
CA VAL C 476 1.29 3.80 -9.37
C VAL C 476 0.11 2.90 -9.71
N MET C 477 -1.13 3.40 -9.54
CA MET C 477 -2.29 2.55 -9.79
C MET C 477 -2.37 2.10 -11.23
N THR C 478 -1.85 2.89 -12.17
CA THR C 478 -1.97 2.47 -13.57
C THR C 478 -0.99 1.36 -13.92
N LEU C 479 0.17 1.32 -13.26
CA LEU C 479 1.03 0.16 -13.39
C LEU C 479 0.28 -1.09 -12.94
N GLN C 480 -0.37 -1.00 -11.79
CA GLN C 480 -1.13 -2.15 -11.27
C GLN C 480 -2.32 -2.49 -12.16
N SER C 481 -2.92 -1.50 -12.79
CA SER C 481 -4.06 -1.73 -13.67
C SER C 481 -3.66 -2.44 -14.95
N TYR C 482 -2.36 -2.53 -15.28
CA TYR C 482 -1.90 -3.33 -16.39
C TYR C 482 -1.42 -4.71 -15.97
N THR C 483 -1.72 -5.12 -14.75
CA THR C 483 -1.57 -6.50 -14.30
C THR C 483 -2.95 -7.04 -13.95
N GLN C 484 -3.02 -8.36 -13.80
CA GLN C 484 -4.23 -9.01 -13.29
C GLN C 484 -3.85 -9.83 -12.08
N VAL C 485 -4.74 -9.87 -11.10
CA VAL C 485 -4.42 -10.57 -9.87
C VAL C 485 -4.72 -12.06 -10.01
N LYS C 486 -3.76 -12.88 -9.63
CA LYS C 486 -3.98 -14.31 -9.44
C LYS C 486 -3.85 -14.58 -7.96
N SER C 487 -4.92 -15.12 -7.36
CA SER C 487 -4.91 -15.53 -5.96
C SER C 487 -4.62 -17.02 -5.88
N ILE C 488 -3.71 -17.39 -4.99
CA ILE C 488 -3.25 -18.77 -4.83
C ILE C 488 -3.40 -19.16 -3.38
N GLN C 489 -4.20 -20.18 -3.11
CA GLN C 489 -4.35 -20.69 -1.76
C GLN C 489 -3.50 -21.95 -1.61
N VAL C 490 -2.63 -21.95 -0.61
CA VAL C 490 -1.87 -23.13 -0.23
C VAL C 490 -2.60 -23.76 0.95
N GLU C 491 -3.15 -24.95 0.76
CA GLU C 491 -3.83 -25.66 1.83
C GLU C 491 -2.91 -26.77 2.30
N MET C 492 -2.37 -26.61 3.49
CA MET C 492 -1.46 -27.58 4.09
C MET C 492 -2.18 -28.57 5.00
N GLY C 493 -3.44 -28.32 5.32
CA GLY C 493 -4.21 -29.20 6.16
C GLY C 493 -4.93 -30.23 5.33
N PRO C 494 -5.59 -31.19 5.99
CA PRO C 494 -6.31 -32.24 5.26
C PRO C 494 -7.61 -31.71 4.68
N PHE C 495 -7.86 -32.03 3.41
CA PHE C 495 -9.06 -31.57 2.73
C PHE C 495 -10.26 -32.43 3.09
N GLN C 496 -11.39 -31.78 3.37
CA GLN C 496 -12.61 -32.46 3.80
C GLN C 496 -13.61 -32.41 2.66
N SER C 497 -14.06 -33.57 2.20
CA SER C 497 -15.16 -33.68 1.25
C SER C 497 -16.43 -34.10 1.99
N ILE C 498 -17.57 -33.56 1.57
CA ILE C 498 -18.84 -33.98 2.14
C ILE C 498 -19.46 -35.14 1.39
N PHE C 499 -18.81 -35.66 0.34
CA PHE C 499 -19.35 -36.82 -0.36
C PHE C 499 -18.61 -38.11 0.09
N ALA D 14 -9.83 -2.87 50.74
CA ALA D 14 -8.82 -3.83 50.30
C ALA D 14 -7.81 -3.24 49.31
N GLU D 15 -6.59 -3.79 49.34
CA GLU D 15 -5.55 -3.43 48.39
C GLU D 15 -5.92 -3.89 46.99
N GLN D 16 -5.62 -3.06 45.99
CA GLN D 16 -5.87 -3.43 44.60
C GLN D 16 -4.73 -4.34 44.15
N GLN D 17 -5.06 -5.43 43.49
CA GLN D 17 -4.09 -6.46 43.15
C GLN D 17 -3.63 -6.32 41.72
N LEU D 18 -2.64 -7.14 41.36
CA LEU D 18 -2.21 -7.25 39.98
C LEU D 18 -3.22 -8.05 39.16
N TYR D 19 -3.16 -7.89 37.84
CA TYR D 19 -4.01 -8.65 36.93
C TYR D 19 -3.11 -9.48 36.01
N ILE D 20 -3.09 -10.78 36.24
CA ILE D 20 -2.24 -11.73 35.51
C ILE D 20 -3.08 -12.95 35.15
N HIS D 21 -3.08 -13.29 33.86
CA HIS D 21 -3.74 -14.48 33.31
C HIS D 21 -5.23 -14.51 33.65
N GLY D 22 -5.91 -13.41 33.35
CA GLY D 22 -7.35 -13.41 33.41
C GLY D 22 -7.95 -13.36 34.80
N LYS D 23 -7.18 -12.97 35.80
CA LYS D 23 -7.71 -12.84 37.16
C LYS D 23 -6.84 -11.87 37.93
N PHE D 24 -7.41 -11.33 39.00
CA PHE D 24 -6.65 -10.55 39.94
C PHE D 24 -5.84 -11.50 40.82
N VAL D 25 -4.60 -11.13 41.10
CA VAL D 25 -3.69 -12.00 41.84
C VAL D 25 -2.83 -11.15 42.77
N ALA D 26 -2.49 -11.70 43.93
CA ALA D 26 -1.67 -10.97 44.89
C ALA D 26 -0.26 -10.79 44.33
N ALA D 27 0.32 -9.61 44.56
CA ALA D 27 1.73 -9.42 44.25
C ALA D 27 2.57 -10.26 45.19
N THR D 28 3.73 -10.69 44.73
CA THR D 28 4.69 -11.39 45.57
C THR D 28 5.76 -10.48 46.13
N SER D 29 5.70 -9.19 45.81
CA SER D 29 6.72 -8.23 46.21
C SER D 29 6.64 -7.81 47.66
N GLY D 30 5.47 -7.94 48.30
CA GLY D 30 5.33 -7.35 49.62
C GLY D 30 5.28 -5.85 49.63
N LYS D 31 5.10 -5.22 48.46
CA LYS D 31 5.21 -3.78 48.33
C LYS D 31 3.88 -3.21 47.89
N THR D 32 3.57 -2.00 48.37
CA THR D 32 2.38 -1.27 47.95
C THR D 32 2.70 0.20 47.75
N PHE D 33 1.75 0.92 47.14
CA PHE D 33 1.79 2.37 47.07
C PHE D 33 0.34 2.85 47.15
N GLU D 34 0.19 4.16 47.37
CA GLU D 34 -1.12 4.79 47.48
C GLU D 34 -1.35 5.70 46.30
N THR D 35 -2.56 5.67 45.76
CA THR D 35 -2.99 6.67 44.79
C THR D 35 -3.95 7.62 45.48
N ILE D 36 -3.76 8.91 45.20
CA ILE D 36 -4.45 10.01 45.87
C ILE D 36 -5.52 10.59 44.94
N ASN D 37 -6.60 11.06 45.56
CA ASN D 37 -7.60 11.86 44.84
C ASN D 37 -7.12 13.30 44.88
N PRO D 38 -6.69 13.88 43.76
CA PRO D 38 -6.11 15.23 43.82
C PRO D 38 -7.10 16.34 44.12
N ALA D 39 -8.41 16.07 44.11
CA ALA D 39 -9.37 17.10 44.53
C ALA D 39 -9.49 17.19 46.04
N THR D 40 -9.11 16.14 46.77
CA THR D 40 -9.31 16.12 48.21
C THR D 40 -8.05 15.81 48.99
N GLY D 41 -7.02 15.24 48.36
CA GLY D 41 -5.84 14.81 49.08
C GLY D 41 -5.99 13.49 49.82
N GLU D 42 -7.16 12.88 49.77
CA GLU D 42 -7.40 11.63 50.47
C GLU D 42 -6.88 10.44 49.66
N VAL D 43 -6.54 9.38 50.37
CA VAL D 43 -6.09 8.17 49.69
C VAL D 43 -7.30 7.55 48.99
N LEU D 44 -7.22 7.45 47.67
CA LEU D 44 -8.25 6.78 46.90
C LEU D 44 -8.14 5.25 47.04
N ALA D 45 -6.92 4.71 46.99
CA ALA D 45 -6.75 3.27 47.11
C ALA D 45 -5.30 2.96 47.43
N THR D 46 -5.09 1.84 48.12
CA THR D 46 -3.78 1.24 48.25
C THR D 46 -3.65 0.16 47.18
N VAL D 47 -2.53 0.16 46.45
CA VAL D 47 -2.33 -0.67 45.27
C VAL D 47 -1.04 -1.46 45.42
N GLN D 48 -1.09 -2.75 45.06
CA GLN D 48 0.09 -3.59 45.14
C GLN D 48 1.03 -3.30 43.98
N ALA D 49 2.33 -3.43 44.24
CA ALA D 49 3.37 -3.10 43.29
C ALA D 49 4.06 -4.36 42.81
N ALA D 50 4.13 -4.54 41.50
CA ALA D 50 4.70 -5.76 40.93
C ALA D 50 6.21 -5.79 41.11
N GLY D 51 6.72 -6.87 41.67
CA GLY D 51 8.14 -7.08 41.79
C GLY D 51 8.71 -7.83 40.60
N ARG D 52 9.99 -8.18 40.73
CA ARG D 52 10.67 -8.87 39.65
C ARG D 52 10.04 -10.22 39.39
N GLU D 53 9.64 -10.93 40.44
CA GLU D 53 8.97 -12.22 40.27
C GLU D 53 7.58 -12.04 39.66
N ASP D 54 6.89 -10.97 40.03
CA ASP D 54 5.60 -10.68 39.40
C ASP D 54 5.75 -10.43 37.90
N VAL D 55 6.79 -9.71 37.50
CA VAL D 55 7.04 -9.49 36.08
C VAL D 55 7.31 -10.80 35.37
N ASP D 56 8.12 -11.66 35.96
CA ASP D 56 8.41 -12.93 35.32
C ASP D 56 7.14 -13.76 35.18
N ARG D 57 6.27 -13.75 36.19
CA ARG D 57 5.01 -14.48 36.08
C ARG D 57 4.15 -13.92 34.97
N ALA D 58 4.09 -12.59 34.86
CA ALA D 58 3.27 -11.96 33.82
C ALA D 58 3.79 -12.30 32.43
N VAL D 59 5.11 -12.40 32.28
CA VAL D 59 5.68 -12.76 30.98
C VAL D 59 5.33 -14.20 30.61
N LYS D 60 5.46 -15.14 31.55
CA LYS D 60 5.11 -16.53 31.23
C LYS D 60 3.62 -16.64 30.90
N SER D 61 2.78 -15.90 31.63
CA SER D 61 1.36 -15.85 31.30
C SER D 61 1.13 -15.29 29.89
N ALA D 62 1.82 -14.19 29.57
CA ALA D 62 1.69 -13.56 28.26
C ALA D 62 2.15 -14.49 27.15
N GLN D 63 3.23 -15.23 27.38
CA GLN D 63 3.71 -16.16 26.36
C GLN D 63 2.67 -17.22 26.04
N GLN D 64 2.00 -17.75 27.07
CA GLN D 64 0.96 -18.75 26.84
C GLN D 64 -0.26 -18.17 26.14
N GLY D 65 -0.75 -17.02 26.60
CA GLY D 65 -1.91 -16.43 25.96
C GLY D 65 -1.66 -15.97 24.54
N GLN D 66 -0.46 -15.42 24.27
CA GLN D 66 -0.16 -14.91 22.94
C GLN D 66 -0.28 -16.02 21.90
N LYS D 67 0.16 -17.23 22.25
CA LYS D 67 0.11 -18.34 21.30
C LYS D 67 -1.33 -18.68 20.94
N VAL D 68 -2.22 -18.69 21.95
CA VAL D 68 -3.64 -18.92 21.69
C VAL D 68 -4.20 -17.81 20.80
N TRP D 69 -3.91 -16.57 21.16
CA TRP D 69 -4.47 -15.42 20.45
C TRP D 69 -4.02 -15.39 19.00
N ALA D 70 -2.75 -15.69 18.75
CA ALA D 70 -2.20 -15.64 17.40
C ALA D 70 -2.68 -16.80 16.53
N ALA D 71 -3.10 -17.91 17.14
CA ALA D 71 -3.60 -19.06 16.40
C ALA D 71 -5.03 -18.86 15.93
N MET D 72 -5.76 -17.93 16.53
CA MET D 72 -7.12 -17.64 16.10
C MET D 72 -7.11 -16.97 14.72
N SER D 73 -8.25 -17.01 14.07
CA SER D 73 -8.38 -16.28 12.82
C SER D 73 -8.38 -14.77 13.06
N ALA D 74 -8.03 -14.03 12.02
CA ALA D 74 -8.04 -12.57 12.13
C ALA D 74 -9.42 -12.06 12.51
N MET D 75 -10.48 -12.64 11.92
CA MET D 75 -11.80 -12.12 12.23
C MET D 75 -12.24 -12.51 13.63
N ALA D 76 -11.79 -13.66 14.14
CA ALA D 76 -12.07 -14.01 15.52
C ALA D 76 -11.47 -12.97 16.47
N ARG D 77 -10.23 -12.55 16.21
CA ARG D 77 -9.60 -11.49 17.00
C ARG D 77 -10.38 -10.18 16.85
N SER D 78 -10.81 -9.88 15.63
CA SER D 78 -11.57 -8.67 15.39
CA SER D 78 -11.56 -8.66 15.39
C SER D 78 -12.84 -8.64 16.22
N ARG D 79 -13.57 -9.75 16.24
CA ARG D 79 -14.82 -9.79 16.99
C ARG D 79 -14.60 -9.58 18.48
N ILE D 80 -13.54 -10.17 19.03
CA ILE D 80 -13.28 -10.03 20.46
C ILE D 80 -12.96 -8.57 20.80
N LEU D 81 -12.11 -7.92 20.01
CA LEU D 81 -11.80 -6.52 20.33
C LEU D 81 -13.03 -5.63 20.16
N ARG D 82 -13.88 -5.92 19.17
CA ARG D 82 -15.13 -5.20 19.00
C ARG D 82 -16.07 -5.40 20.19
N LYS D 83 -16.07 -6.60 20.79
CA LYS D 83 -16.88 -6.80 21.99
C LYS D 83 -16.39 -5.93 23.15
N ALA D 84 -15.06 -5.77 23.25
CA ALA D 84 -14.50 -4.88 24.27
C ALA D 84 -14.92 -3.43 24.01
N VAL D 85 -14.92 -3.02 22.74
CA VAL D 85 -15.43 -1.69 22.40
C VAL D 85 -16.86 -1.52 22.92
N ASP D 86 -17.72 -2.50 22.65
CA ASP D 86 -19.12 -2.41 23.09
C ASP D 86 -19.21 -2.24 24.61
N ILE D 87 -18.39 -2.97 25.36
CA ILE D 87 -18.41 -2.85 26.81
C ILE D 87 -17.92 -1.47 27.24
N LEU D 88 -16.88 -0.96 26.59
CA LEU D 88 -16.38 0.37 26.95
C LEU D 88 -17.46 1.43 26.70
N ARG D 89 -18.19 1.33 25.58
CA ARG D 89 -19.27 2.27 25.33
C ARG D 89 -20.33 2.16 26.43
N GLU D 90 -20.69 0.95 26.80
CA GLU D 90 -21.72 0.76 27.82
C GLU D 90 -21.29 1.34 29.16
N ARG D 91 -20.02 1.17 29.53
N ARG D 91 -20.03 1.16 29.52
CA ARG D 91 -19.51 1.57 30.82
CA ARG D 91 -19.51 1.57 30.82
C ARG D 91 -18.81 2.92 30.78
C ARG D 91 -18.80 2.92 30.77
N ASN D 92 -19.01 3.69 29.70
CA ASN D 92 -18.29 4.95 29.53
C ASN D 92 -18.39 5.82 30.78
N ASP D 93 -19.60 6.01 31.30
CA ASP D 93 -19.77 6.99 32.39
C ASP D 93 -19.15 6.49 33.69
N GLU D 94 -19.29 5.20 33.98
CA GLU D 94 -18.69 4.61 35.18
C GLU D 94 -17.17 4.75 35.15
N LEU D 95 -16.55 4.39 34.03
CA LEU D 95 -15.11 4.51 33.91
C LEU D 95 -14.67 5.97 33.95
N ALA D 96 -15.47 6.86 33.38
CA ALA D 96 -15.14 8.28 33.40
C ALA D 96 -15.12 8.82 34.84
N ARG D 97 -16.08 8.40 35.66
CA ARG D 97 -16.09 8.83 37.05
C ARG D 97 -14.84 8.36 37.77
N LEU D 98 -14.42 7.11 37.51
CA LEU D 98 -13.19 6.63 38.14
C LEU D 98 -11.98 7.42 37.66
N GLU D 99 -11.92 7.72 36.37
CA GLU D 99 -10.79 8.50 35.85
C GLU D 99 -10.76 9.88 36.50
N THR D 100 -11.93 10.47 36.69
CA THR D 100 -12.01 11.76 37.37
C THR D 100 -11.51 11.65 38.82
N LEU D 101 -11.88 10.59 39.52
CA LEU D 101 -11.42 10.42 40.90
C LEU D 101 -9.90 10.30 40.95
N ASP D 102 -9.32 9.57 40.00
CA ASP D 102 -7.90 9.24 40.04
C ASP D 102 -7.03 10.37 39.48
N THR D 103 -7.53 11.15 38.53
CA THR D 103 -6.72 12.13 37.83
C THR D 103 -7.08 13.57 38.16
N GLY D 104 -8.29 13.82 38.66
CA GLY D 104 -8.73 15.17 38.85
C GLY D 104 -9.27 15.86 37.61
N LYS D 105 -9.32 15.18 36.48
CA LYS D 105 -9.86 15.83 35.31
C LYS D 105 -11.39 15.90 35.43
N PRO D 106 -12.00 17.01 35.03
CA PRO D 106 -13.46 17.13 35.17
C PRO D 106 -14.19 16.06 34.41
N LEU D 107 -15.33 15.64 34.98
CA LEU D 107 -16.17 14.63 34.33
C LEU D 107 -16.65 15.10 32.97
N SER D 108 -16.82 16.40 32.78
CA SER D 108 -17.20 16.90 31.46
C SER D 108 -16.15 16.54 30.41
N GLU D 109 -14.89 16.34 30.83
CA GLU D 109 -13.85 15.87 29.93
C GLU D 109 -13.82 14.35 29.87
N THR D 110 -13.73 13.69 31.03
CA THR D 110 -13.50 12.25 31.03
C THR D 110 -14.65 11.49 30.40
N ALA D 111 -15.87 11.96 30.58
CA ALA D 111 -16.99 11.24 29.99
C ALA D 111 -17.16 11.52 28.51
N ALA D 112 -16.51 12.56 27.96
CA ALA D 112 -16.64 12.95 26.56
C ALA D 112 -15.44 12.56 25.70
N VAL D 113 -14.27 12.41 26.29
CA VAL D 113 -13.03 12.24 25.53
C VAL D 113 -12.28 10.96 25.91
N ASP D 114 -12.02 10.75 27.20
CA ASP D 114 -11.04 9.73 27.61
C ASP D 114 -11.42 8.33 27.14
N ILE D 115 -12.57 7.80 27.57
CA ILE D 115 -12.97 6.48 27.10
C ILE D 115 -13.45 6.54 25.66
N VAL D 116 -14.11 7.63 25.27
CA VAL D 116 -14.64 7.72 23.90
C VAL D 116 -13.52 7.55 22.89
N THR D 117 -12.43 8.31 23.06
CA THR D 117 -11.37 8.27 22.07
C THR D 117 -10.46 7.06 22.25
N GLY D 118 -10.31 6.56 23.48
CA GLY D 118 -9.61 5.30 23.65
C GLY D 118 -10.31 4.18 22.93
N ALA D 119 -11.63 4.09 23.14
CA ALA D 119 -12.41 3.05 22.46
C ALA D 119 -12.45 3.28 20.94
N ASP D 120 -12.43 4.52 20.48
CA ASP D 120 -12.38 4.79 19.04
C ASP D 120 -11.17 4.11 18.41
N VAL D 121 -10.03 4.13 19.09
CA VAL D 121 -8.82 3.56 18.52
C VAL D 121 -8.88 2.04 18.56
N LEU D 122 -9.40 1.48 19.65
CA LEU D 122 -9.59 0.03 19.68
C LEU D 122 -10.54 -0.41 18.57
N GLU D 123 -11.65 0.32 18.37
CA GLU D 123 -12.61 -0.01 17.33
C GLU D 123 -11.96 0.06 15.94
N TYR D 124 -11.15 1.08 15.71
CA TYR D 124 -10.41 1.22 14.45
C TYR D 124 -9.54 -0.01 14.18
N TYR D 125 -8.70 -0.39 15.14
CA TYR D 125 -7.78 -1.50 14.88
C TYR D 125 -8.49 -2.83 14.77
N ALA D 126 -9.59 -3.03 15.51
CA ALA D 126 -10.33 -4.28 15.38
C ALA D 126 -10.73 -4.54 13.93
N GLY D 127 -11.24 -3.50 13.25
CA GLY D 127 -11.66 -3.66 11.88
C GLY D 127 -10.51 -3.78 10.89
N LEU D 128 -9.30 -3.34 11.26
CA LEU D 128 -8.16 -3.43 10.36
C LEU D 128 -7.40 -4.74 10.45
N ILE D 129 -7.67 -5.58 11.45
CA ILE D 129 -6.91 -6.83 11.57
C ILE D 129 -6.94 -7.64 10.28
N PRO D 130 -8.09 -7.85 9.64
CA PRO D 130 -8.11 -8.69 8.43
C PRO D 130 -7.35 -8.09 7.26
N ALA D 131 -7.01 -6.81 7.31
CA ALA D 131 -6.28 -6.17 6.23
C ALA D 131 -4.77 -6.22 6.43
N LEU D 132 -4.32 -6.79 7.54
CA LEU D 132 -2.89 -6.93 7.80
C LEU D 132 -2.33 -8.02 6.90
N GLU D 133 -1.53 -7.62 5.92
CA GLU D 133 -1.07 -8.52 4.87
C GLU D 133 0.43 -8.42 4.72
N GLY D 134 1.04 -9.54 4.33
CA GLY D 134 2.40 -9.55 3.85
C GLY D 134 2.46 -9.24 2.37
N SER D 135 3.61 -9.49 1.80
CA SER D 135 3.88 -9.21 0.39
CA SER D 135 3.82 -9.22 0.37
C SER D 135 4.33 -10.47 -0.34
N GLN D 136 4.35 -10.38 -1.66
CA GLN D 136 4.92 -11.41 -2.51
C GLN D 136 5.72 -10.73 -3.60
N ILE D 137 6.94 -11.20 -3.80
CA ILE D 137 7.89 -10.62 -4.73
C ILE D 137 8.38 -11.68 -5.72
N PRO D 138 8.08 -11.58 -7.00
CA PRO D 138 8.65 -12.55 -7.96
C PRO D 138 10.09 -12.16 -8.24
N LEU D 139 10.99 -13.14 -8.17
CA LEU D 139 12.38 -12.90 -8.54
C LEU D 139 12.67 -13.36 -9.95
N ARG D 140 12.13 -14.49 -10.33
CA ARG D 140 12.36 -15.10 -11.63
C ARG D 140 11.39 -16.27 -11.69
N ASP D 141 11.29 -16.92 -12.85
CA ASP D 141 10.34 -18.02 -12.97
C ASP D 141 10.56 -19.07 -11.90
N SER D 142 11.81 -19.32 -11.50
CA SER D 142 12.10 -20.43 -10.61
C SER D 142 12.20 -20.03 -9.13
N SER D 143 11.90 -18.77 -8.76
CA SER D 143 12.01 -18.39 -7.36
C SER D 143 11.15 -17.18 -7.07
N PHE D 144 10.57 -17.16 -5.86
CA PHE D 144 9.85 -15.99 -5.38
C PHE D 144 10.05 -15.83 -3.89
N VAL D 145 9.72 -14.65 -3.39
CA VAL D 145 9.77 -14.29 -1.97
C VAL D 145 8.35 -13.99 -1.54
N TYR D 146 8.00 -14.40 -0.34
CA TYR D 146 6.81 -13.86 0.29
C TYR D 146 7.16 -13.49 1.72
N THR D 147 6.42 -12.54 2.28
CA THR D 147 6.67 -12.09 3.63
C THR D 147 5.46 -12.34 4.49
N ARG D 148 5.71 -12.57 5.76
CA ARG D 148 4.68 -12.62 6.79
C ARG D 148 4.90 -11.46 7.77
N ARG D 149 3.80 -10.88 8.23
CA ARG D 149 3.86 -9.88 9.28
C ARG D 149 3.51 -10.62 10.57
N GLU D 150 4.54 -11.09 11.24
CA GLU D 150 4.35 -11.92 12.42
C GLU D 150 4.28 -11.08 13.69
N PRO D 151 3.56 -11.56 14.71
CA PRO D 151 3.58 -10.86 16.00
C PRO D 151 4.99 -10.79 16.58
N LEU D 152 5.24 -9.71 17.31
CA LEU D 152 6.48 -9.60 18.08
C LEU D 152 6.54 -10.62 19.21
N GLY D 153 5.39 -10.98 19.77
CA GLY D 153 5.34 -11.88 20.90
C GLY D 153 4.74 -11.18 22.11
N VAL D 154 5.57 -10.94 23.12
CA VAL D 154 5.17 -10.24 24.33
C VAL D 154 5.76 -8.84 24.24
N VAL D 155 4.90 -7.84 24.35
CA VAL D 155 5.33 -6.45 24.33
C VAL D 155 4.91 -5.83 25.66
N ALA D 156 5.56 -4.72 25.99
CA ALA D 156 5.27 -4.01 27.23
C ALA D 156 4.90 -2.57 26.92
N GLY D 157 3.90 -2.08 27.61
CA GLY D 157 3.50 -0.69 27.52
C GLY D 157 3.64 -0.02 28.88
N ILE D 158 4.16 1.20 28.89
CA ILE D 158 4.34 1.98 30.11
C ILE D 158 3.58 3.29 29.92
N GLY D 159 2.56 3.51 30.75
CA GLY D 159 1.65 4.64 30.58
C GLY D 159 2.02 5.85 31.44
N ALA D 160 1.37 6.96 31.15
CA ALA D 160 1.53 8.19 31.88
C ALA D 160 0.22 8.50 32.59
N TRP D 161 0.25 9.53 33.45
CA TRP D 161 -0.89 9.79 34.31
C TRP D 161 -1.90 10.80 33.76
N ASN D 162 -1.65 11.40 32.61
CA ASN D 162 -2.57 12.46 32.21
C ASN D 162 -3.81 11.91 31.50
N TYR D 163 -3.68 10.83 30.72
CA TYR D 163 -4.80 10.16 30.04
C TYR D 163 -4.68 8.66 30.28
N PRO D 164 -4.92 8.19 31.50
CA PRO D 164 -4.55 6.80 31.83
C PRO D 164 -5.23 5.75 30.97
N ILE D 165 -6.56 5.78 30.88
CA ILE D 165 -7.20 4.70 30.14
C ILE D 165 -7.06 4.92 28.64
N GLN D 166 -7.00 6.18 28.19
CA GLN D 166 -6.76 6.41 26.77
C GLN D 166 -5.39 5.85 26.35
N ILE D 167 -4.36 6.11 27.17
CA ILE D 167 -3.02 5.61 26.86
C ILE D 167 -3.00 4.08 26.87
N ALA D 168 -3.67 3.46 27.84
CA ALA D 168 -3.73 1.99 27.87
C ALA D 168 -4.39 1.44 26.60
N LEU D 169 -5.43 2.11 26.12
CA LEU D 169 -6.12 1.65 24.91
C LEU D 169 -5.33 1.94 23.66
N TRP D 170 -4.68 3.10 23.58
CA TRP D 170 -3.91 3.41 22.38
C TRP D 170 -2.70 2.51 22.23
N LYS D 171 -2.15 2.02 23.34
CA LYS D 171 -1.04 1.08 23.26
C LYS D 171 -1.53 -0.36 23.09
N SER D 172 -2.55 -0.76 23.84
CA SER D 172 -2.94 -2.16 23.78
C SER D 172 -3.67 -2.50 22.49
N ALA D 173 -4.43 -1.56 21.94
CA ALA D 173 -5.25 -1.86 20.77
C ALA D 173 -4.41 -2.30 19.58
N PRO D 174 -3.41 -1.54 19.12
CA PRO D 174 -2.61 -2.02 18.00
C PRO D 174 -1.79 -3.24 18.37
N ALA D 175 -1.29 -3.32 19.62
CA ALA D 175 -0.49 -4.46 20.02
C ALA D 175 -1.29 -5.75 19.93
N LEU D 176 -2.51 -5.74 20.50
CA LEU D 176 -3.36 -6.92 20.46
C LEU D 176 -3.86 -7.21 19.05
N ALA D 177 -4.21 -6.17 18.29
CA ALA D 177 -4.74 -6.39 16.95
C ALA D 177 -3.69 -7.03 16.06
N ALA D 178 -2.41 -6.76 16.31
CA ALA D 178 -1.30 -7.37 15.57
C ALA D 178 -0.95 -8.76 16.05
N GLY D 179 -1.66 -9.30 17.04
CA GLY D 179 -1.43 -10.64 17.51
C GLY D 179 -0.48 -10.79 18.68
N ASN D 180 -0.13 -9.71 19.35
CA ASN D 180 0.75 -9.80 20.51
C ASN D 180 -0.04 -9.85 21.81
N ALA D 181 0.64 -10.28 22.87
CA ALA D 181 0.21 -10.00 24.23
C ALA D 181 0.94 -8.77 24.72
N MET D 182 0.26 -7.98 25.56
CA MET D 182 0.87 -6.80 26.15
C MET D 182 0.82 -6.87 27.66
N ILE D 183 1.95 -6.59 28.30
CA ILE D 183 2.00 -6.35 29.74
C ILE D 183 2.03 -4.83 29.92
N PHE D 184 1.06 -4.28 30.64
CA PHE D 184 0.91 -2.83 30.75
C PHE D 184 1.14 -2.39 32.19
N LYS D 185 2.01 -1.39 32.35
CA LYS D 185 2.28 -0.78 33.65
C LYS D 185 1.72 0.62 33.66
N PRO D 186 0.62 0.89 34.36
CA PRO D 186 0.13 2.27 34.47
C PRO D 186 1.02 3.08 35.39
N SER D 187 0.89 4.39 35.26
CA SER D 187 1.57 5.27 36.19
C SER D 187 1.08 5.00 37.61
N GLU D 188 2.00 5.05 38.56
CA GLU D 188 1.61 4.94 39.97
C GLU D 188 0.65 6.05 40.41
N VAL D 189 0.66 7.18 39.70
CA VAL D 189 -0.24 8.28 40.04
C VAL D 189 -1.69 7.92 39.69
N THR D 190 -1.90 7.08 38.68
CA THR D 190 -3.23 6.82 38.12
C THR D 190 -3.33 5.36 37.70
N PRO D 191 -3.30 4.43 38.65
CA PRO D 191 -3.29 3.00 38.29
C PRO D 191 -4.63 2.33 38.09
N LEU D 192 -5.75 2.98 38.43
CA LEU D 192 -7.00 2.24 38.64
C LEU D 192 -7.72 1.87 37.36
N THR D 193 -7.77 2.76 36.37
CA THR D 193 -8.59 2.44 35.20
C THR D 193 -7.97 1.35 34.36
N ALA D 194 -6.64 1.24 34.40
CA ALA D 194 -5.97 0.16 33.66
C ALA D 194 -6.42 -1.20 34.18
N LEU D 195 -6.64 -1.31 35.50
CA LEU D 195 -7.14 -2.57 36.06
C LEU D 195 -8.57 -2.85 35.60
N LYS D 196 -9.41 -1.82 35.51
CA LYS D 196 -10.76 -2.01 34.99
C LYS D 196 -10.71 -2.49 33.54
N LEU D 197 -9.80 -1.94 32.74
CA LEU D 197 -9.67 -2.33 31.34
C LEU D 197 -9.32 -3.80 31.22
N ALA D 198 -8.41 -4.28 32.07
CA ALA D 198 -8.03 -5.69 32.00
C ALA D 198 -9.25 -6.58 32.19
N GLU D 199 -10.12 -6.25 33.15
CA GLU D 199 -11.33 -7.04 33.35
C GLU D 199 -12.23 -7.00 32.13
N ILE D 200 -12.35 -5.83 31.52
CA ILE D 200 -13.23 -5.69 30.36
C ILE D 200 -12.75 -6.53 29.20
N TYR D 201 -11.43 -6.55 28.96
CA TYR D 201 -10.88 -7.38 27.90
C TYR D 201 -11.22 -8.86 28.12
N ARG D 202 -11.04 -9.34 29.35
CA ARG D 202 -11.38 -10.73 29.63
C ARG D 202 -12.86 -10.99 29.39
N GLU D 203 -13.71 -10.07 29.85
CA GLU D 203 -15.15 -10.19 29.65
C GLU D 203 -15.52 -10.27 28.17
N ALA D 204 -14.76 -9.60 27.31
CA ALA D 204 -14.99 -9.63 25.87
C ALA D 204 -14.52 -10.92 25.22
N GLY D 205 -13.78 -11.76 25.94
CA GLY D 205 -13.28 -13.01 25.40
C GLY D 205 -11.81 -13.00 25.06
N LEU D 206 -11.07 -11.98 25.47
CA LEU D 206 -9.63 -11.98 25.25
C LEU D 206 -9.00 -13.16 26.00
N PRO D 207 -8.15 -13.98 25.37
CA PRO D 207 -7.58 -15.12 26.09
C PRO D 207 -6.76 -14.69 27.30
N ASP D 208 -6.79 -15.54 28.33
CA ASP D 208 -5.99 -15.28 29.53
C ASP D 208 -4.52 -15.04 29.17
N GLY D 209 -3.97 -13.97 29.75
CA GLY D 209 -2.58 -13.61 29.57
C GLY D 209 -2.32 -12.61 28.46
N VAL D 210 -3.27 -12.38 27.58
CA VAL D 210 -3.00 -11.50 26.44
C VAL D 210 -2.86 -10.04 26.87
N PHE D 211 -3.58 -9.62 27.92
CA PHE D 211 -3.42 -8.27 28.48
C PHE D 211 -3.32 -8.41 30.00
N ASN D 212 -2.10 -8.28 30.51
CA ASN D 212 -1.84 -8.29 31.94
C ASN D 212 -1.49 -6.89 32.40
N VAL D 213 -1.86 -6.55 33.62
CA VAL D 213 -1.64 -5.21 34.17
C VAL D 213 -0.83 -5.32 35.45
N LEU D 214 0.30 -4.62 35.48
CA LEU D 214 1.22 -4.62 36.61
C LEU D 214 1.37 -3.20 37.13
N PRO D 215 0.55 -2.79 38.09
CA PRO D 215 0.82 -1.55 38.82
C PRO D 215 2.17 -1.62 39.52
N GLY D 216 2.77 -0.44 39.70
CA GLY D 216 4.02 -0.35 40.42
C GLY D 216 4.68 1.00 40.17
N ILE D 217 5.88 1.13 40.69
CA ILE D 217 6.70 2.33 40.55
C ILE D 217 7.60 2.17 39.33
N GLY D 218 7.90 3.30 38.68
CA GLY D 218 8.77 3.26 37.52
C GLY D 218 10.16 2.73 37.85
N ALA D 219 10.73 3.17 38.96
CA ALA D 219 12.07 2.77 39.32
C ALA D 219 12.19 1.27 39.59
N GLU D 220 11.09 0.58 39.91
CA GLU D 220 11.15 -0.85 40.16
C GLU D 220 10.38 -1.64 39.09
N THR D 221 9.04 -1.56 39.07
CA THR D 221 8.29 -2.36 38.12
C THR D 221 8.60 -1.97 36.69
N GLY D 222 8.68 -0.66 36.41
CA GLY D 222 8.98 -0.24 35.04
C GLY D 222 10.35 -0.72 34.59
N GLN D 223 11.34 -0.67 35.47
CA GLN D 223 12.68 -1.15 35.16
C GLN D 223 12.67 -2.65 34.91
N TYR D 224 11.93 -3.41 35.74
CA TYR D 224 11.92 -4.86 35.58
C TYR D 224 11.35 -5.24 34.23
N LEU D 225 10.32 -4.54 33.77
CA LEU D 225 9.75 -4.79 32.44
C LEU D 225 10.75 -4.49 31.36
N THR D 226 11.40 -3.32 31.44
CA THR D 226 12.35 -2.94 30.41
C THR D 226 13.54 -3.87 30.35
N GLU D 227 13.86 -4.55 31.45
CA GLU D 227 15.02 -5.43 31.50
C GLU D 227 14.71 -6.88 31.15
N HIS D 228 13.44 -7.27 31.10
CA HIS D 228 13.15 -8.70 30.96
C HIS D 228 13.57 -9.20 29.58
N PRO D 229 14.29 -10.33 29.49
CA PRO D 229 14.81 -10.77 28.19
C PRO D 229 13.76 -11.23 27.19
N ASP D 230 12.55 -11.59 27.61
CA ASP D 230 11.55 -12.16 26.70
C ASP D 230 10.49 -11.15 26.27
N ILE D 231 10.72 -9.87 26.53
CA ILE D 231 9.85 -8.81 26.06
C ILE D 231 10.50 -8.26 24.80
N ALA D 232 9.72 -8.20 23.71
CA ALA D 232 10.26 -7.89 22.40
C ALA D 232 10.20 -6.40 22.07
N LYS D 233 9.36 -5.64 22.76
CA LYS D 233 9.17 -4.25 22.43
C LYS D 233 8.64 -3.51 23.66
N ILE D 234 9.07 -2.27 23.82
CA ILE D 234 8.53 -1.38 24.85
C ILE D 234 7.88 -0.20 24.16
N SER D 235 6.67 0.16 24.57
CA SER D 235 6.06 1.41 24.14
C SER D 235 5.85 2.29 25.36
N PHE D 236 6.40 3.50 25.31
CA PHE D 236 6.52 4.36 26.49
C PHE D 236 5.91 5.72 26.22
N THR D 237 5.11 6.20 27.18
CA THR D 237 4.63 7.56 27.18
C THR D 237 5.02 8.23 28.50
N GLY D 238 5.60 9.42 28.42
CA GLY D 238 5.97 10.11 29.65
C GLY D 238 6.95 11.24 29.36
N GLY D 239 7.80 11.51 30.33
CA GLY D 239 8.76 12.60 30.19
C GLY D 239 10.08 12.18 29.60
N VAL D 240 10.84 13.19 29.17
CA VAL D 240 12.14 12.91 28.55
C VAL D 240 13.06 12.22 29.56
N ALA D 241 13.06 12.69 30.81
CA ALA D 241 13.97 12.12 31.80
C ALA D 241 13.72 10.63 31.97
N SER D 242 12.46 10.23 32.14
CA SER D 242 12.20 8.80 32.29
C SER D 242 12.42 8.06 30.98
N GLY D 243 12.15 8.71 29.85
CA GLY D 243 12.39 8.08 28.56
C GLY D 243 13.83 7.65 28.38
N LYS D 244 14.78 8.49 28.80
CA LYS D 244 16.18 8.09 28.76
C LYS D 244 16.47 6.90 29.67
N LYS D 245 15.89 6.91 30.89
CA LYS D 245 16.10 5.77 31.77
C LYS D 245 15.60 4.49 31.12
N VAL D 246 14.42 4.54 30.50
CA VAL D 246 13.87 3.36 29.83
C VAL D 246 14.82 2.92 28.73
N MET D 247 15.25 3.86 27.89
CA MET D 247 16.14 3.54 26.79
C MET D 247 17.45 2.95 27.29
N ALA D 248 18.01 3.56 28.35
CA ALA D 248 19.27 3.07 28.92
C ALA D 248 19.13 1.64 29.44
N ASN D 249 18.07 1.35 30.20
CA ASN D 249 17.93 0.01 30.77
C ASN D 249 17.67 -1.02 29.68
N SER D 250 16.89 -0.68 28.66
CA SER D 250 16.64 -1.64 27.58
C SER D 250 17.91 -1.99 26.84
N ALA D 251 18.82 -1.02 26.69
CA ALA D 251 20.06 -1.31 25.97
C ALA D 251 20.95 -2.23 26.78
N ALA D 252 21.09 -1.95 28.09
CA ALA D 252 21.98 -2.75 28.92
C ALA D 252 21.53 -4.21 28.97
N SER D 253 20.22 -4.45 29.05
CA SER D 253 19.72 -5.80 29.36
C SER D 253 19.46 -6.69 28.14
N SER D 254 18.49 -6.32 27.31
CA SER D 254 18.10 -7.15 26.18
C SER D 254 17.54 -6.28 25.07
N LEU D 255 18.08 -6.46 23.87
CA LEU D 255 17.68 -5.68 22.72
C LEU D 255 16.17 -5.74 22.54
N LYS D 256 15.56 -4.57 22.45
CA LYS D 256 14.12 -4.42 22.26
C LYS D 256 13.90 -3.25 21.31
N GLU D 257 12.85 -3.32 20.51
CA GLU D 257 12.37 -2.13 19.83
C GLU D 257 11.73 -1.22 20.88
N VAL D 258 11.92 0.09 20.75
CA VAL D 258 11.32 1.03 21.70
C VAL D 258 10.65 2.16 20.94
N THR D 259 9.40 2.44 21.32
CA THR D 259 8.61 3.56 20.84
C THR D 259 8.37 4.50 22.00
N MET D 260 8.43 5.81 21.74
CA MET D 260 8.35 6.79 22.80
C MET D 260 7.58 8.01 22.36
N GLU D 261 6.67 8.47 23.22
N GLU D 261 6.70 8.50 23.26
CA GLU D 261 6.02 9.77 23.08
CA GLU D 261 6.00 9.76 23.09
C GLU D 261 6.34 10.59 24.33
C GLU D 261 6.30 10.61 24.32
N LEU D 262 7.05 11.71 24.14
CA LEU D 262 7.70 12.39 25.26
C LEU D 262 7.29 13.86 25.45
N GLY D 263 6.15 14.30 24.98
CA GLY D 263 5.78 15.69 25.26
C GLY D 263 6.58 16.66 24.40
N GLY D 264 6.38 17.94 24.67
CA GLY D 264 6.97 18.94 23.80
C GLY D 264 6.77 20.35 24.31
N LYS D 265 7.09 21.29 23.45
CA LYS D 265 6.86 22.73 23.70
C LYS D 265 6.29 23.31 22.40
N SER D 266 5.09 22.87 22.05
CA SER D 266 4.60 23.04 20.69
C SER D 266 4.18 24.49 20.42
N PRO D 267 4.49 25.03 19.25
CA PRO D 267 4.11 26.41 18.92
C PRO D 267 2.77 26.48 18.21
N LEU D 268 2.02 27.52 18.57
CA LEU D 268 0.79 27.90 17.90
C LEU D 268 1.07 29.26 17.25
N ILE D 269 1.00 29.29 15.93
CA ILE D 269 1.36 30.49 15.19
C ILE D 269 0.07 31.16 14.73
N ILE D 270 -0.17 32.37 15.23
N ILE D 270 -0.18 32.37 15.24
CA ILE D 270 -1.30 33.19 14.79
CA ILE D 270 -1.31 33.19 14.79
C ILE D 270 -0.80 34.09 13.67
C ILE D 270 -0.81 34.10 13.67
N ALA D 271 -1.38 33.92 12.49
CA ALA D 271 -0.95 34.68 11.33
C ALA D 271 -1.56 36.08 11.35
N GLU D 272 -0.95 36.96 10.54
CA GLU D 272 -1.38 38.35 10.45
C GLU D 272 -2.80 38.50 9.92
N ASP D 273 -3.33 37.52 9.21
CA ASP D 273 -4.68 37.60 8.68
C ASP D 273 -5.68 36.76 9.47
N ALA D 274 -5.29 36.30 10.66
CA ALA D 274 -6.17 35.48 11.48
C ALA D 274 -7.25 36.32 12.15
N ASN D 275 -8.45 35.75 12.25
CA ASN D 275 -9.47 36.29 13.14
C ASN D 275 -9.07 36.05 14.58
N LEU D 276 -9.06 37.11 15.38
CA LEU D 276 -8.50 36.99 16.73
C LEU D 276 -9.43 36.27 17.72
N ASP D 277 -10.73 36.26 17.49
CA ASP D 277 -11.61 35.42 18.29
C ASP D 277 -11.34 33.94 18.03
N LEU D 278 -11.13 33.57 16.76
CA LEU D 278 -10.76 32.19 16.44
C LEU D 278 -9.41 31.84 17.03
N ALA D 279 -8.44 32.74 16.87
CA ALA D 279 -7.10 32.49 17.41
C ALA D 279 -7.16 32.32 18.93
N ALA D 280 -7.93 33.18 19.61
CA ALA D 280 -8.00 33.07 21.07
C ALA D 280 -8.67 31.77 21.49
N ASP D 281 -9.71 31.34 20.77
CA ASP D 281 -10.40 30.09 21.09
C ASP D 281 -9.47 28.90 20.92
N ILE D 282 -8.70 28.88 19.84
CA ILE D 282 -7.72 27.81 19.61
C ILE D 282 -6.64 27.85 20.70
N ALA D 283 -6.14 29.04 21.02
CA ALA D 283 -5.13 29.15 22.08
C ALA D 283 -5.66 28.63 23.41
N MET D 284 -6.91 28.94 23.74
CA MET D 284 -7.50 28.42 24.97
C MET D 284 -7.53 26.89 24.97
N MET D 285 -8.07 26.28 23.90
CA MET D 285 -8.15 24.82 23.86
C MET D 285 -6.78 24.19 23.77
N ALA D 286 -5.80 24.92 23.25
CA ALA D 286 -4.44 24.43 23.15
C ALA D 286 -3.66 24.55 24.47
N ASN D 287 -4.24 25.14 25.52
CA ASN D 287 -3.48 25.36 26.74
C ASN D 287 -4.15 24.90 28.02
N PHE D 288 -5.49 24.89 28.09
CA PHE D 288 -6.17 24.72 29.37
C PHE D 288 -7.07 23.50 29.44
N TYR D 289 -7.11 22.68 28.42
CA TYR D 289 -7.80 21.39 28.50
C TYR D 289 -6.99 20.46 29.40
N SER D 290 -7.68 19.66 30.19
CA SER D 290 -7.04 18.77 31.18
C SER D 290 -6.08 19.56 32.08
N SER D 291 -6.47 20.79 32.39
CA SER D 291 -5.70 21.68 33.24
C SER D 291 -4.27 21.83 32.73
N GLY D 292 -4.11 21.84 31.42
CA GLY D 292 -2.80 22.02 30.81
C GLY D 292 -1.92 20.80 30.78
N GLN D 293 -2.44 19.63 31.14
CA GLN D 293 -1.63 18.40 31.24
C GLN D 293 -1.77 17.53 29.99
N VAL D 294 -1.46 18.12 28.83
CA VAL D 294 -1.60 17.46 27.54
C VAL D 294 -0.28 17.61 26.81
N CYS D 295 0.23 16.49 26.30
CA CYS D 295 1.56 16.48 25.68
C CYS D 295 1.64 17.44 24.50
N THR D 296 0.57 17.54 23.73
CA THR D 296 0.56 18.31 22.49
C THR D 296 0.17 19.77 22.68
N ASN D 297 0.02 20.26 23.91
CA ASN D 297 -0.47 21.62 24.10
C ASN D 297 0.42 22.66 23.42
N GLY D 298 -0.23 23.67 22.86
CA GLY D 298 0.46 24.74 22.16
C GLY D 298 0.83 25.86 23.12
N THR D 299 1.86 25.60 23.92
CA THR D 299 2.20 26.44 25.04
C THR D 299 3.08 27.64 24.67
N ARG D 300 3.59 27.70 23.45
CA ARG D 300 4.22 28.91 22.92
C ARG D 300 3.25 29.46 21.88
N VAL D 301 2.58 30.57 22.22
CA VAL D 301 1.58 31.21 21.35
C VAL D 301 2.23 32.45 20.74
N PHE D 302 2.51 32.38 19.43
CA PHE D 302 3.17 33.47 18.72
C PHE D 302 2.10 34.38 18.11
N VAL D 303 2.10 35.65 18.51
CA VAL D 303 1.07 36.58 18.06
C VAL D 303 1.74 37.77 17.39
N PRO D 304 1.23 38.25 16.26
CA PRO D 304 1.82 39.44 15.64
C PRO D 304 1.79 40.60 16.62
N ALA D 305 2.86 41.39 16.60
CA ALA D 305 2.97 42.52 17.51
C ALA D 305 1.76 43.45 17.38
N LYS D 306 1.28 43.66 16.15
CA LYS D 306 0.17 44.59 15.92
C LYS D 306 -1.14 44.09 16.54
N PHE D 307 -1.24 42.79 16.80
CA PHE D 307 -2.42 42.16 17.36
C PHE D 307 -2.27 41.85 18.85
N LYS D 308 -1.10 42.09 19.43
CA LYS D 308 -0.78 41.52 20.73
C LYS D 308 -1.74 42.01 21.80
N ALA D 309 -1.95 43.33 21.86
CA ALA D 309 -2.76 43.90 22.95
C ALA D 309 -4.20 43.41 22.88
N GLU D 310 -4.79 43.40 21.68
CA GLU D 310 -6.16 42.90 21.55
C GLU D 310 -6.23 41.42 21.84
N PHE D 311 -5.24 40.67 21.37
CA PHE D 311 -5.23 39.23 21.66
C PHE D 311 -5.14 38.98 23.16
N GLU D 312 -4.29 39.73 23.85
CA GLU D 312 -4.17 39.54 25.29
C GLU D 312 -5.52 39.79 25.97
N HIS D 313 -6.24 40.83 25.54
CA HIS D 313 -7.54 41.11 26.14
C HIS D 313 -8.51 39.96 25.86
N LYS D 314 -8.48 39.42 24.65
CA LYS D 314 -9.37 38.29 24.36
C LYS D 314 -9.02 37.07 25.21
N ILE D 315 -7.73 36.83 25.44
CA ILE D 315 -7.34 35.73 26.31
C ILE D 315 -7.79 35.99 27.74
N LEU D 316 -7.59 37.21 28.24
CA LEU D 316 -8.02 37.53 29.60
C LEU D 316 -9.50 37.28 29.81
N GLU D 317 -10.33 37.68 28.84
CA GLU D 317 -11.76 37.45 28.93
C GLU D 317 -12.09 35.96 28.96
N ARG D 318 -11.44 35.16 28.12
CA ARG D 318 -11.77 33.76 28.07
C ARG D 318 -11.25 33.00 29.29
N VAL D 319 -10.03 33.33 29.73
CA VAL D 319 -9.50 32.70 30.94
C VAL D 319 -10.35 33.02 32.15
N GLY D 320 -10.89 34.25 32.20
CA GLY D 320 -11.70 34.64 33.33
C GLY D 320 -13.00 33.87 33.46
N ARG D 321 -13.51 33.32 32.35
CA ARG D 321 -14.73 32.53 32.29
C ARG D 321 -14.52 31.07 32.60
N ILE D 322 -13.28 30.62 32.81
CA ILE D 322 -13.04 29.21 33.11
C ILE D 322 -13.74 28.87 34.42
N ARG D 323 -14.38 27.72 34.47
CA ARG D 323 -15.20 27.34 35.62
C ARG D 323 -14.50 26.19 36.36
N ALA D 324 -13.70 26.54 37.36
CA ALA D 324 -13.10 25.55 38.25
C ALA D 324 -14.09 25.22 39.37
N GLY D 325 -14.16 23.95 39.75
CA GLY D 325 -15.07 23.60 40.83
C GLY D 325 -15.27 22.10 40.96
N ASP D 326 -16.42 21.73 41.49
CA ASP D 326 -16.81 20.33 41.64
C ASP D 326 -16.62 19.58 40.33
N LEU D 327 -15.78 18.55 40.37
CA LEU D 327 -15.39 17.86 39.15
C LEU D 327 -16.54 17.05 38.54
N PHE D 328 -17.58 16.76 39.31
CA PHE D 328 -18.72 16.03 38.76
C PHE D 328 -19.85 16.95 38.37
N ALA D 329 -19.68 18.27 38.50
CA ALA D 329 -20.71 19.20 38.10
C ALA D 329 -20.65 19.45 36.59
N ASP D 330 -21.83 19.52 35.98
CA ASP D 330 -21.91 19.59 34.53
C ASP D 330 -21.16 20.81 33.97
N ASP D 331 -21.17 21.93 34.68
CA ASP D 331 -20.57 23.14 34.13
C ASP D 331 -19.09 23.30 34.47
N THR D 332 -18.50 22.42 35.27
CA THR D 332 -17.07 22.53 35.56
C THR D 332 -16.27 22.12 34.34
N ASN D 333 -15.29 22.94 33.97
CA ASN D 333 -14.43 22.61 32.83
C ASN D 333 -12.95 22.79 33.15
N PHE D 334 -12.57 22.78 34.43
CA PHE D 334 -11.18 22.95 34.82
C PHE D 334 -10.98 22.24 36.15
N GLY D 335 -9.92 21.44 36.23
CA GLY D 335 -9.65 20.64 37.41
C GLY D 335 -8.32 20.94 38.08
N PRO D 336 -8.09 20.30 39.22
CA PRO D 336 -6.77 20.39 39.82
C PRO D 336 -5.77 19.62 38.98
N LEU D 337 -4.50 19.79 39.29
CA LEU D 337 -3.48 18.97 38.69
C LEU D 337 -3.54 17.55 39.27
N VAL D 338 -2.82 16.64 38.61
CA VAL D 338 -2.94 15.22 38.95
C VAL D 338 -2.39 14.88 40.33
N SER D 339 -1.51 15.71 40.90
CA SER D 339 -0.89 15.36 42.17
C SER D 339 -0.30 16.61 42.81
N PHE D 340 -0.05 16.50 44.09
CA PHE D 340 0.49 17.65 44.79
C PHE D 340 1.97 17.86 44.43
N PRO D 341 2.78 16.79 44.30
CA PRO D 341 4.14 17.00 43.77
C PRO D 341 4.17 17.62 42.38
N HIS D 342 3.24 17.24 41.50
CA HIS D 342 3.25 17.90 40.19
C HIS D 342 2.90 19.37 40.32
N ARG D 343 1.96 19.71 41.20
CA ARG D 343 1.63 21.12 41.41
C ARG D 343 2.85 21.91 41.87
N GLN D 344 3.64 21.35 42.79
CA GLN D 344 4.83 22.05 43.25
C GLN D 344 5.78 22.31 42.08
N ASN D 345 5.91 21.35 41.18
CA ASN D 345 6.78 21.57 40.02
C ASN D 345 6.22 22.66 39.10
N VAL D 346 4.90 22.69 38.88
CA VAL D 346 4.32 23.76 38.07
C VAL D 346 4.51 25.12 38.74
N LEU D 347 4.35 25.18 40.07
CA LEU D 347 4.54 26.46 40.74
C LEU D 347 5.97 26.95 40.64
N ARG D 348 6.95 26.04 40.64
CA ARG D 348 8.33 26.47 40.45
C ARG D 348 8.52 27.11 39.08
N TYR D 349 7.89 26.56 38.04
CA TYR D 349 7.98 27.19 36.72
C TYR D 349 7.31 28.56 36.74
N ILE D 350 6.13 28.66 37.36
CA ILE D 350 5.45 29.95 37.41
C ILE D 350 6.34 30.97 38.12
N GLU D 351 6.97 30.58 39.22
CA GLU D 351 7.86 31.49 39.91
C GLU D 351 9.06 31.89 39.03
N SER D 352 9.57 30.96 38.23
CA SER D 352 10.69 31.32 37.35
C SER D 352 10.25 32.32 36.29
N GLY D 353 9.02 32.19 35.79
CA GLY D 353 8.51 33.20 34.85
C GLY D 353 8.51 34.59 35.45
N LYS D 354 7.98 34.72 36.67
CA LYS D 354 7.97 36.02 37.34
C LYS D 354 9.40 36.52 37.56
N SER D 355 10.26 35.66 38.10
CA SER D 355 11.60 36.12 38.45
C SER D 355 12.45 36.41 37.22
N GLU D 356 12.13 35.81 36.07
CA GLU D 356 12.90 36.08 34.86
C GLU D 356 12.33 37.23 34.04
N GLY D 357 11.29 37.91 34.52
CA GLY D 357 10.81 39.11 33.85
C GLY D 357 9.66 38.93 32.89
N ALA D 358 9.07 37.75 32.79
CA ALA D 358 7.83 37.63 32.03
C ALA D 358 6.73 38.39 32.75
N ARG D 359 5.82 38.97 31.96
CA ARG D 359 4.70 39.70 32.53
C ARG D 359 3.53 38.75 32.77
N LEU D 360 3.08 38.65 34.02
CA LEU D 360 1.95 37.79 34.36
C LEU D 360 0.65 38.48 33.99
N LEU D 361 -0.09 37.88 33.07
CA LEU D 361 -1.35 38.44 32.60
C LEU D 361 -2.52 37.99 33.46
N CYS D 362 -2.50 36.73 33.90
CA CYS D 362 -3.53 36.24 34.82
C CYS D 362 -3.08 34.94 35.47
N GLY D 363 -3.72 34.61 36.59
CA GLY D 363 -3.40 33.43 37.36
C GLY D 363 -2.13 33.59 38.18
N GLY D 364 -1.31 32.55 38.18
CA GLY D 364 -0.02 32.59 38.82
C GLY D 364 0.03 32.09 40.24
N ASP D 365 -1.05 31.52 40.77
CA ASP D 365 -1.07 31.04 42.14
C ASP D 365 -2.00 29.84 42.23
N VAL D 366 -1.98 29.18 43.39
CA VAL D 366 -2.96 28.15 43.69
C VAL D 366 -4.33 28.78 43.87
N LEU D 367 -5.37 27.99 43.65
CA LEU D 367 -6.71 28.45 43.97
C LEU D 367 -6.97 28.22 45.46
N LYS D 368 -7.67 29.15 46.08
CA LYS D 368 -7.91 29.10 47.51
C LYS D 368 -9.39 29.31 47.80
N GLY D 369 -9.79 28.83 48.96
CA GLY D 369 -11.16 28.92 49.44
C GLY D 369 -11.78 27.54 49.61
N GLU D 370 -12.98 27.56 50.20
CA GLU D 370 -13.69 26.31 50.40
C GLU D 370 -13.86 25.61 49.06
N GLY D 371 -13.56 24.31 49.03
CA GLY D 371 -13.63 23.51 47.82
C GLY D 371 -12.37 23.48 47.00
N PHE D 372 -11.37 24.29 47.35
CA PHE D 372 -10.08 24.29 46.66
C PHE D 372 -8.90 24.06 47.59
N ASP D 373 -9.03 24.42 48.87
CA ASP D 373 -7.89 24.36 49.78
C ASP D 373 -7.33 22.95 49.91
N ASN D 374 -8.16 21.94 49.70
CA ASN D 374 -7.73 20.55 49.87
C ASN D 374 -7.33 19.86 48.57
N GLY D 375 -7.35 20.56 47.45
CA GLY D 375 -7.01 19.99 46.16
C GLY D 375 -5.78 20.61 45.55
N ALA D 376 -5.22 19.93 44.55
CA ALA D 376 -3.97 20.33 43.93
C ALA D 376 -4.22 21.32 42.80
N TRP D 377 -4.88 22.42 43.12
CA TRP D 377 -5.32 23.39 42.12
C TRP D 377 -4.24 24.43 41.82
N VAL D 378 -4.05 24.71 40.53
CA VAL D 378 -3.28 25.85 40.05
C VAL D 378 -4.19 26.66 39.13
N ALA D 379 -4.21 27.98 39.34
CA ALA D 379 -5.06 28.82 38.52
C ALA D 379 -4.60 28.78 37.07
N PRO D 380 -5.53 28.87 36.12
CA PRO D 380 -5.13 29.07 34.72
C PRO D 380 -4.26 30.30 34.59
N THR D 381 -3.07 30.12 34.02
CA THR D 381 -2.01 31.11 34.08
C THR D 381 -1.52 31.49 32.69
N VAL D 382 -1.40 32.80 32.45
CA VAL D 382 -0.91 33.34 31.19
C VAL D 382 0.22 34.32 31.45
N PHE D 383 1.37 34.10 30.80
CA PHE D 383 2.47 35.06 30.76
C PHE D 383 2.52 35.70 29.38
N THR D 384 2.93 36.97 29.33
CA THR D 384 3.18 37.62 28.05
C THR D 384 4.49 38.41 28.14
N ASP D 385 4.86 39.05 27.04
CA ASP D 385 6.18 39.67 26.91
C ASP D 385 7.27 38.61 27.11
N CYS D 386 7.01 37.41 26.64
CA CYS D 386 7.99 36.35 26.83
C CYS D 386 9.06 36.43 25.76
N THR D 387 10.22 35.90 26.09
CA THR D 387 11.35 35.81 25.18
C THR D 387 11.89 34.38 25.16
N ASP D 388 12.61 34.06 24.08
CA ASP D 388 12.91 32.67 23.77
C ASP D 388 13.88 32.04 24.76
N ASP D 389 14.60 32.85 25.54
CA ASP D 389 15.56 32.36 26.52
C ASP D 389 14.96 32.13 27.91
N MET D 390 13.68 32.42 28.11
CA MET D 390 13.07 32.20 29.41
C MET D 390 12.84 30.71 29.65
N THR D 391 12.95 30.31 30.92
CA THR D 391 12.74 28.91 31.27
C THR D 391 11.34 28.46 30.89
N ILE D 392 10.32 29.29 31.16
CA ILE D 392 8.95 28.91 30.85
C ILE D 392 8.72 28.78 29.36
N VAL D 393 9.55 29.41 28.52
CA VAL D 393 9.41 29.25 27.08
C VAL D 393 10.16 28.03 26.57
N ARG D 394 11.27 27.65 27.21
CA ARG D 394 12.11 26.57 26.73
C ARG D 394 11.68 25.20 27.21
N GLU D 395 11.12 25.09 28.42
CA GLU D 395 10.91 23.80 29.07
C GLU D 395 9.42 23.51 29.17
N GLU D 396 9.08 22.23 29.02
CA GLU D 396 7.71 21.77 29.18
C GLU D 396 7.30 21.85 30.64
N ILE D 397 6.16 22.49 30.89
CA ILE D 397 5.65 22.68 32.24
C ILE D 397 4.59 21.64 32.58
N PHE D 398 3.77 21.28 31.60
CA PHE D 398 2.70 20.30 31.80
C PHE D 398 1.73 20.77 32.89
N GLY D 399 1.47 22.06 32.90
CA GLY D 399 0.41 22.64 33.69
C GLY D 399 -0.22 23.76 32.90
N PRO D 400 -1.19 24.44 33.48
CA PRO D 400 -1.97 25.44 32.71
C PRO D 400 -1.24 26.77 32.66
N VAL D 401 -0.19 26.82 31.84
CA VAL D 401 0.71 27.98 31.73
C VAL D 401 0.94 28.29 30.26
N MET D 402 0.29 29.33 29.76
CA MET D 402 0.44 29.77 28.39
C MET D 402 1.52 30.86 28.32
N SER D 403 2.42 30.76 27.32
CA SER D 403 3.42 31.79 27.05
C SER D 403 3.10 32.48 25.73
N ILE D 404 2.84 33.78 25.79
CA ILE D 404 2.50 34.57 24.60
C ILE D 404 3.76 35.32 24.19
N LEU D 405 4.16 35.16 22.93
CA LEU D 405 5.38 35.75 22.40
C LEU D 405 5.02 36.60 21.19
N SER D 406 5.48 37.85 21.18
CA SER D 406 5.31 38.73 20.05
C SER D 406 6.25 38.36 18.90
N TYR D 407 5.78 38.51 17.67
CA TYR D 407 6.67 38.37 16.52
C TYR D 407 6.26 39.37 15.46
N ASP D 408 7.21 39.65 14.56
CA ASP D 408 7.07 40.66 13.52
C ASP D 408 6.92 40.08 12.12
N ASP D 409 7.61 38.98 11.81
CA ASP D 409 7.68 38.51 10.43
C ASP D 409 7.55 36.99 10.40
N GLU D 410 7.09 36.49 9.24
CA GLU D 410 6.76 35.08 9.11
C GLU D 410 8.02 34.21 9.16
N ALA D 411 9.08 34.63 8.47
CA ALA D 411 10.32 33.85 8.52
C ALA D 411 10.85 33.81 9.94
N GLU D 412 10.72 34.92 10.67
CA GLU D 412 11.15 34.96 12.07
C GLU D 412 10.41 33.92 12.88
N VAL D 413 9.08 33.86 12.73
CA VAL D 413 8.32 32.99 13.62
C VAL D 413 8.59 31.52 13.30
N ILE D 414 8.86 31.20 12.03
CA ILE D 414 9.22 29.83 11.68
C ILE D 414 10.53 29.45 12.35
N ARG D 415 11.57 30.29 12.22
CA ARG D 415 12.83 30.04 12.93
C ARG D 415 12.59 29.78 14.40
N ARG D 416 11.80 30.65 15.05
CA ARG D 416 11.63 30.58 16.49
C ARG D 416 10.76 29.39 16.87
N ALA D 417 9.74 29.11 16.07
CA ALA D 417 8.93 27.94 16.34
C ALA D 417 9.76 26.67 16.30
N ASN D 418 10.70 26.60 15.35
CA ASN D 418 11.54 25.42 15.18
C ASN D 418 12.75 25.39 16.09
N ALA D 419 13.09 26.49 16.76
CA ALA D 419 14.30 26.56 17.56
C ALA D 419 14.03 25.97 18.94
N THR D 420 13.88 24.65 18.95
CA THR D 420 13.60 23.88 20.16
C THR D 420 14.06 22.46 19.91
N GLU D 421 14.47 21.78 20.98
CA GLU D 421 14.80 20.37 20.89
C GLU D 421 13.55 19.50 20.77
N TYR D 422 12.37 20.04 21.08
CA TYR D 422 11.11 19.32 20.98
C TYR D 422 10.57 19.40 19.57
N GLY D 423 9.65 18.49 19.26
CA GLY D 423 9.06 18.42 17.95
C GLY D 423 7.69 17.77 17.90
N LEU D 424 6.85 17.87 18.92
CA LEU D 424 5.65 17.04 18.95
C LEU D 424 4.56 17.59 18.05
N ALA D 425 4.07 18.80 18.33
CA ALA D 425 2.94 19.34 17.59
C ALA D 425 3.21 20.79 17.18
N ALA D 426 2.31 21.32 16.36
CA ALA D 426 2.36 22.72 15.93
C ALA D 426 1.04 23.05 15.28
N GLY D 427 0.77 24.35 15.14
CA GLY D 427 -0.42 24.75 14.43
C GLY D 427 -0.30 26.16 13.90
N VAL D 428 -1.17 26.47 12.93
CA VAL D 428 -1.25 27.81 12.37
C VAL D 428 -2.71 28.21 12.24
N VAL D 429 -2.99 29.50 12.47
CA VAL D 429 -4.31 30.07 12.33
C VAL D 429 -4.21 31.08 11.20
N THR D 430 -4.85 30.80 10.08
CA THR D 430 -4.84 31.69 8.94
C THR D 430 -5.89 31.23 7.93
N PRO D 431 -6.62 32.16 7.31
CA PRO D 431 -7.57 31.79 6.25
C PRO D 431 -6.95 31.64 4.87
N ASP D 432 -5.66 31.92 4.73
CA ASP D 432 -4.99 31.96 3.43
C ASP D 432 -4.49 30.58 3.03
N LEU D 433 -4.82 30.15 1.81
CA LEU D 433 -4.43 28.83 1.33
C LEU D 433 -2.92 28.66 1.35
N ASN D 434 -2.20 29.57 0.71
CA ASN D 434 -0.77 29.39 0.57
C ASN D 434 -0.08 29.49 1.92
N ARG D 435 -0.50 30.45 2.75
CA ARG D 435 0.14 30.62 4.04
C ARG D 435 -0.01 29.37 4.90
N ALA D 436 -1.20 28.77 4.91
CA ALA D 436 -1.44 27.62 5.79
C ALA D 436 -0.53 26.46 5.43
N HIS D 437 -0.54 26.05 4.15
CA HIS D 437 0.28 24.90 3.78
C HIS D 437 1.76 25.25 3.80
N ARG D 438 2.10 26.46 3.35
CA ARG D 438 3.50 26.86 3.27
C ARG D 438 4.15 26.86 4.65
N ILE D 439 3.46 27.42 5.65
CA ILE D 439 4.05 27.46 6.98
C ILE D 439 4.11 26.05 7.56
N ILE D 440 3.02 25.30 7.47
CA ILE D 440 3.01 23.98 8.09
C ILE D 440 4.12 23.11 7.52
N HIS D 441 4.36 23.20 6.21
CA HIS D 441 5.38 22.33 5.64
C HIS D 441 6.77 22.61 6.18
N GLN D 442 7.03 23.82 6.72
CA GLN D 442 8.33 24.19 7.25
C GLN D 442 8.50 23.92 8.73
N LEU D 443 7.45 23.56 9.44
CA LEU D 443 7.56 23.34 10.88
C LEU D 443 8.03 21.92 11.17
N GLU D 444 8.94 21.81 12.14
CA GLU D 444 9.55 20.54 12.49
C GLU D 444 8.76 19.90 13.63
N ALA D 445 7.58 19.38 13.28
CA ALA D 445 6.71 18.75 14.27
C ALA D 445 5.92 17.65 13.58
N GLY D 446 5.55 16.61 14.35
CA GLY D 446 4.87 15.47 13.76
C GLY D 446 3.36 15.57 13.62
N ILE D 447 2.75 16.50 14.35
CA ILE D 447 1.30 16.67 14.46
C ILE D 447 1.01 18.14 14.24
N CYS D 448 0.35 18.47 13.13
CA CYS D 448 0.14 19.86 12.73
C CYS D 448 -1.33 20.12 12.50
N TRP D 449 -1.83 21.21 13.09
CA TRP D 449 -3.23 21.58 13.02
C TRP D 449 -3.36 22.93 12.34
N ILE D 450 -4.27 23.01 11.38
CA ILE D 450 -4.57 24.25 10.70
C ILE D 450 -5.96 24.71 11.12
N ASN D 451 -6.02 25.87 11.78
CA ASN D 451 -7.28 26.46 12.24
C ASN D 451 -8.05 25.54 13.18
N SER D 452 -7.30 24.84 14.03
CA SER D 452 -7.87 23.96 15.04
CA SER D 452 -7.88 23.96 15.04
C SER D 452 -6.76 23.57 15.99
N TRP D 453 -7.11 22.77 16.99
CA TRP D 453 -6.12 22.17 17.86
C TRP D 453 -6.73 20.94 18.51
N GLY D 454 -5.92 19.90 18.66
CA GLY D 454 -6.18 18.83 19.60
C GLY D 454 -6.85 17.59 19.05
N GLU D 455 -7.51 17.67 17.90
CA GLU D 455 -8.18 16.48 17.38
C GLU D 455 -7.15 15.46 16.91
N SER D 456 -7.33 14.21 17.33
CA SER D 456 -6.37 13.14 17.09
C SER D 456 -7.12 11.92 16.57
N PRO D 457 -7.54 11.93 15.31
CA PRO D 457 -8.31 10.79 14.77
C PRO D 457 -7.56 9.47 14.83
N ALA D 458 -8.31 8.38 15.02
CA ALA D 458 -7.65 7.07 15.04
C ALA D 458 -6.85 6.82 13.77
N GLU D 459 -7.28 7.38 12.64
CA GLU D 459 -6.63 7.18 11.35
C GLU D 459 -5.30 7.93 11.23
N MET D 460 -5.05 8.91 12.09
CA MET D 460 -3.95 9.84 11.92
C MET D 460 -2.73 9.44 12.74
N PRO D 461 -1.59 9.08 12.13
CA PRO D 461 -0.39 8.80 12.93
C PRO D 461 0.04 10.03 13.70
N VAL D 462 0.42 9.83 14.97
CA VAL D 462 0.86 10.92 15.83
C VAL D 462 2.11 10.51 16.60
N GLY D 463 3.06 11.43 16.65
CA GLY D 463 4.31 11.23 17.37
C GLY D 463 5.20 12.42 17.08
N GLY D 464 6.37 12.40 17.71
CA GLY D 464 7.23 13.57 17.72
C GLY D 464 8.44 13.51 16.80
N TYR D 465 8.83 14.69 16.32
CA TYR D 465 10.17 14.90 15.79
C TYR D 465 11.16 15.13 16.94
N LYS D 466 12.44 15.01 16.62
CA LYS D 466 13.56 15.43 17.49
C LYS D 466 13.40 14.77 18.87
N HIS D 467 13.48 15.50 19.98
CA HIS D 467 13.47 14.87 21.30
C HIS D 467 12.08 14.54 21.79
N SER D 468 11.05 14.73 20.97
CA SER D 468 9.70 14.46 21.42
C SER D 468 9.28 13.03 21.19
N GLY D 469 10.07 12.21 20.52
CA GLY D 469 9.72 10.81 20.54
C GLY D 469 10.44 9.98 19.51
N ILE D 470 10.08 8.71 19.53
CA ILE D 470 10.51 7.70 18.56
CA ILE D 470 10.51 7.69 18.57
C ILE D 470 9.27 6.91 18.13
N GLY D 471 9.07 6.82 16.82
CA GLY D 471 7.93 6.06 16.32
C GLY D 471 6.64 6.87 16.39
N ARG D 472 5.54 6.17 16.17
CA ARG D 472 4.23 6.80 16.05
C ARG D 472 3.20 5.94 16.75
N GLU D 473 2.06 6.55 17.03
CA GLU D 473 0.87 5.87 17.49
C GLU D 473 -0.29 6.21 16.55
N ASN D 474 -1.28 5.31 16.51
CA ASN D 474 -2.46 5.43 15.68
C ASN D 474 -2.13 5.32 14.19
N GLY D 475 -3.16 5.22 13.36
CA GLY D 475 -2.98 5.01 11.94
C GLY D 475 -2.64 3.56 11.59
N VAL D 476 -2.76 3.24 10.29
CA VAL D 476 -2.44 1.89 9.82
CA VAL D 476 -2.45 1.87 9.88
C VAL D 476 -1.00 1.53 10.17
N MET D 477 -0.09 2.50 10.04
CA MET D 477 1.34 2.21 10.23
C MET D 477 1.63 1.67 11.62
N THR D 478 0.86 2.07 12.62
CA THR D 478 1.14 1.58 13.97
C THR D 478 0.72 0.14 14.16
N LEU D 479 -0.32 -0.32 13.45
CA LEU D 479 -0.60 -1.75 13.45
C LEU D 479 0.59 -2.53 12.91
N GLN D 480 1.15 -2.08 11.80
CA GLN D 480 2.32 -2.75 11.23
C GLN D 480 3.53 -2.68 12.15
N SER D 481 3.67 -1.60 12.90
CA SER D 481 4.82 -1.44 13.76
C SER D 481 4.81 -2.42 14.93
N TYR D 482 3.67 -3.06 15.20
CA TYR D 482 3.59 -4.13 16.19
C TYR D 482 3.70 -5.51 15.56
N THR D 483 4.11 -5.60 14.30
CA THR D 483 4.52 -6.85 13.70
C THR D 483 6.00 -6.77 13.32
N GLN D 484 6.58 -7.93 13.06
CA GLN D 484 7.93 -8.02 12.51
C GLN D 484 7.84 -8.79 11.22
N VAL D 485 8.63 -8.38 10.25
CA VAL D 485 8.60 -8.98 8.92
C VAL D 485 9.49 -10.21 8.89
N LYS D 486 8.94 -11.29 8.39
CA LYS D 486 9.71 -12.48 8.02
C LYS D 486 9.69 -12.59 6.52
N SER D 487 10.86 -12.54 5.90
CA SER D 487 11.01 -12.75 4.47
C SER D 487 11.38 -14.20 4.21
N ILE D 488 10.68 -14.83 3.27
CA ILE D 488 10.81 -16.24 2.95
C ILE D 488 11.06 -16.40 1.46
N GLN D 489 12.21 -16.96 1.09
CA GLN D 489 12.53 -17.22 -0.31
C GLN D 489 12.28 -18.68 -0.63
N VAL D 490 11.49 -18.93 -1.68
CA VAL D 490 11.27 -20.26 -2.21
C VAL D 490 12.12 -20.40 -3.46
N GLU D 491 13.11 -21.27 -3.41
CA GLU D 491 13.99 -21.53 -4.54
C GLU D 491 13.57 -22.85 -5.17
N MET D 492 12.95 -22.78 -6.34
CA MET D 492 12.50 -23.97 -7.06
C MET D 492 13.52 -24.45 -8.08
N GLY D 493 14.53 -23.64 -8.38
CA GLY D 493 15.57 -24.02 -9.30
C GLY D 493 16.67 -24.76 -8.57
N PRO D 494 17.64 -25.27 -9.31
CA PRO D 494 18.73 -26.03 -8.69
C PRO D 494 19.73 -25.10 -8.02
N PHE D 495 20.04 -25.37 -6.76
CA PHE D 495 20.96 -24.54 -6.01
C PHE D 495 22.39 -24.82 -6.45
N GLN D 496 23.16 -23.76 -6.67
CA GLN D 496 24.56 -23.87 -7.10
C GLN D 496 25.47 -23.52 -5.93
N SER D 497 26.33 -24.44 -5.54
CA SER D 497 27.39 -24.17 -4.60
C SER D 497 28.69 -23.97 -5.36
N ILE D 498 29.50 -23.01 -4.91
CA ILE D 498 30.79 -22.79 -5.54
C ILE D 498 31.88 -23.65 -4.91
N PHE D 499 31.54 -24.46 -3.92
CA PHE D 499 32.52 -25.38 -3.33
C PHE D 499 32.37 -26.78 -3.92
#